data_8J81
# 
_entry.id   8J81 
# 
_audit_conform.dict_name       mmcif_pdbx.dic 
_audit_conform.dict_version    5.398 
_audit_conform.dict_location   http://mmcif.pdb.org/dictionaries/ascii/mmcif_pdbx.dic 
# 
loop_
_database_2.database_id 
_database_2.database_code 
_database_2.pdbx_database_accession 
_database_2.pdbx_DOI 
PDB   8J81         pdb_00008j81 10.2210/pdb8j81/pdb 
WWPDB D_1300037122 ?            ?                   
# 
loop_
_pdbx_audit_revision_history.ordinal 
_pdbx_audit_revision_history.data_content_type 
_pdbx_audit_revision_history.major_revision 
_pdbx_audit_revision_history.minor_revision 
_pdbx_audit_revision_history.revision_date 
1 'Structure model' 1 0 2024-05-01 
2 'Structure model' 1 1 2024-11-27 
# 
_pdbx_audit_revision_details.ordinal             1 
_pdbx_audit_revision_details.revision_ordinal    1 
_pdbx_audit_revision_details.data_content_type   'Structure model' 
_pdbx_audit_revision_details.provider            repository 
_pdbx_audit_revision_details.type                'Initial release' 
_pdbx_audit_revision_details.description         ? 
_pdbx_audit_revision_details.details             ? 
# 
loop_
_pdbx_audit_revision_group.ordinal 
_pdbx_audit_revision_group.revision_ordinal 
_pdbx_audit_revision_group.data_content_type 
_pdbx_audit_revision_group.group 
1 2 'Structure model' 'Database references' 
2 2 'Structure model' 'Structure summary'   
# 
loop_
_pdbx_audit_revision_category.ordinal 
_pdbx_audit_revision_category.revision_ordinal 
_pdbx_audit_revision_category.data_content_type 
_pdbx_audit_revision_category.category 
1 2 'Structure model' citation           
2 2 'Structure model' citation_author    
3 2 'Structure model' pdbx_entry_details 
# 
loop_
_pdbx_audit_revision_item.ordinal 
_pdbx_audit_revision_item.revision_ordinal 
_pdbx_audit_revision_item.data_content_type 
_pdbx_audit_revision_item.item 
1  2 'Structure model' '_citation.country'                            
2  2 'Structure model' '_citation.journal_abbrev'                     
3  2 'Structure model' '_citation.journal_id_CSD'                     
4  2 'Structure model' '_citation.journal_id_ISSN'                    
5  2 'Structure model' '_citation.journal_volume'                     
6  2 'Structure model' '_citation.page_first'                         
7  2 'Structure model' '_citation.page_last'                          
8  2 'Structure model' '_citation.pdbx_database_id_DOI'               
9  2 'Structure model' '_citation.pdbx_database_id_PubMed'            
10 2 'Structure model' '_citation.title'                              
11 2 'Structure model' '_citation.year'                               
12 2 'Structure model' '_pdbx_entry_details.has_protein_modification' 
# 
_pdbx_database_status.status_code                     REL 
_pdbx_database_status.status_code_sf                  REL 
_pdbx_database_status.status_code_mr                  ? 
_pdbx_database_status.entry_id                        8J81 
_pdbx_database_status.recvd_initial_deposition_date   2023-04-28 
_pdbx_database_status.SG_entry                        N 
_pdbx_database_status.deposit_site                    PDBJ 
_pdbx_database_status.process_site                    PDBJ 
_pdbx_database_status.status_code_cs                  ? 
_pdbx_database_status.status_code_nmr_data            ? 
_pdbx_database_status.methods_development_category    ? 
_pdbx_database_status.pdb_format_compatible           Y 
# 
loop_
_pdbx_contact_author.id 
_pdbx_contact_author.email 
_pdbx_contact_author.name_first 
_pdbx_contact_author.name_last 
_pdbx_contact_author.name_mi 
_pdbx_contact_author.role 
_pdbx_contact_author.identifier_ORCID 
3 jmorimoto@chembio.t.u-tokyo.ac.jp Jumpei   Morimoto ? 'principal investigator/group leader' 0000-0002-8393-9616 
4 ssando@chembio.t.u-tokyo.ac.jp    Shinsuke Sando    ? 'principal investigator/group leader' 0000-0003-0275-7237 
5 yamamoto@riken.jp                 Masaki   Yamamoto ? 'principal investigator/group leader' 0000-0002-1311-1768 
# 
loop_
_audit_author.name 
_audit_author.pdbx_ordinal 
_audit_author.identifier_ORCID 
'Yokomine, M.'   1  0000-0003-4128-9077 
'Fukuda, Y.'     2  0000-0001-8127-4385 
'Ago, H.'        3  0000-0002-9040-488X 
'Matsuura, H.'   4  0000-0002-8778-7955 
'Ueno, G.'       5  0000-0003-0648-3632 
'Nagatoishi, S.' 6  0000-0002-0794-3963 
'Yamamoto, M.'   7  0000-0002-1311-1768 
'Tsumoto, K.'    8  0000-0001-7643-5164 
'Jumpei, M.'     9  0000-0002-8393-9616 
'Sando, S.'      10 0000-0003-0275-7237 
# 
_citation.abstract                  ? 
_citation.abstract_id_CAS           ? 
_citation.book_id_ISBN              ? 
_citation.book_publisher            ? 
_citation.book_publisher_city       ? 
_citation.book_title                ? 
_citation.coordinate_linkage        ? 
_citation.country                   UK 
_citation.database_id_Medline       ? 
_citation.details                   ? 
_citation.id                        primary 
_citation.journal_abbrev            'Chem Sci' 
_citation.journal_id_ASTM           ? 
_citation.journal_id_CSD            ? 
_citation.journal_id_ISSN           2041-6520 
_citation.journal_full              ? 
_citation.journal_issue             ? 
_citation.journal_volume            15 
_citation.language                  ? 
_citation.page_first                7051 
_citation.page_last                 7060 
_citation.title                     
'A high-resolution structural characterization and physicochemical study of how a peptoid binds to an oncoprotein MDM2.' 
_citation.year                      2024 
_citation.database_id_CSD           ? 
_citation.pdbx_database_id_DOI      10.1039/d4sc01540a 
_citation.pdbx_database_id_PubMed   38756815 
_citation.pdbx_database_id_patent   ? 
_citation.unpublished_flag          ? 
# 
loop_
_citation_author.citation_id 
_citation_author.name 
_citation_author.ordinal 
_citation_author.identifier_ORCID 
primary 'Yokomine, M.'   1  0000-0003-4128-9077 
primary 'Morimoto, J.'   2  0000-0002-8393-9616 
primary 'Fukuda, Y.'     3  0000-0001-8127-4385 
primary 'Ueda, T.'       4  0000-0001-9677-0912 
primary 'Takeuchi, K.'   5  0000-0002-6227-4627 
primary 'Umezawa, K.'    6  ?                   
primary 'Ago, H.'        7  ?                   
primary 'Matsuura, H.'   8  ?                   
primary 'Ueno, G.'       9  ?                   
primary 'Senoo, A.'      10 ?                   
primary 'Nagatoishi, S.' 11 0000-0002-0794-3963 
primary 'Tsumoto, K.'    12 0000-0001-7643-5164 
primary 'Sando, S.'      13 0000-0003-0275-7237 
# 
loop_
_entity.id 
_entity.type 
_entity.src_method 
_entity.pdbx_description 
_entity.formula_weight 
_entity.pdbx_number_of_molecules 
_entity.pdbx_ec 
_entity.pdbx_mutation 
_entity.pdbx_fragment 
_entity.details 
1 polymer     man 'E3 ubiquitin-protein ligase Mdm2' 11510.455 1  2.3.2.27 ? ? ? 
2 non-polymer syn 
;(2S)-2-[[(2S)-2-[(6-chloranyl-1H-indol-3-yl)methyl-[(2S)-2-[[(2S)-2-[ethanoyl-(phenylmethyl)amino]propanoyl]-methyl-amino]propanoyl]amino]propanoyl]-methyl-amino]-N-(3,3-dimethylbutyl)-N-[(2S)-1-oxidanylidene-1-piperazin-1-yl-propan-2-yl]propanamide
;
849.501   1  ?        ? ? ? 
3 non-polymer syn 'CHLORIDE ION' 35.453    7  ?        ? ? ? 
4 water       nat water 18.015    82 ?        ? ? ? 
# 
_entity_name_com.entity_id   1 
_entity_name_com.name        
'Double minute 2 protein,Hdm2,Oncoprotein Mdm2,RING-type E3 ubiquitin transferase Mdm2,p53-binding protein Mdm2' 
# 
_entity_poly.entity_id                      1 
_entity_poly.type                           'polypeptide(L)' 
_entity_poly.nstd_linkage                   no 
_entity_poly.nstd_monomer                   no 
_entity_poly.pdbx_seq_one_letter_code       
;GPLGSSQIPASEQETLVRPKPLLLKLLKSVGAQKDTYTMKEVLFYLGQYIMTKRLYDEKQQHIVYCSNDLLGDLFGVPSF
SVKEHRKIYTMIYRNLVVVN
;
_entity_poly.pdbx_seq_one_letter_code_can   
;GPLGSSQIPASEQETLVRPKPLLLKLLKSVGAQKDTYTMKEVLFYLGQYIMTKRLYDEKQQHIVYCSNDLLGDLFGVPSF
SVKEHRKIYTMIYRNLVVVN
;
_entity_poly.pdbx_strand_id                 A 
_entity_poly.pdbx_target_identifier         ? 
# 
loop_
_pdbx_entity_nonpoly.entity_id 
_pdbx_entity_nonpoly.name 
_pdbx_entity_nonpoly.comp_id 
2 
;(2S)-2-[[(2S)-2-[(6-chloranyl-1H-indol-3-yl)methyl-[(2S)-2-[[(2S)-2-[ethanoyl-(phenylmethyl)amino]propanoyl]-methyl-amino]propanoyl]amino]propanoyl]-methyl-amino]-N-(3,3-dimethylbutyl)-N-[(2S)-1-oxidanylidene-1-piperazin-1-yl-propan-2-yl]propanamide
;
UAC 
3 'CHLORIDE ION' CL  
4 water HOH 
# 
loop_
_entity_poly_seq.entity_id 
_entity_poly_seq.num 
_entity_poly_seq.mon_id 
_entity_poly_seq.hetero 
1 1   GLY n 
1 2   PRO n 
1 3   LEU n 
1 4   GLY n 
1 5   SER n 
1 6   SER n 
1 7   GLN n 
1 8   ILE n 
1 9   PRO n 
1 10  ALA n 
1 11  SER n 
1 12  GLU n 
1 13  GLN n 
1 14  GLU n 
1 15  THR n 
1 16  LEU n 
1 17  VAL n 
1 18  ARG n 
1 19  PRO n 
1 20  LYS n 
1 21  PRO n 
1 22  LEU n 
1 23  LEU n 
1 24  LEU n 
1 25  LYS n 
1 26  LEU n 
1 27  LEU n 
1 28  LYS n 
1 29  SER n 
1 30  VAL n 
1 31  GLY n 
1 32  ALA n 
1 33  GLN n 
1 34  LYS n 
1 35  ASP n 
1 36  THR n 
1 37  TYR n 
1 38  THR n 
1 39  MET n 
1 40  LYS n 
1 41  GLU n 
1 42  VAL n 
1 43  LEU n 
1 44  PHE n 
1 45  TYR n 
1 46  LEU n 
1 47  GLY n 
1 48  GLN n 
1 49  TYR n 
1 50  ILE n 
1 51  MET n 
1 52  THR n 
1 53  LYS n 
1 54  ARG n 
1 55  LEU n 
1 56  TYR n 
1 57  ASP n 
1 58  GLU n 
1 59  LYS n 
1 60  GLN n 
1 61  GLN n 
1 62  HIS n 
1 63  ILE n 
1 64  VAL n 
1 65  TYR n 
1 66  CYS n 
1 67  SER n 
1 68  ASN n 
1 69  ASP n 
1 70  LEU n 
1 71  LEU n 
1 72  GLY n 
1 73  ASP n 
1 74  LEU n 
1 75  PHE n 
1 76  GLY n 
1 77  VAL n 
1 78  PRO n 
1 79  SER n 
1 80  PHE n 
1 81  SER n 
1 82  VAL n 
1 83  LYS n 
1 84  GLU n 
1 85  HIS n 
1 86  ARG n 
1 87  LYS n 
1 88  ILE n 
1 89  TYR n 
1 90  THR n 
1 91  MET n 
1 92  ILE n 
1 93  TYR n 
1 94  ARG n 
1 95  ASN n 
1 96  LEU n 
1 97  VAL n 
1 98  VAL n 
1 99  VAL n 
1 100 ASN n 
# 
_entity_src_gen.entity_id                          1 
_entity_src_gen.pdbx_src_id                        1 
_entity_src_gen.pdbx_alt_source_flag               sample 
_entity_src_gen.pdbx_seq_type                      'Biological sequence' 
_entity_src_gen.pdbx_beg_seq_num                   1 
_entity_src_gen.pdbx_end_seq_num                   100 
_entity_src_gen.gene_src_common_name               human 
_entity_src_gen.gene_src_genus                     ? 
_entity_src_gen.pdbx_gene_src_gene                 MDM2 
_entity_src_gen.gene_src_species                   ? 
_entity_src_gen.gene_src_strain                    ? 
_entity_src_gen.gene_src_tissue                    ? 
_entity_src_gen.gene_src_tissue_fraction           ? 
_entity_src_gen.gene_src_details                   ? 
_entity_src_gen.pdbx_gene_src_fragment             ? 
_entity_src_gen.pdbx_gene_src_scientific_name      'Homo sapiens' 
_entity_src_gen.pdbx_gene_src_ncbi_taxonomy_id     9606 
_entity_src_gen.pdbx_gene_src_variant              ? 
_entity_src_gen.pdbx_gene_src_cell_line            ? 
_entity_src_gen.pdbx_gene_src_atcc                 ? 
_entity_src_gen.pdbx_gene_src_organ                ? 
_entity_src_gen.pdbx_gene_src_organelle            ? 
_entity_src_gen.pdbx_gene_src_cell                 ? 
_entity_src_gen.pdbx_gene_src_cellular_location    ? 
_entity_src_gen.host_org_common_name               ? 
_entity_src_gen.pdbx_host_org_scientific_name      'Escherichia coli' 
_entity_src_gen.pdbx_host_org_ncbi_taxonomy_id     562 
_entity_src_gen.host_org_genus                     ? 
_entity_src_gen.pdbx_host_org_gene                 ? 
_entity_src_gen.pdbx_host_org_organ                ? 
_entity_src_gen.host_org_species                   ? 
_entity_src_gen.pdbx_host_org_tissue               ? 
_entity_src_gen.pdbx_host_org_tissue_fraction      ? 
_entity_src_gen.pdbx_host_org_strain               ? 
_entity_src_gen.pdbx_host_org_variant              ? 
_entity_src_gen.pdbx_host_org_cell_line            ? 
_entity_src_gen.pdbx_host_org_atcc                 ? 
_entity_src_gen.pdbx_host_org_culture_collection   ? 
_entity_src_gen.pdbx_host_org_cell                 ? 
_entity_src_gen.pdbx_host_org_organelle            ? 
_entity_src_gen.pdbx_host_org_cellular_location    ? 
_entity_src_gen.pdbx_host_org_vector_type          ? 
_entity_src_gen.pdbx_host_org_vector               ? 
_entity_src_gen.host_org_details                   ? 
_entity_src_gen.expression_system_id               ? 
_entity_src_gen.plasmid_name                       ? 
_entity_src_gen.plasmid_details                    ? 
_entity_src_gen.pdbx_description                   ? 
# 
loop_
_chem_comp.id 
_chem_comp.type 
_chem_comp.mon_nstd_flag 
_chem_comp.name 
_chem_comp.pdbx_synonyms 
_chem_comp.formula 
_chem_comp.formula_weight 
ALA 'L-peptide linking' y ALANINE ? 'C3 H7 N O2'       89.093  
ARG 'L-peptide linking' y ARGININE ? 'C6 H15 N4 O2 1'   175.209 
ASN 'L-peptide linking' y ASPARAGINE ? 'C4 H8 N2 O3'      132.118 
ASP 'L-peptide linking' y 'ASPARTIC ACID' ? 'C4 H7 N O4'       133.103 
CL  non-polymer         . 'CHLORIDE ION' ? 'Cl -1'            35.453  
CYS 'L-peptide linking' y CYSTEINE ? 'C3 H7 N O2 S'     121.158 
GLN 'L-peptide linking' y GLUTAMINE ? 'C5 H10 N2 O3'     146.144 
GLU 'L-peptide linking' y 'GLUTAMIC ACID' ? 'C5 H9 N O4'       147.129 
GLY 'peptide linking'   y GLYCINE ? 'C2 H5 N O2'       75.067  
HIS 'L-peptide linking' y HISTIDINE ? 'C6 H10 N3 O2 1'   156.162 
HOH non-polymer         . WATER ? 'H2 O'             18.015  
ILE 'L-peptide linking' y ISOLEUCINE ? 'C6 H13 N O2'      131.173 
LEU 'L-peptide linking' y LEUCINE ? 'C6 H13 N O2'      131.173 
LYS 'L-peptide linking' y LYSINE ? 'C6 H15 N2 O2 1'   147.195 
MET 'L-peptide linking' y METHIONINE ? 'C5 H11 N O2 S'    149.211 
PHE 'L-peptide linking' y PHENYLALANINE ? 'C9 H11 N O2'      165.189 
PRO 'L-peptide linking' y PROLINE ? 'C5 H9 N O2'       115.130 
SER 'L-peptide linking' y SERINE ? 'C3 H7 N O3'       105.093 
THR 'L-peptide linking' y THREONINE ? 'C4 H9 N O3'       119.119 
TYR 'L-peptide linking' y TYROSINE ? 'C9 H11 N O3'      181.189 
UAC non-polymer         . 
;(2S)-2-[[(2S)-2-[(6-chloranyl-1H-indol-3-yl)methyl-[(2S)-2-[[(2S)-2-[ethanoyl-(phenylmethyl)amino]propanoyl]-methyl-amino]propanoyl]amino]propanoyl]-methyl-amino]-N-(3,3-dimethylbutyl)-N-[(2S)-1-oxidanylidene-1-piperazin-1-yl-propan-2-yl]propanamide
;
? 'C45 H65 Cl N8 O6' 849.501 
VAL 'L-peptide linking' y VALINE ? 'C5 H11 N O2'      117.146 
# 
loop_
_pdbx_poly_seq_scheme.asym_id 
_pdbx_poly_seq_scheme.entity_id 
_pdbx_poly_seq_scheme.seq_id 
_pdbx_poly_seq_scheme.mon_id 
_pdbx_poly_seq_scheme.ndb_seq_num 
_pdbx_poly_seq_scheme.pdb_seq_num 
_pdbx_poly_seq_scheme.auth_seq_num 
_pdbx_poly_seq_scheme.pdb_mon_id 
_pdbx_poly_seq_scheme.auth_mon_id 
_pdbx_poly_seq_scheme.pdb_strand_id 
_pdbx_poly_seq_scheme.pdb_ins_code 
_pdbx_poly_seq_scheme.hetero 
A 1 1   GLY 1   12  ?   ?   ?   A . n 
A 1 2   PRO 2   13  ?   ?   ?   A . n 
A 1 3   LEU 3   14  ?   ?   ?   A . n 
A 1 4   GLY 4   15  ?   ?   ?   A . n 
A 1 5   SER 5   16  ?   ?   ?   A . n 
A 1 6   SER 6   17  ?   ?   ?   A . n 
A 1 7   GLN 7   18  ?   ?   ?   A . n 
A 1 8   ILE 8   19  ?   ?   ?   A . n 
A 1 9   PRO 9   20  ?   ?   ?   A . n 
A 1 10  ALA 10  21  ?   ?   ?   A . n 
A 1 11  SER 11  22  ?   ?   ?   A . n 
A 1 12  GLU 12  23  ?   ?   ?   A . n 
A 1 13  GLN 13  24  ?   ?   ?   A . n 
A 1 14  GLU 14  25  25  GLU GLU A . n 
A 1 15  THR 15  26  26  THR THR A . n 
A 1 16  LEU 16  27  27  LEU LEU A . n 
A 1 17  VAL 17  28  28  VAL VAL A . n 
A 1 18  ARG 18  29  29  ARG ARG A . n 
A 1 19  PRO 19  30  30  PRO PRO A . n 
A 1 20  LYS 20  31  31  LYS LYS A . n 
A 1 21  PRO 21  32  32  PRO PRO A . n 
A 1 22  LEU 22  33  33  LEU LEU A . n 
A 1 23  LEU 23  34  34  LEU LEU A . n 
A 1 24  LEU 24  35  35  LEU LEU A . n 
A 1 25  LYS 25  36  36  LYS LYS A . n 
A 1 26  LEU 26  37  37  LEU LEU A . n 
A 1 27  LEU 27  38  38  LEU LEU A . n 
A 1 28  LYS 28  39  39  LYS LYS A . n 
A 1 29  SER 29  40  40  SER SER A . n 
A 1 30  VAL 30  41  41  VAL VAL A . n 
A 1 31  GLY 31  42  42  GLY GLY A . n 
A 1 32  ALA 32  43  43  ALA ALA A . n 
A 1 33  GLN 33  44  44  GLN GLN A . n 
A 1 34  LYS 34  45  45  LYS LYS A . n 
A 1 35  ASP 35  46  46  ASP ASP A . n 
A 1 36  THR 36  47  47  THR THR A . n 
A 1 37  TYR 37  48  48  TYR TYR A . n 
A 1 38  THR 38  49  49  THR THR A . n 
A 1 39  MET 39  50  50  MET MET A . n 
A 1 40  LYS 40  51  51  LYS LYS A . n 
A 1 41  GLU 41  52  52  GLU GLU A . n 
A 1 42  VAL 42  53  53  VAL VAL A . n 
A 1 43  LEU 43  54  54  LEU LEU A . n 
A 1 44  PHE 44  55  55  PHE PHE A . n 
A 1 45  TYR 45  56  56  TYR TYR A . n 
A 1 46  LEU 46  57  57  LEU LEU A . n 
A 1 47  GLY 47  58  58  GLY GLY A . n 
A 1 48  GLN 48  59  59  GLN GLN A . n 
A 1 49  TYR 49  60  60  TYR TYR A . n 
A 1 50  ILE 50  61  61  ILE ILE A . n 
A 1 51  MET 51  62  62  MET MET A . n 
A 1 52  THR 52  63  63  THR THR A . n 
A 1 53  LYS 53  64  64  LYS LYS A . n 
A 1 54  ARG 54  65  65  ARG ARG A . n 
A 1 55  LEU 55  66  66  LEU LEU A . n 
A 1 56  TYR 56  67  67  TYR TYR A . n 
A 1 57  ASP 57  68  68  ASP ASP A . n 
A 1 58  GLU 58  69  69  GLU GLU A . n 
A 1 59  LYS 59  70  70  LYS LYS A . n 
A 1 60  GLN 60  71  71  GLN GLN A . n 
A 1 61  GLN 61  72  72  GLN GLN A . n 
A 1 62  HIS 62  73  73  HIS HIS A . n 
A 1 63  ILE 63  74  74  ILE ILE A . n 
A 1 64  VAL 64  75  75  VAL VAL A . n 
A 1 65  TYR 65  76  76  TYR TYR A . n 
A 1 66  CYS 66  77  77  CYS CYS A . n 
A 1 67  SER 67  78  78  SER SER A . n 
A 1 68  ASN 68  79  79  ASN ASN A . n 
A 1 69  ASP 69  80  80  ASP ASP A . n 
A 1 70  LEU 70  81  81  LEU LEU A . n 
A 1 71  LEU 71  82  82  LEU LEU A . n 
A 1 72  GLY 72  83  83  GLY GLY A . n 
A 1 73  ASP 73  84  84  ASP ASP A . n 
A 1 74  LEU 74  85  85  LEU LEU A . n 
A 1 75  PHE 75  86  86  PHE PHE A . n 
A 1 76  GLY 76  87  87  GLY GLY A . n 
A 1 77  VAL 77  88  88  VAL VAL A . n 
A 1 78  PRO 78  89  89  PRO PRO A . n 
A 1 79  SER 79  90  90  SER SER A . n 
A 1 80  PHE 80  91  91  PHE PHE A . n 
A 1 81  SER 81  92  92  SER SER A . n 
A 1 82  VAL 82  93  93  VAL VAL A . n 
A 1 83  LYS 83  94  94  LYS LYS A . n 
A 1 84  GLU 84  95  95  GLU GLU A . n 
A 1 85  HIS 85  96  96  HIS HIS A . n 
A 1 86  ARG 86  97  97  ARG ARG A . n 
A 1 87  LYS 87  98  98  LYS LYS A . n 
A 1 88  ILE 88  99  99  ILE ILE A . n 
A 1 89  TYR 89  100 100 TYR TYR A . n 
A 1 90  THR 90  101 101 THR THR A . n 
A 1 91  MET 91  102 102 MET MET A . n 
A 1 92  ILE 92  103 103 ILE ILE A . n 
A 1 93  TYR 93  104 104 TYR TYR A . n 
A 1 94  ARG 94  105 105 ARG ARG A . n 
A 1 95  ASN 95  106 106 ASN ASN A . n 
A 1 96  LEU 96  107 107 LEU LEU A . n 
A 1 97  VAL 97  108 108 VAL VAL A . n 
A 1 98  VAL 98  109 109 VAL VAL A . n 
A 1 99  VAL 99  110 110 VAL VAL A . n 
A 1 100 ASN 100 111 111 ASN ASN A . n 
# 
_pdbx_entity_instance_feature.ordinal        1 
_pdbx_entity_instance_feature.comp_id        UAC 
_pdbx_entity_instance_feature.asym_id        ? 
_pdbx_entity_instance_feature.seq_num        ? 
_pdbx_entity_instance_feature.auth_comp_id   UAC 
_pdbx_entity_instance_feature.auth_asym_id   ? 
_pdbx_entity_instance_feature.auth_seq_num   ? 
_pdbx_entity_instance_feature.feature_type   'SUBJECT OF INVESTIGATION' 
_pdbx_entity_instance_feature.details        ? 
# 
loop_
_pdbx_nonpoly_scheme.asym_id 
_pdbx_nonpoly_scheme.entity_id 
_pdbx_nonpoly_scheme.mon_id 
_pdbx_nonpoly_scheme.ndb_seq_num 
_pdbx_nonpoly_scheme.pdb_seq_num 
_pdbx_nonpoly_scheme.auth_seq_num 
_pdbx_nonpoly_scheme.pdb_mon_id 
_pdbx_nonpoly_scheme.auth_mon_id 
_pdbx_nonpoly_scheme.pdb_strand_id 
_pdbx_nonpoly_scheme.pdb_ins_code 
B 2 UAC 1  201 201 UAC U99 A . 
C 3 CL  1  202 202 CL  CL  A . 
D 3 CL  1  203 204 CL  CL  A . 
E 3 CL  1  204 205 CL  CL  A . 
F 3 CL  1  205 206 CL  CL  A . 
G 3 CL  1  206 207 CL  CL  A . 
H 3 CL  1  207 208 CL  CL  A . 
I 3 CL  1  208 209 CL  CL  A . 
J 4 HOH 1  301 115 HOH HOH A . 
J 4 HOH 2  302 94  HOH HOH A . 
J 4 HOH 3  303 57  HOH HOH A . 
J 4 HOH 4  304 23  HOH HOH A . 
J 4 HOH 5  305 25  HOH HOH A . 
J 4 HOH 6  306 38  HOH HOH A . 
J 4 HOH 7  307 40  HOH HOH A . 
J 4 HOH 8  308 76  HOH HOH A . 
J 4 HOH 9  309 44  HOH HOH A . 
J 4 HOH 10 310 17  HOH HOH A . 
J 4 HOH 11 311 96  HOH HOH A . 
J 4 HOH 12 312 12  HOH HOH A . 
J 4 HOH 13 313 28  HOH HOH A . 
J 4 HOH 14 314 30  HOH HOH A . 
J 4 HOH 15 315 58  HOH HOH A . 
J 4 HOH 16 316 20  HOH HOH A . 
J 4 HOH 17 317 69  HOH HOH A . 
J 4 HOH 18 318 35  HOH HOH A . 
J 4 HOH 19 319 65  HOH HOH A . 
J 4 HOH 20 320 21  HOH HOH A . 
J 4 HOH 21 321 5   HOH HOH A . 
J 4 HOH 22 322 29  HOH HOH A . 
J 4 HOH 23 323 33  HOH HOH A . 
J 4 HOH 24 324 51  HOH HOH A . 
J 4 HOH 25 325 53  HOH HOH A . 
J 4 HOH 26 326 19  HOH HOH A . 
J 4 HOH 27 327 16  HOH HOH A . 
J 4 HOH 28 328 13  HOH HOH A . 
J 4 HOH 29 329 36  HOH HOH A . 
J 4 HOH 30 330 15  HOH HOH A . 
J 4 HOH 31 331 14  HOH HOH A . 
J 4 HOH 32 332 22  HOH HOH A . 
J 4 HOH 33 333 111 HOH HOH A . 
J 4 HOH 34 334 11  HOH HOH A . 
J 4 HOH 35 335 52  HOH HOH A . 
J 4 HOH 36 336 32  HOH HOH A . 
J 4 HOH 37 337 8   HOH HOH A . 
J 4 HOH 38 338 1   HOH HOH A . 
J 4 HOH 39 339 86  HOH HOH A . 
J 4 HOH 40 340 9   HOH HOH A . 
J 4 HOH 41 341 2   HOH HOH A . 
J 4 HOH 42 342 26  HOH HOH A . 
J 4 HOH 43 343 42  HOH HOH A . 
J 4 HOH 44 344 100 HOH HOH A . 
J 4 HOH 45 345 50  HOH HOH A . 
J 4 HOH 46 346 66  HOH HOH A . 
J 4 HOH 47 347 55  HOH HOH A . 
J 4 HOH 48 348 18  HOH HOH A . 
J 4 HOH 49 349 68  HOH HOH A . 
J 4 HOH 50 350 62  HOH HOH A . 
J 4 HOH 51 351 78  HOH HOH A . 
J 4 HOH 52 352 31  HOH HOH A . 
J 4 HOH 53 353 10  HOH HOH A . 
J 4 HOH 54 354 6   HOH HOH A . 
J 4 HOH 55 355 3   HOH HOH A . 
J 4 HOH 56 356 4   HOH HOH A . 
J 4 HOH 57 357 74  HOH HOH A . 
J 4 HOH 58 358 91  HOH HOH A . 
J 4 HOH 59 359 64  HOH HOH A . 
J 4 HOH 60 360 48  HOH HOH A . 
J 4 HOH 61 361 85  HOH HOH A . 
J 4 HOH 62 362 73  HOH HOH A . 
J 4 HOH 63 363 24  HOH HOH A . 
J 4 HOH 64 364 90  HOH HOH A . 
J 4 HOH 65 365 77  HOH HOH A . 
J 4 HOH 66 366 41  HOH HOH A . 
J 4 HOH 67 367 75  HOH HOH A . 
J 4 HOH 68 368 7   HOH HOH A . 
J 4 HOH 69 369 89  HOH HOH A . 
J 4 HOH 70 370 72  HOH HOH A . 
J 4 HOH 71 371 67  HOH HOH A . 
J 4 HOH 72 372 49  HOH HOH A . 
J 4 HOH 73 373 61  HOH HOH A . 
J 4 HOH 74 374 45  HOH HOH A . 
J 4 HOH 75 375 27  HOH HOH A . 
J 4 HOH 76 376 34  HOH HOH A . 
J 4 HOH 77 377 112 HOH HOH A . 
J 4 HOH 78 378 59  HOH HOH A . 
J 4 HOH 79 379 80  HOH HOH A . 
J 4 HOH 80 380 93  HOH HOH A . 
J 4 HOH 81 381 63  HOH HOH A . 
J 4 HOH 82 382 99  HOH HOH A . 
# 
loop_
_pdbx_unobs_or_zero_occ_atoms.id 
_pdbx_unobs_or_zero_occ_atoms.PDB_model_num 
_pdbx_unobs_or_zero_occ_atoms.polymer_flag 
_pdbx_unobs_or_zero_occ_atoms.occupancy_flag 
_pdbx_unobs_or_zero_occ_atoms.auth_asym_id 
_pdbx_unobs_or_zero_occ_atoms.auth_comp_id 
_pdbx_unobs_or_zero_occ_atoms.auth_seq_id 
_pdbx_unobs_or_zero_occ_atoms.PDB_ins_code 
_pdbx_unobs_or_zero_occ_atoms.auth_atom_id 
_pdbx_unobs_or_zero_occ_atoms.label_alt_id 
_pdbx_unobs_or_zero_occ_atoms.label_asym_id 
_pdbx_unobs_or_zero_occ_atoms.label_comp_id 
_pdbx_unobs_or_zero_occ_atoms.label_seq_id 
_pdbx_unobs_or_zero_occ_atoms.label_atom_id 
1  1 Y 1 A ARG 65  ? NE  ? A ARG 54 NE  
2  1 Y 1 A ARG 65  ? CZ  ? A ARG 54 CZ  
3  1 Y 1 A ARG 65  ? NH1 ? A ARG 54 NH1 
4  1 Y 1 A ARG 65  ? NH2 ? A ARG 54 NH2 
5  1 Y 1 A GLU 69  ? CG  ? A GLU 58 CG  
6  1 Y 1 A GLU 69  ? CD  ? A GLU 58 CD  
7  1 Y 1 A GLU 69  ? OE1 ? A GLU 58 OE1 
8  1 Y 1 A GLU 69  ? OE2 ? A GLU 58 OE2 
9  1 N 1 A UAC 201 ? N54 ? B UAC 1  N54 
10 1 N 1 A UAC 201 ? C55 ? B UAC 1  C55 
11 1 N 1 A UAC 201 ? C56 ? B UAC 1  C56 
12 1 N 1 A UAC 201 ? N57 ? B UAC 1  N57 
13 1 N 1 A UAC 201 ? C58 ? B UAC 1  C58 
14 1 N 1 A UAC 201 ? C59 ? B UAC 1  C59 
# 
loop_
_software.citation_id 
_software.classification 
_software.compiler_name 
_software.compiler_version 
_software.contact_author 
_software.contact_author_email 
_software.date 
_software.description 
_software.dependencies 
_software.hardware 
_software.language 
_software.location 
_software.mods 
_software.name 
_software.os 
_software.os_version 
_software.type 
_software.version 
_software.pdbx_ordinal 
? refinement       ? ? ? ? ? ? ? ? ? ? ? PHENIX ? ? ? 1.20.1_4487 1 
? 'data reduction' ? ? ? ? ? ? ? ? ? ? ? XDS    ? ? ? .           2 
? 'data scaling'   ? ? ? ? ? ? ? ? ? ? ? XSCALE ? ? ? .           3 
? phasing          ? ? ? ? ? ? ? ? ? ? ? PHASER ? ? ? .           4 
# 
_cell.angle_alpha                  90.000 
_cell.angle_alpha_esd              ? 
_cell.angle_beta                   90.000 
_cell.angle_beta_esd               ? 
_cell.angle_gamma                  90.000 
_cell.angle_gamma_esd              ? 
_cell.entry_id                     8J81 
_cell.details                      ? 
_cell.formula_units_Z              ? 
_cell.length_a                     39.521 
_cell.length_a_esd                 ? 
_cell.length_b                     45.815 
_cell.length_b_esd                 ? 
_cell.length_c                     63.790 
_cell.length_c_esd                 ? 
_cell.volume                       115501.658 
_cell.volume_esd                   ? 
_cell.Z_PDB                        4 
_cell.reciprocal_angle_alpha       ? 
_cell.reciprocal_angle_beta        ? 
_cell.reciprocal_angle_gamma       ? 
_cell.reciprocal_angle_alpha_esd   ? 
_cell.reciprocal_angle_beta_esd    ? 
_cell.reciprocal_angle_gamma_esd   ? 
_cell.reciprocal_length_a          ? 
_cell.reciprocal_length_b          ? 
_cell.reciprocal_length_c          ? 
_cell.reciprocal_length_a_esd      ? 
_cell.reciprocal_length_b_esd      ? 
_cell.reciprocal_length_c_esd      ? 
_cell.pdbx_unique_axis             ? 
_cell.pdbx_esd_method              ? 
# 
_symmetry.entry_id                         8J81 
_symmetry.cell_setting                     ? 
_symmetry.Int_Tables_number                19 
_symmetry.space_group_name_Hall            'P 2ac 2ab' 
_symmetry.space_group_name_H-M             'P 21 21 21' 
_symmetry.pdbx_full_space_group_name_H-M   ? 
# 
_exptl.absorpt_coefficient_mu     ? 
_exptl.absorpt_correction_T_max   ? 
_exptl.absorpt_correction_T_min   ? 
_exptl.absorpt_correction_type    ? 
_exptl.absorpt_process_details    ? 
_exptl.entry_id                   8J81 
_exptl.crystals_number            1 
_exptl.details                    ? 
_exptl.method                     'X-RAY DIFFRACTION' 
_exptl.method_details             ? 
# 
_exptl_crystal.colour                       ? 
_exptl_crystal.density_diffrn               ? 
_exptl_crystal.density_Matthews             2.51 
_exptl_crystal.density_method               ? 
_exptl_crystal.density_percent_sol          50.97 
_exptl_crystal.description                  ? 
_exptl_crystal.F_000                        ? 
_exptl_crystal.id                           1 
_exptl_crystal.preparation                  ? 
_exptl_crystal.size_max                     ? 
_exptl_crystal.size_mid                     ? 
_exptl_crystal.size_min                     ? 
_exptl_crystal.size_rad                     ? 
_exptl_crystal.colour_lustre                ? 
_exptl_crystal.colour_modifier              ? 
_exptl_crystal.colour_primary               ? 
_exptl_crystal.density_meas                 ? 
_exptl_crystal.density_meas_esd             ? 
_exptl_crystal.density_meas_gt              ? 
_exptl_crystal.density_meas_lt              ? 
_exptl_crystal.density_meas_temp            ? 
_exptl_crystal.density_meas_temp_esd        ? 
_exptl_crystal.density_meas_temp_gt         ? 
_exptl_crystal.density_meas_temp_lt         ? 
_exptl_crystal.pdbx_crystal_image_url       ? 
_exptl_crystal.pdbx_crystal_image_format    ? 
_exptl_crystal.pdbx_mosaicity               ? 
_exptl_crystal.pdbx_mosaicity_esd           ? 
_exptl_crystal.pdbx_mosaic_method           ? 
_exptl_crystal.pdbx_mosaic_block_size       ? 
_exptl_crystal.pdbx_mosaic_block_size_esd   ? 
# 
_exptl_crystal_grow.apparatus       ? 
_exptl_crystal_grow.atmosphere      ? 
_exptl_crystal_grow.crystal_id      1 
_exptl_crystal_grow.details         ? 
_exptl_crystal_grow.method          'VAPOR DIFFUSION, SITTING DROP' 
_exptl_crystal_grow.method_ref      ? 
_exptl_crystal_grow.pH              4.5 
_exptl_crystal_grow.pressure        ? 
_exptl_crystal_grow.pressure_esd    ? 
_exptl_crystal_grow.seeding         ? 
_exptl_crystal_grow.seeding_ref     ? 
_exptl_crystal_grow.temp_details    ? 
_exptl_crystal_grow.temp_esd        ? 
_exptl_crystal_grow.time            ? 
_exptl_crystal_grow.pdbx_details    
;1M Sodium Acetate trihydrate pH4.5, 3.0 M Sodium Chrolide. Peptoid dissolved in DMSO was included. The final DMSO concentration was 2.4%
;
_exptl_crystal_grow.pdbx_pH_range   ? 
_exptl_crystal_grow.temp            293 
# 
_diffrn.ambient_environment              ? 
_diffrn.ambient_temp                     100 
_diffrn.ambient_temp_details             ? 
_diffrn.ambient_temp_esd                 ? 
_diffrn.crystal_id                       1 
_diffrn.crystal_support                  ? 
_diffrn.crystal_treatment                ? 
_diffrn.details                          ? 
_diffrn.id                               1 
_diffrn.ambient_pressure                 ? 
_diffrn.ambient_pressure_esd             ? 
_diffrn.ambient_pressure_gt              ? 
_diffrn.ambient_pressure_lt              ? 
_diffrn.ambient_temp_gt                  ? 
_diffrn.ambient_temp_lt                  ? 
_diffrn.pdbx_serial_crystal_experiment   N 
# 
_diffrn_detector.details                      ? 
_diffrn_detector.detector                     PIXEL 
_diffrn_detector.diffrn_id                    1 
_diffrn_detector.type                         'DECTRIS EIGER X 9M' 
_diffrn_detector.area_resol_mean              ? 
_diffrn_detector.dtime                        ? 
_diffrn_detector.pdbx_frames_total            ? 
_diffrn_detector.pdbx_collection_time_total   ? 
_diffrn_detector.pdbx_collection_date         2022-01-25 
_diffrn_detector.pdbx_frequency               ? 
_diffrn_detector.id                           ? 
_diffrn_detector.number_of_axes               ? 
# 
_diffrn_radiation.collimation                      ? 
_diffrn_radiation.diffrn_id                        1 
_diffrn_radiation.filter_edge                      ? 
_diffrn_radiation.inhomogeneity                    ? 
_diffrn_radiation.monochromator                    ? 
_diffrn_radiation.polarisn_norm                    ? 
_diffrn_radiation.polarisn_ratio                   ? 
_diffrn_radiation.probe                            ? 
_diffrn_radiation.type                             ? 
_diffrn_radiation.xray_symbol                      ? 
_diffrn_radiation.wavelength_id                    1 
_diffrn_radiation.pdbx_monochromatic_or_laue_m_l   M 
_diffrn_radiation.pdbx_wavelength_list             ? 
_diffrn_radiation.pdbx_wavelength                  ? 
_diffrn_radiation.pdbx_diffrn_protocol             'SINGLE WAVELENGTH' 
_diffrn_radiation.pdbx_analyzer                    ? 
_diffrn_radiation.pdbx_scattering_type             x-ray 
# 
_diffrn_radiation_wavelength.id           1 
_diffrn_radiation_wavelength.wavelength   1.0 
_diffrn_radiation_wavelength.wt           1.0 
# 
_diffrn_source.current                     ? 
_diffrn_source.details                     ? 
_diffrn_source.diffrn_id                   1 
_diffrn_source.power                       ? 
_diffrn_source.size                        ? 
_diffrn_source.source                      SYNCHROTRON 
_diffrn_source.target                      ? 
_diffrn_source.type                        'SPRING-8 BEAMLINE BL32XU' 
_diffrn_source.voltage                     ? 
_diffrn_source.take-off_angle              ? 
_diffrn_source.pdbx_wavelength_list        1.0 
_diffrn_source.pdbx_wavelength             ? 
_diffrn_source.pdbx_synchrotron_beamline   BL32XU 
_diffrn_source.pdbx_synchrotron_site       SPring-8 
# 
_reflns.B_iso_Wilson_estimate                          17.70 
_reflns.entry_id                                       8J81 
_reflns.data_reduction_details                         ? 
_reflns.data_reduction_method                          ? 
_reflns.d_resolution_high                              1.29 
_reflns.d_resolution_low                               37.21 
_reflns.details                                        ? 
_reflns.limit_h_max                                    ? 
_reflns.limit_h_min                                    ? 
_reflns.limit_k_max                                    ? 
_reflns.limit_k_min                                    ? 
_reflns.limit_l_max                                    ? 
_reflns.limit_l_min                                    ? 
_reflns.number_all                                     ? 
_reflns.number_obs                                     54705 
_reflns.observed_criterion                             ? 
_reflns.observed_criterion_F_max                       ? 
_reflns.observed_criterion_F_min                       ? 
_reflns.observed_criterion_I_max                       ? 
_reflns.observed_criterion_I_min                       ? 
_reflns.observed_criterion_sigma_F                     ? 
_reflns.observed_criterion_sigma_I                     ? 
_reflns.percent_possible_obs                           98.1 
_reflns.R_free_details                                 ? 
_reflns.Rmerge_F_all                                   ? 
_reflns.Rmerge_F_obs                                   ? 
_reflns.Friedel_coverage                               ? 
_reflns.number_gt                                      ? 
_reflns.threshold_expression                           ? 
_reflns.pdbx_redundancy                                6.01 
_reflns.pdbx_netI_over_av_sigmaI                       ? 
_reflns.pdbx_netI_over_sigmaI                          13.66 
_reflns.pdbx_res_netI_over_av_sigmaI_2                 ? 
_reflns.pdbx_res_netI_over_sigmaI_2                    ? 
_reflns.pdbx_chi_squared                               ? 
_reflns.pdbx_scaling_rejects                           ? 
_reflns.pdbx_d_res_high_opt                            ? 
_reflns.pdbx_d_res_low_opt                             ? 
_reflns.pdbx_d_res_opt_method                          ? 
_reflns.phase_calculation_details                      ? 
_reflns.pdbx_Rrim_I_all                                0.066 
_reflns.pdbx_Rpim_I_all                                ? 
_reflns.pdbx_d_opt                                     ? 
_reflns.pdbx_number_measured_all                       ? 
_reflns.pdbx_diffrn_id                                 1 
_reflns.pdbx_ordinal                                   1 
_reflns.pdbx_CC_half                                   0.999 
_reflns.pdbx_CC_star                                   ? 
_reflns.pdbx_R_split                                   ? 
_reflns.pdbx_Rmerge_I_obs                              ? 
_reflns.pdbx_Rmerge_I_all                              ? 
_reflns.pdbx_Rsym_value                                ? 
_reflns.pdbx_CC_split_method                           ? 
_reflns.pdbx_aniso_diffraction_limit_axis_1_ortho[1]   ? 
_reflns.pdbx_aniso_diffraction_limit_axis_1_ortho[2]   ? 
_reflns.pdbx_aniso_diffraction_limit_axis_1_ortho[3]   ? 
_reflns.pdbx_aniso_diffraction_limit_axis_2_ortho[1]   ? 
_reflns.pdbx_aniso_diffraction_limit_axis_2_ortho[2]   ? 
_reflns.pdbx_aniso_diffraction_limit_axis_2_ortho[3]   ? 
_reflns.pdbx_aniso_diffraction_limit_axis_3_ortho[1]   ? 
_reflns.pdbx_aniso_diffraction_limit_axis_3_ortho[2]   ? 
_reflns.pdbx_aniso_diffraction_limit_axis_3_ortho[3]   ? 
_reflns.pdbx_aniso_diffraction_limit_1                 ? 
_reflns.pdbx_aniso_diffraction_limit_2                 ? 
_reflns.pdbx_aniso_diffraction_limit_3                 ? 
_reflns.pdbx_aniso_B_tensor_eigenvector_1_ortho[1]     ? 
_reflns.pdbx_aniso_B_tensor_eigenvector_1_ortho[2]     ? 
_reflns.pdbx_aniso_B_tensor_eigenvector_1_ortho[3]     ? 
_reflns.pdbx_aniso_B_tensor_eigenvector_2_ortho[1]     ? 
_reflns.pdbx_aniso_B_tensor_eigenvector_2_ortho[2]     ? 
_reflns.pdbx_aniso_B_tensor_eigenvector_2_ortho[3]     ? 
_reflns.pdbx_aniso_B_tensor_eigenvector_3_ortho[1]     ? 
_reflns.pdbx_aniso_B_tensor_eigenvector_3_ortho[2]     ? 
_reflns.pdbx_aniso_B_tensor_eigenvector_3_ortho[3]     ? 
_reflns.pdbx_aniso_B_tensor_eigenvalue_1               ? 
_reflns.pdbx_aniso_B_tensor_eigenvalue_2               ? 
_reflns.pdbx_aniso_B_tensor_eigenvalue_3               ? 
_reflns.pdbx_orthogonalization_convention              ? 
_reflns.pdbx_percent_possible_ellipsoidal              ? 
_reflns.pdbx_percent_possible_spherical                ? 
_reflns.pdbx_percent_possible_ellipsoidal_anomalous    ? 
_reflns.pdbx_percent_possible_spherical_anomalous      ? 
_reflns.pdbx_redundancy_anomalous                      ? 
_reflns.pdbx_CC_half_anomalous                         ? 
_reflns.pdbx_absDiff_over_sigma_anomalous              ? 
_reflns.pdbx_percent_possible_anomalous                ? 
_reflns.pdbx_observed_signal_threshold                 ? 
_reflns.pdbx_signal_type                               ? 
_reflns.pdbx_signal_details                            ? 
_reflns.pdbx_signal_software_id                        ? 
# 
_reflns_shell.d_res_high                                    1.29 
_reflns_shell.d_res_low                                     1.37 
_reflns_shell.meanI_over_sigI_all                           ? 
_reflns_shell.meanI_over_sigI_obs                           ? 
_reflns_shell.number_measured_all                           ? 
_reflns_shell.number_measured_obs                           ? 
_reflns_shell.number_possible                               ? 
_reflns_shell.number_unique_all                             ? 
_reflns_shell.number_unique_obs                             7938 
_reflns_shell.percent_possible_obs                          ? 
_reflns_shell.Rmerge_F_all                                  ? 
_reflns_shell.Rmerge_F_obs                                  ? 
_reflns_shell.meanI_over_sigI_gt                            ? 
_reflns_shell.meanI_over_uI_all                             ? 
_reflns_shell.meanI_over_uI_gt                              ? 
_reflns_shell.number_measured_gt                            ? 
_reflns_shell.number_unique_gt                              ? 
_reflns_shell.percent_possible_gt                           ? 
_reflns_shell.Rmerge_F_gt                                   ? 
_reflns_shell.Rmerge_I_gt                                   ? 
_reflns_shell.pdbx_redundancy                               2.86 
_reflns_shell.pdbx_chi_squared                              ? 
_reflns_shell.pdbx_netI_over_sigmaI_all                     ? 
_reflns_shell.pdbx_netI_over_sigmaI_obs                     ? 
_reflns_shell.pdbx_Rrim_I_all                               ? 
_reflns_shell.pdbx_Rpim_I_all                               ? 
_reflns_shell.pdbx_rejects                                  ? 
_reflns_shell.pdbx_ordinal                                  1 
_reflns_shell.pdbx_diffrn_id                                1 
_reflns_shell.pdbx_CC_half                                  0.504 
_reflns_shell.pdbx_CC_star                                  ? 
_reflns_shell.pdbx_R_split                                  ? 
_reflns_shell.percent_possible_all                          98.1 
_reflns_shell.Rmerge_I_all                                  ? 
_reflns_shell.Rmerge_I_obs                                  ? 
_reflns_shell.pdbx_Rsym_value                               ? 
_reflns_shell.pdbx_percent_possible_ellipsoidal             ? 
_reflns_shell.pdbx_percent_possible_spherical               ? 
_reflns_shell.pdbx_percent_possible_ellipsoidal_anomalous   ? 
_reflns_shell.pdbx_percent_possible_spherical_anomalous     ? 
_reflns_shell.pdbx_redundancy_anomalous                     ? 
_reflns_shell.pdbx_CC_half_anomalous                        ? 
_reflns_shell.pdbx_absDiff_over_sigma_anomalous             ? 
_reflns_shell.pdbx_percent_possible_anomalous               ? 
# 
_refine.aniso_B[1][1]                            ? 
_refine.aniso_B[1][2]                            ? 
_refine.aniso_B[1][3]                            ? 
_refine.aniso_B[2][2]                            ? 
_refine.aniso_B[2][3]                            ? 
_refine.aniso_B[3][3]                            ? 
_refine.B_iso_max                                ? 
_refine.B_iso_mean                               19.95 
_refine.B_iso_min                                ? 
_refine.correlation_coeff_Fo_to_Fc               ? 
_refine.correlation_coeff_Fo_to_Fc_free          ? 
_refine.details                                  ? 
_refine.diff_density_max                         ? 
_refine.diff_density_max_esd                     ? 
_refine.diff_density_min                         ? 
_refine.diff_density_min_esd                     ? 
_refine.diff_density_rms                         ? 
_refine.diff_density_rms_esd                     ? 
_refine.entry_id                                 8J81 
_refine.pdbx_refine_id                           'X-RAY DIFFRACTION' 
_refine.ls_abs_structure_details                 ? 
_refine.ls_abs_structure_Flack                   ? 
_refine.ls_abs_structure_Flack_esd               ? 
_refine.ls_abs_structure_Rogers                  ? 
_refine.ls_abs_structure_Rogers_esd              ? 
_refine.ls_d_res_high                            1.35 
_refine.ls_d_res_low                             37.21 
_refine.ls_extinction_coef                       ? 
_refine.ls_extinction_coef_esd                   ? 
_refine.ls_extinction_expression                 ? 
_refine.ls_extinction_method                     ? 
_refine.ls_goodness_of_fit_all                   ? 
_refine.ls_goodness_of_fit_all_esd               ? 
_refine.ls_goodness_of_fit_obs                   ? 
_refine.ls_goodness_of_fit_obs_esd               ? 
_refine.ls_hydrogen_treatment                    ? 
_refine.ls_matrix_type                           ? 
_refine.ls_number_constraints                    ? 
_refine.ls_number_parameters                     ? 
_refine.ls_number_reflns_all                     ? 
_refine.ls_number_reflns_obs                     49049 
_refine.ls_number_reflns_R_free                  3372 
_refine.ls_number_reflns_R_work                  45677 
_refine.ls_number_restraints                     ? 
_refine.ls_percent_reflns_obs                    99.83 
_refine.ls_percent_reflns_R_free                 6.87 
_refine.ls_R_factor_all                          ? 
_refine.ls_R_factor_obs                          0.1706 
_refine.ls_R_factor_R_free                       0.1896 
_refine.ls_R_factor_R_free_error                 ? 
_refine.ls_R_factor_R_free_error_details         ? 
_refine.ls_R_factor_R_work                       0.1692 
_refine.ls_R_Fsqd_factor_obs                     ? 
_refine.ls_R_I_factor_obs                        ? 
_refine.ls_redundancy_reflns_all                 ? 
_refine.ls_redundancy_reflns_obs                 ? 
_refine.ls_restrained_S_all                      ? 
_refine.ls_restrained_S_obs                      ? 
_refine.ls_shift_over_esd_max                    ? 
_refine.ls_shift_over_esd_mean                   ? 
_refine.ls_structure_factor_coef                 ? 
_refine.ls_weighting_details                     ? 
_refine.ls_weighting_scheme                      ? 
_refine.ls_wR_factor_all                         ? 
_refine.ls_wR_factor_obs                         ? 
_refine.ls_wR_factor_R_free                      ? 
_refine.ls_wR_factor_R_work                      ? 
_refine.occupancy_max                            ? 
_refine.occupancy_min                            ? 
_refine.solvent_model_details                    'FLAT BULK SOLVENT MODEL' 
_refine.solvent_model_param_bsol                 ? 
_refine.solvent_model_param_ksol                 ? 
_refine.pdbx_R_complete                          ? 
_refine.ls_R_factor_gt                           ? 
_refine.ls_goodness_of_fit_gt                    ? 
_refine.ls_goodness_of_fit_ref                   ? 
_refine.ls_shift_over_su_max                     ? 
_refine.ls_shift_over_su_max_lt                  ? 
_refine.ls_shift_over_su_mean                    ? 
_refine.ls_shift_over_su_mean_lt                 ? 
_refine.pdbx_ls_sigma_I                          ? 
_refine.pdbx_ls_sigma_F                          1.38 
_refine.pdbx_ls_sigma_Fsqd                       ? 
_refine.pdbx_data_cutoff_high_absF               ? 
_refine.pdbx_data_cutoff_high_rms_absF           ? 
_refine.pdbx_data_cutoff_low_absF                ? 
_refine.pdbx_isotropic_thermal_model             ? 
_refine.pdbx_ls_cross_valid_method               'FREE R-VALUE' 
_refine.pdbx_method_to_determine_struct          'MOLECULAR REPLACEMENT' 
_refine.pdbx_starting_model                      ? 
_refine.pdbx_stereochemistry_target_values       'GeoStd + Monomer Library + CDL v1.2' 
_refine.pdbx_R_Free_selection_details            ? 
_refine.pdbx_stereochem_target_val_spec_case     ? 
_refine.pdbx_overall_ESU_R                       ? 
_refine.pdbx_overall_ESU_R_Free                  ? 
_refine.pdbx_solvent_vdw_probe_radii             1.1100 
_refine.pdbx_solvent_ion_probe_radii             ? 
_refine.pdbx_solvent_shrinkage_radii             0.9000 
_refine.pdbx_real_space_R                        ? 
_refine.pdbx_density_correlation                 ? 
_refine.pdbx_pd_number_of_powder_patterns        ? 
_refine.pdbx_pd_number_of_points                 ? 
_refine.pdbx_pd_meas_number_of_points            ? 
_refine.pdbx_pd_proc_ls_prof_R_factor            ? 
_refine.pdbx_pd_proc_ls_prof_wR_factor           ? 
_refine.pdbx_pd_Marquardt_correlation_coeff      ? 
_refine.pdbx_pd_Fsqrd_R_factor                   ? 
_refine.pdbx_pd_ls_matrix_band_width             ? 
_refine.pdbx_overall_phase_error                 18.2507 
_refine.pdbx_overall_SU_R_free_Cruickshank_DPI   ? 
_refine.pdbx_overall_SU_R_free_Blow_DPI          ? 
_refine.pdbx_overall_SU_R_Blow_DPI               ? 
_refine.pdbx_TLS_residual_ADP_flag               ? 
_refine.pdbx_diffrn_id                           1 
_refine.overall_SU_B                             ? 
_refine.overall_SU_ML                            0.1495 
_refine.overall_SU_R_Cruickshank_DPI             ? 
_refine.overall_SU_R_free                        ? 
_refine.overall_FOM_free_R_set                   ? 
_refine.overall_FOM_work_R_set                   ? 
_refine.pdbx_average_fsc_overall                 ? 
_refine.pdbx_average_fsc_work                    ? 
_refine.pdbx_average_fsc_free                    ? 
# 
_refine_hist.pdbx_refine_id                   'X-RAY DIFFRACTION' 
_refine_hist.cycle_id                         LAST 
_refine_hist.details                          ? 
_refine_hist.d_res_high                       1.35 
_refine_hist.d_res_low                        37.21 
_refine_hist.number_atoms_solvent             82 
_refine_hist.number_atoms_total               856 
_refine_hist.number_reflns_all                ? 
_refine_hist.number_reflns_obs                ? 
_refine_hist.number_reflns_R_free             ? 
_refine_hist.number_reflns_R_work             ? 
_refine_hist.R_factor_all                     ? 
_refine_hist.R_factor_obs                     ? 
_refine_hist.R_factor_R_free                  ? 
_refine_hist.R_factor_R_work                  ? 
_refine_hist.pdbx_number_residues_total       ? 
_refine_hist.pdbx_B_iso_mean_ligand           ? 
_refine_hist.pdbx_B_iso_mean_solvent          ? 
_refine_hist.pdbx_number_atoms_protein        713 
_refine_hist.pdbx_number_atoms_nucleic_acid   0 
_refine_hist.pdbx_number_atoms_ligand         61 
_refine_hist.pdbx_number_atoms_lipid          ? 
_refine_hist.pdbx_number_atoms_carb           ? 
_refine_hist.pdbx_pseudo_atom_details         ? 
# 
loop_
_refine_ls_restr.pdbx_refine_id 
_refine_ls_restr.criterion 
_refine_ls_restr.dev_ideal 
_refine_ls_restr.dev_ideal_target 
_refine_ls_restr.number 
_refine_ls_restr.rejects 
_refine_ls_restr.type 
_refine_ls_restr.weight 
_refine_ls_restr.pdbx_restraint_function 
'X-RAY DIFFRACTION' ? 0.0054  ? 876  ? f_bond_d           ? ? 
'X-RAY DIFFRACTION' ? 0.8972  ? 1202 ? f_angle_d          ? ? 
'X-RAY DIFFRACTION' ? 0.0703  ? 133  ? f_chiral_restr     ? ? 
'X-RAY DIFFRACTION' ? 0.0072  ? 150  ? f_plane_restr      ? ? 
'X-RAY DIFFRACTION' ? 25.8861 ? 356  ? f_dihedral_angle_d ? ? 
# 
loop_
_refine_ls_shell.pdbx_refine_id 
_refine_ls_shell.d_res_high 
_refine_ls_shell.d_res_low 
_refine_ls_shell.number_reflns_all 
_refine_ls_shell.number_reflns_obs 
_refine_ls_shell.number_reflns_R_free 
_refine_ls_shell.number_reflns_R_work 
_refine_ls_shell.percent_reflns_obs 
_refine_ls_shell.percent_reflns_R_free 
_refine_ls_shell.R_factor_all 
_refine_ls_shell.R_factor_obs 
_refine_ls_shell.R_factor_R_free_error 
_refine_ls_shell.R_factor_R_work 
_refine_ls_shell.redundancy_reflns_all 
_refine_ls_shell.redundancy_reflns_obs 
_refine_ls_shell.wR_factor_all 
_refine_ls_shell.wR_factor_obs 
_refine_ls_shell.wR_factor_R_free 
_refine_ls_shell.wR_factor_R_work 
_refine_ls_shell.pdbx_R_complete 
_refine_ls_shell.pdbx_total_number_of_bins_used 
_refine_ls_shell.pdbx_phase_error 
_refine_ls_shell.pdbx_fsc_work 
_refine_ls_shell.pdbx_fsc_free 
_refine_ls_shell.R_factor_R_free 
'X-RAY DIFFRACTION' 1.35 1.37  . . 137 1827 96.89  . . . . 0.3504 . . . . . . . . . . . 0.3642 
'X-RAY DIFFRACTION' 1.37 1.39  . . 141 1893 99.51  . . . . 0.2955 . . . . . . . . . . . 0.2684 
'X-RAY DIFFRACTION' 1.39 1.41  . . 139 1933 99.95  . . . . 0.2619 . . . . . . . . . . . 0.2779 
'X-RAY DIFFRACTION' 1.41 1.43  . . 135 1892 100.00 . . . . 0.2272 . . . . . . . . . . . 0.2266 
'X-RAY DIFFRACTION' 1.43 1.46  . . 142 1891 100.00 . . . . 0.1967 . . . . . . . . . . . 0.2303 
'X-RAY DIFFRACTION' 1.46 1.49  . . 138 1923 100.00 . . . . 0.1917 . . . . . . . . . . . 0.1930 
'X-RAY DIFFRACTION' 1.49 1.51  . . 147 1935 100.00 . . . . 0.1881 . . . . . . . . . . . 0.2207 
'X-RAY DIFFRACTION' 1.51 1.55  . . 136 1866 99.95  . . . . 0.1933 . . . . . . . . . . . 0.2227 
'X-RAY DIFFRACTION' 1.55 1.58  . . 144 1915 100.00 . . . . 0.1823 . . . . . . . . . . . 0.2032 
'X-RAY DIFFRACTION' 1.58 1.62  . . 139 1884 100.00 . . . . 0.1815 . . . . . . . . . . . 0.2249 
'X-RAY DIFFRACTION' 1.62 1.66  . . 142 1923 100.00 . . . . 0.1693 . . . . . . . . . . . 0.1549 
'X-RAY DIFFRACTION' 1.66 1.70  . . 138 1912 100.00 . . . . 0.1676 . . . . . . . . . . . 0.1570 
'X-RAY DIFFRACTION' 1.70 1.75  . . 139 1905 99.90  . . . . 0.1528 . . . . . . . . . . . 0.1875 
'X-RAY DIFFRACTION' 1.75 1.81  . . 140 1905 99.85  . . . . 0.1630 . . . . . . . . . . . 0.1929 
'X-RAY DIFFRACTION' 1.81 1.87  . . 143 1928 100.00 . . . . 0.1689 . . . . . . . . . . . 0.1818 
'X-RAY DIFFRACTION' 1.87 1.95  . . 136 1889 100.00 . . . . 0.1673 . . . . . . . . . . . 0.1895 
'X-RAY DIFFRACTION' 1.95 2.04  . . 140 1921 100.00 . . . . 0.1596 . . . . . . . . . . . 0.1562 
'X-RAY DIFFRACTION' 2.04 2.14  . . 139 1909 100.00 . . . . 0.1599 . . . . . . . . . . . 0.1812 
'X-RAY DIFFRACTION' 2.14 2.28  . . 142 1907 100.00 . . . . 0.1577 . . . . . . . . . . . 0.1821 
'X-RAY DIFFRACTION' 2.28 2.45  . . 141 1907 100.00 . . . . 0.1689 . . . . . . . . . . . 0.2102 
'X-RAY DIFFRACTION' 2.45 2.70  . . 144 1905 100.00 . . . . 0.1813 . . . . . . . . . . . 0.1735 
'X-RAY DIFFRACTION' 2.70 3.09  . . 144 1894 100.00 . . . . 0.1738 . . . . . . . . . . . 0.1808 
'X-RAY DIFFRACTION' 3.09 3.89  . . 144 1894 99.85  . . . . 0.1523 . . . . . . . . . . . 0.1818 
'X-RAY DIFFRACTION' 3.89 37.21 . . 142 1919 99.90  . . . . 0.1553 . . . . . . . . . . . 0.1940 
# 
_struct.entry_id                     8J81 
_struct.title                        'MDM2 bound with a peptoid' 
_struct.pdbx_model_details           ? 
_struct.pdbx_formula_weight          ? 
_struct.pdbx_formula_weight_method   ? 
_struct.pdbx_model_type_details      ? 
_struct.pdbx_CASP_flag               N 
# 
_struct_keywords.entry_id        8J81 
_struct_keywords.text            'Inhibitor, Complex, Peptoid, p53-binding protein, LIGASE' 
_struct_keywords.pdbx_keywords   LIGASE 
# 
loop_
_struct_asym.id 
_struct_asym.pdbx_blank_PDB_chainid_flag 
_struct_asym.pdbx_modified 
_struct_asym.entity_id 
_struct_asym.details 
A N N 1 ? 
B N N 2 ? 
C N N 3 ? 
D N N 3 ? 
E N N 3 ? 
F N N 3 ? 
G N N 3 ? 
H N N 3 ? 
I N N 3 ? 
J N N 4 ? 
# 
_struct_ref.id                         1 
_struct_ref.db_name                    UNP 
_struct_ref.db_code                    MDM2_HUMAN 
_struct_ref.pdbx_db_accession          Q00987 
_struct_ref.pdbx_db_isoform            ? 
_struct_ref.entity_id                  1 
_struct_ref.pdbx_seq_one_letter_code   
;SQIPASEQETLVRPKPLLLKLLKSVGAQKDTYTMKEVLFYLGQYIMTKRLYDEKQQHIVYCSNDLLGDLFGVPSFSVKEH
RKIYTMIYRNLVVVN
;
_struct_ref.pdbx_align_begin           17 
# 
_struct_ref_seq.align_id                      1 
_struct_ref_seq.ref_id                        1 
_struct_ref_seq.pdbx_PDB_id_code              8J81 
_struct_ref_seq.pdbx_strand_id                A 
_struct_ref_seq.seq_align_beg                 6 
_struct_ref_seq.pdbx_seq_align_beg_ins_code   ? 
_struct_ref_seq.seq_align_end                 100 
_struct_ref_seq.pdbx_seq_align_end_ins_code   ? 
_struct_ref_seq.pdbx_db_accession             Q00987 
_struct_ref_seq.db_align_beg                  17 
_struct_ref_seq.pdbx_db_align_beg_ins_code    ? 
_struct_ref_seq.db_align_end                  111 
_struct_ref_seq.pdbx_db_align_end_ins_code    ? 
_struct_ref_seq.pdbx_auth_seq_align_beg       17 
_struct_ref_seq.pdbx_auth_seq_align_end       111 
# 
loop_
_struct_ref_seq_dif.align_id 
_struct_ref_seq_dif.pdbx_pdb_id_code 
_struct_ref_seq_dif.mon_id 
_struct_ref_seq_dif.pdbx_pdb_strand_id 
_struct_ref_seq_dif.seq_num 
_struct_ref_seq_dif.pdbx_pdb_ins_code 
_struct_ref_seq_dif.pdbx_seq_db_name 
_struct_ref_seq_dif.pdbx_seq_db_accession_code 
_struct_ref_seq_dif.db_mon_id 
_struct_ref_seq_dif.pdbx_seq_db_seq_num 
_struct_ref_seq_dif.details 
_struct_ref_seq_dif.pdbx_auth_seq_num 
_struct_ref_seq_dif.pdbx_ordinal 
1 8J81 GLY A 1 ? UNP Q00987 ? ? 'expression tag' 12 1 
1 8J81 PRO A 2 ? UNP Q00987 ? ? 'expression tag' 13 2 
1 8J81 LEU A 3 ? UNP Q00987 ? ? 'expression tag' 14 3 
1 8J81 GLY A 4 ? UNP Q00987 ? ? 'expression tag' 15 4 
1 8J81 SER A 5 ? UNP Q00987 ? ? 'expression tag' 16 5 
# 
_pdbx_struct_assembly.id                   1 
_pdbx_struct_assembly.details              author_and_software_defined_assembly 
_pdbx_struct_assembly.method_details       PISA 
_pdbx_struct_assembly.oligomeric_details   monomeric 
_pdbx_struct_assembly.oligomeric_count     1 
# 
loop_
_pdbx_struct_assembly_prop.biol_id 
_pdbx_struct_assembly_prop.type 
_pdbx_struct_assembly_prop.value 
_pdbx_struct_assembly_prop.details 
1 'ABSA (A^2)' 140  ? 
1 MORE         -11  ? 
1 'SSA (A^2)'  5490 ? 
# 
_pdbx_struct_assembly_gen.assembly_id       1 
_pdbx_struct_assembly_gen.oper_expression   1 
_pdbx_struct_assembly_gen.asym_id_list      A,B,C,D,E,F,G,H,I,J 
# 
loop_
_pdbx_struct_assembly_auth_evidence.id 
_pdbx_struct_assembly_auth_evidence.assembly_id 
_pdbx_struct_assembly_auth_evidence.experimental_support 
_pdbx_struct_assembly_auth_evidence.details 
1 1 'isothermal titration calorimetry' ? 
2 1 'surface plasmon resonance'        ? 
# 
_pdbx_struct_oper_list.id                   1 
_pdbx_struct_oper_list.type                 'identity operation' 
_pdbx_struct_oper_list.name                 1_555 
_pdbx_struct_oper_list.symmetry_operation   x,y,z 
_pdbx_struct_oper_list.matrix[1][1]         1.0000000000 
_pdbx_struct_oper_list.matrix[1][2]         0.0000000000 
_pdbx_struct_oper_list.matrix[1][3]         0.0000000000 
_pdbx_struct_oper_list.vector[1]            0.0000000000 
_pdbx_struct_oper_list.matrix[2][1]         0.0000000000 
_pdbx_struct_oper_list.matrix[2][2]         1.0000000000 
_pdbx_struct_oper_list.matrix[2][3]         0.0000000000 
_pdbx_struct_oper_list.vector[2]            0.0000000000 
_pdbx_struct_oper_list.matrix[3][1]         0.0000000000 
_pdbx_struct_oper_list.matrix[3][2]         0.0000000000 
_pdbx_struct_oper_list.matrix[3][3]         1.0000000000 
_pdbx_struct_oper_list.vector[3]            0.0000000000 
# 
loop_
_struct_conf.conf_type_id 
_struct_conf.id 
_struct_conf.pdbx_PDB_helix_id 
_struct_conf.beg_label_comp_id 
_struct_conf.beg_label_asym_id 
_struct_conf.beg_label_seq_id 
_struct_conf.pdbx_beg_PDB_ins_code 
_struct_conf.end_label_comp_id 
_struct_conf.end_label_asym_id 
_struct_conf.end_label_seq_id 
_struct_conf.pdbx_end_PDB_ins_code 
_struct_conf.beg_auth_comp_id 
_struct_conf.beg_auth_asym_id 
_struct_conf.beg_auth_seq_id 
_struct_conf.end_auth_comp_id 
_struct_conf.end_auth_asym_id 
_struct_conf.end_auth_seq_id 
_struct_conf.pdbx_PDB_helix_class 
_struct_conf.details 
_struct_conf.pdbx_PDB_helix_length 
HELX_P HELX_P1 AA1 LYS A 20 ? VAL A 30 ? LYS A 31 VAL A 41  1 ? 11 
HELX_P HELX_P2 AA2 MET A 39 ? LYS A 53 ? MET A 50 LYS A 64  1 ? 15 
HELX_P HELX_P3 AA3 ASP A 69 ? GLY A 76 ? ASP A 80 GLY A 87  1 ? 8  
HELX_P HELX_P4 AA4 GLU A 84 ? ARG A 94 ? GLU A 95 ARG A 105 1 ? 11 
# 
_struct_conf_type.id          HELX_P 
_struct_conf_type.criteria    ? 
_struct_conf_type.reference   ? 
# 
loop_
_struct_sheet.id 
_struct_sheet.type 
_struct_sheet.number_strands 
_struct_sheet.details 
AA1 ? 3 ? 
AA2 ? 3 ? 
# 
loop_
_struct_sheet_order.sheet_id 
_struct_sheet_order.range_id_1 
_struct_sheet_order.range_id_2 
_struct_sheet_order.offset 
_struct_sheet_order.sense 
AA1 1 2 ? anti-parallel 
AA1 2 3 ? anti-parallel 
AA2 1 2 ? anti-parallel 
AA2 2 3 ? anti-parallel 
# 
loop_
_struct_sheet_range.sheet_id 
_struct_sheet_range.id 
_struct_sheet_range.beg_label_comp_id 
_struct_sheet_range.beg_label_asym_id 
_struct_sheet_range.beg_label_seq_id 
_struct_sheet_range.pdbx_beg_PDB_ins_code 
_struct_sheet_range.end_label_comp_id 
_struct_sheet_range.end_label_asym_id 
_struct_sheet_range.end_label_seq_id 
_struct_sheet_range.pdbx_end_PDB_ins_code 
_struct_sheet_range.beg_auth_comp_id 
_struct_sheet_range.beg_auth_asym_id 
_struct_sheet_range.beg_auth_seq_id 
_struct_sheet_range.end_auth_comp_id 
_struct_sheet_range.end_auth_asym_id 
_struct_sheet_range.end_auth_seq_id 
AA1 1 TYR A 37 ? THR A 38 ? TYR A 48  THR A 49  
AA1 2 LEU A 16 ? PRO A 19 ? LEU A 27  PRO A 30  
AA1 3 LEU A 96 ? VAL A 99 ? LEU A 107 VAL A 110 
AA2 1 TYR A 56 ? ASP A 57 ? TYR A 67  ASP A 68  
AA2 2 GLN A 60 ? TYR A 65 ? GLN A 71  TYR A 76  
AA2 3 SER A 79 ? SER A 81 ? SER A 90  SER A 92  
# 
loop_
_pdbx_struct_sheet_hbond.sheet_id 
_pdbx_struct_sheet_hbond.range_id_1 
_pdbx_struct_sheet_hbond.range_id_2 
_pdbx_struct_sheet_hbond.range_1_label_atom_id 
_pdbx_struct_sheet_hbond.range_1_label_comp_id 
_pdbx_struct_sheet_hbond.range_1_label_asym_id 
_pdbx_struct_sheet_hbond.range_1_label_seq_id 
_pdbx_struct_sheet_hbond.range_1_PDB_ins_code 
_pdbx_struct_sheet_hbond.range_1_auth_atom_id 
_pdbx_struct_sheet_hbond.range_1_auth_comp_id 
_pdbx_struct_sheet_hbond.range_1_auth_asym_id 
_pdbx_struct_sheet_hbond.range_1_auth_seq_id 
_pdbx_struct_sheet_hbond.range_2_label_atom_id 
_pdbx_struct_sheet_hbond.range_2_label_comp_id 
_pdbx_struct_sheet_hbond.range_2_label_asym_id 
_pdbx_struct_sheet_hbond.range_2_label_seq_id 
_pdbx_struct_sheet_hbond.range_2_PDB_ins_code 
_pdbx_struct_sheet_hbond.range_2_auth_atom_id 
_pdbx_struct_sheet_hbond.range_2_auth_comp_id 
_pdbx_struct_sheet_hbond.range_2_auth_asym_id 
_pdbx_struct_sheet_hbond.range_2_auth_seq_id 
AA1 1 2 O TYR A 37 ? O TYR A 48 N VAL A 17 ? N VAL A 28  
AA1 2 3 N ARG A 18 ? N ARG A 29 O VAL A 97 ? O VAL A 108 
AA2 1 2 N ASP A 57 ? N ASP A 68 O ILE A 63 ? O ILE A 74  
AA2 2 3 N VAL A 64 ? N VAL A 75 O PHE A 80 ? O PHE A 91  
# 
_pdbx_entry_details.entry_id                   8J81 
_pdbx_entry_details.nonpolymer_details         ? 
_pdbx_entry_details.sequence_details           ? 
_pdbx_entry_details.compound_details           ? 
_pdbx_entry_details.source_details             ? 
_pdbx_entry_details.has_ligand_of_interest     Y 
_pdbx_entry_details.has_protein_modification   N 
# 
loop_
_pdbx_validate_torsion.id 
_pdbx_validate_torsion.PDB_model_num 
_pdbx_validate_torsion.auth_comp_id 
_pdbx_validate_torsion.auth_asym_id 
_pdbx_validate_torsion.auth_seq_id 
_pdbx_validate_torsion.PDB_ins_code 
_pdbx_validate_torsion.label_alt_id 
_pdbx_validate_torsion.phi 
_pdbx_validate_torsion.psi 
1 1 GLN A 71 ? ? -160.30 89.21 
2 1 CYS A 77 ? ? -141.07 19.52 
# 
loop_
_space_group_symop.id 
_space_group_symop.operation_xyz 
1 x,y,z           
2 x+1/2,-y+1/2,-z 
3 -x,y+1/2,-z+1/2 
4 -x+1/2,-y,z+1/2 
# 
loop_
_pdbx_unobs_or_zero_occ_residues.id 
_pdbx_unobs_or_zero_occ_residues.PDB_model_num 
_pdbx_unobs_or_zero_occ_residues.polymer_flag 
_pdbx_unobs_or_zero_occ_residues.occupancy_flag 
_pdbx_unobs_or_zero_occ_residues.auth_asym_id 
_pdbx_unobs_or_zero_occ_residues.auth_comp_id 
_pdbx_unobs_or_zero_occ_residues.auth_seq_id 
_pdbx_unobs_or_zero_occ_residues.PDB_ins_code 
_pdbx_unobs_or_zero_occ_residues.label_asym_id 
_pdbx_unobs_or_zero_occ_residues.label_comp_id 
_pdbx_unobs_or_zero_occ_residues.label_seq_id 
1  1 Y 1 A GLY 12 ? A GLY 1  
2  1 Y 1 A PRO 13 ? A PRO 2  
3  1 Y 1 A LEU 14 ? A LEU 3  
4  1 Y 1 A GLY 15 ? A GLY 4  
5  1 Y 1 A SER 16 ? A SER 5  
6  1 Y 1 A SER 17 ? A SER 6  
7  1 Y 1 A GLN 18 ? A GLN 7  
8  1 Y 1 A ILE 19 ? A ILE 8  
9  1 Y 1 A PRO 20 ? A PRO 9  
10 1 Y 1 A ALA 21 ? A ALA 10 
11 1 Y 1 A SER 22 ? A SER 11 
12 1 Y 1 A GLU 23 ? A GLU 12 
13 1 Y 1 A GLN 24 ? A GLN 13 
# 
loop_
_chem_comp_atom.comp_id 
_chem_comp_atom.atom_id 
_chem_comp_atom.type_symbol 
_chem_comp_atom.pdbx_aromatic_flag 
_chem_comp_atom.pdbx_stereo_config 
_chem_comp_atom.pdbx_ordinal 
ALA N    N  N N 1   
ALA CA   C  N S 2   
ALA C    C  N N 3   
ALA O    O  N N 4   
ALA CB   C  N N 5   
ALA OXT  O  N N 6   
ALA H    H  N N 7   
ALA H2   H  N N 8   
ALA HA   H  N N 9   
ALA HB1  H  N N 10  
ALA HB2  H  N N 11  
ALA HB3  H  N N 12  
ALA HXT  H  N N 13  
ARG N    N  N N 14  
ARG CA   C  N S 15  
ARG C    C  N N 16  
ARG O    O  N N 17  
ARG CB   C  N N 18  
ARG CG   C  N N 19  
ARG CD   C  N N 20  
ARG NE   N  N N 21  
ARG CZ   C  N N 22  
ARG NH1  N  N N 23  
ARG NH2  N  N N 24  
ARG OXT  O  N N 25  
ARG H    H  N N 26  
ARG H2   H  N N 27  
ARG HA   H  N N 28  
ARG HB2  H  N N 29  
ARG HB3  H  N N 30  
ARG HG2  H  N N 31  
ARG HG3  H  N N 32  
ARG HD2  H  N N 33  
ARG HD3  H  N N 34  
ARG HE   H  N N 35  
ARG HH11 H  N N 36  
ARG HH12 H  N N 37  
ARG HH21 H  N N 38  
ARG HH22 H  N N 39  
ARG HXT  H  N N 40  
ASN N    N  N N 41  
ASN CA   C  N S 42  
ASN C    C  N N 43  
ASN O    O  N N 44  
ASN CB   C  N N 45  
ASN CG   C  N N 46  
ASN OD1  O  N N 47  
ASN ND2  N  N N 48  
ASN OXT  O  N N 49  
ASN H    H  N N 50  
ASN H2   H  N N 51  
ASN HA   H  N N 52  
ASN HB2  H  N N 53  
ASN HB3  H  N N 54  
ASN HD21 H  N N 55  
ASN HD22 H  N N 56  
ASN HXT  H  N N 57  
ASP N    N  N N 58  
ASP CA   C  N S 59  
ASP C    C  N N 60  
ASP O    O  N N 61  
ASP CB   C  N N 62  
ASP CG   C  N N 63  
ASP OD1  O  N N 64  
ASP OD2  O  N N 65  
ASP OXT  O  N N 66  
ASP H    H  N N 67  
ASP H2   H  N N 68  
ASP HA   H  N N 69  
ASP HB2  H  N N 70  
ASP HB3  H  N N 71  
ASP HD2  H  N N 72  
ASP HXT  H  N N 73  
CL  CL   CL N N 74  
CYS N    N  N N 75  
CYS CA   C  N R 76  
CYS C    C  N N 77  
CYS O    O  N N 78  
CYS CB   C  N N 79  
CYS SG   S  N N 80  
CYS OXT  O  N N 81  
CYS H    H  N N 82  
CYS H2   H  N N 83  
CYS HA   H  N N 84  
CYS HB2  H  N N 85  
CYS HB3  H  N N 86  
CYS HG   H  N N 87  
CYS HXT  H  N N 88  
GLN N    N  N N 89  
GLN CA   C  N S 90  
GLN C    C  N N 91  
GLN O    O  N N 92  
GLN CB   C  N N 93  
GLN CG   C  N N 94  
GLN CD   C  N N 95  
GLN OE1  O  N N 96  
GLN NE2  N  N N 97  
GLN OXT  O  N N 98  
GLN H    H  N N 99  
GLN H2   H  N N 100 
GLN HA   H  N N 101 
GLN HB2  H  N N 102 
GLN HB3  H  N N 103 
GLN HG2  H  N N 104 
GLN HG3  H  N N 105 
GLN HE21 H  N N 106 
GLN HE22 H  N N 107 
GLN HXT  H  N N 108 
GLU N    N  N N 109 
GLU CA   C  N S 110 
GLU C    C  N N 111 
GLU O    O  N N 112 
GLU CB   C  N N 113 
GLU CG   C  N N 114 
GLU CD   C  N N 115 
GLU OE1  O  N N 116 
GLU OE2  O  N N 117 
GLU OXT  O  N N 118 
GLU H    H  N N 119 
GLU H2   H  N N 120 
GLU HA   H  N N 121 
GLU HB2  H  N N 122 
GLU HB3  H  N N 123 
GLU HG2  H  N N 124 
GLU HG3  H  N N 125 
GLU HE2  H  N N 126 
GLU HXT  H  N N 127 
GLY N    N  N N 128 
GLY CA   C  N N 129 
GLY C    C  N N 130 
GLY O    O  N N 131 
GLY OXT  O  N N 132 
GLY H    H  N N 133 
GLY H2   H  N N 134 
GLY HA2  H  N N 135 
GLY HA3  H  N N 136 
GLY HXT  H  N N 137 
HIS N    N  N N 138 
HIS CA   C  N S 139 
HIS C    C  N N 140 
HIS O    O  N N 141 
HIS CB   C  N N 142 
HIS CG   C  Y N 143 
HIS ND1  N  Y N 144 
HIS CD2  C  Y N 145 
HIS CE1  C  Y N 146 
HIS NE2  N  Y N 147 
HIS OXT  O  N N 148 
HIS H    H  N N 149 
HIS H2   H  N N 150 
HIS HA   H  N N 151 
HIS HB2  H  N N 152 
HIS HB3  H  N N 153 
HIS HD1  H  N N 154 
HIS HD2  H  N N 155 
HIS HE1  H  N N 156 
HIS HE2  H  N N 157 
HIS HXT  H  N N 158 
HOH O    O  N N 159 
HOH H1   H  N N 160 
HOH H2   H  N N 161 
ILE N    N  N N 162 
ILE CA   C  N S 163 
ILE C    C  N N 164 
ILE O    O  N N 165 
ILE CB   C  N S 166 
ILE CG1  C  N N 167 
ILE CG2  C  N N 168 
ILE CD1  C  N N 169 
ILE OXT  O  N N 170 
ILE H    H  N N 171 
ILE H2   H  N N 172 
ILE HA   H  N N 173 
ILE HB   H  N N 174 
ILE HG12 H  N N 175 
ILE HG13 H  N N 176 
ILE HG21 H  N N 177 
ILE HG22 H  N N 178 
ILE HG23 H  N N 179 
ILE HD11 H  N N 180 
ILE HD12 H  N N 181 
ILE HD13 H  N N 182 
ILE HXT  H  N N 183 
LEU N    N  N N 184 
LEU CA   C  N S 185 
LEU C    C  N N 186 
LEU O    O  N N 187 
LEU CB   C  N N 188 
LEU CG   C  N N 189 
LEU CD1  C  N N 190 
LEU CD2  C  N N 191 
LEU OXT  O  N N 192 
LEU H    H  N N 193 
LEU H2   H  N N 194 
LEU HA   H  N N 195 
LEU HB2  H  N N 196 
LEU HB3  H  N N 197 
LEU HG   H  N N 198 
LEU HD11 H  N N 199 
LEU HD12 H  N N 200 
LEU HD13 H  N N 201 
LEU HD21 H  N N 202 
LEU HD22 H  N N 203 
LEU HD23 H  N N 204 
LEU HXT  H  N N 205 
LYS N    N  N N 206 
LYS CA   C  N S 207 
LYS C    C  N N 208 
LYS O    O  N N 209 
LYS CB   C  N N 210 
LYS CG   C  N N 211 
LYS CD   C  N N 212 
LYS CE   C  N N 213 
LYS NZ   N  N N 214 
LYS OXT  O  N N 215 
LYS H    H  N N 216 
LYS H2   H  N N 217 
LYS HA   H  N N 218 
LYS HB2  H  N N 219 
LYS HB3  H  N N 220 
LYS HG2  H  N N 221 
LYS HG3  H  N N 222 
LYS HD2  H  N N 223 
LYS HD3  H  N N 224 
LYS HE2  H  N N 225 
LYS HE3  H  N N 226 
LYS HZ1  H  N N 227 
LYS HZ2  H  N N 228 
LYS HZ3  H  N N 229 
LYS HXT  H  N N 230 
MET N    N  N N 231 
MET CA   C  N S 232 
MET C    C  N N 233 
MET O    O  N N 234 
MET CB   C  N N 235 
MET CG   C  N N 236 
MET SD   S  N N 237 
MET CE   C  N N 238 
MET OXT  O  N N 239 
MET H    H  N N 240 
MET H2   H  N N 241 
MET HA   H  N N 242 
MET HB2  H  N N 243 
MET HB3  H  N N 244 
MET HG2  H  N N 245 
MET HG3  H  N N 246 
MET HE1  H  N N 247 
MET HE2  H  N N 248 
MET HE3  H  N N 249 
MET HXT  H  N N 250 
PHE N    N  N N 251 
PHE CA   C  N S 252 
PHE C    C  N N 253 
PHE O    O  N N 254 
PHE CB   C  N N 255 
PHE CG   C  Y N 256 
PHE CD1  C  Y N 257 
PHE CD2  C  Y N 258 
PHE CE1  C  Y N 259 
PHE CE2  C  Y N 260 
PHE CZ   C  Y N 261 
PHE OXT  O  N N 262 
PHE H    H  N N 263 
PHE H2   H  N N 264 
PHE HA   H  N N 265 
PHE HB2  H  N N 266 
PHE HB3  H  N N 267 
PHE HD1  H  N N 268 
PHE HD2  H  N N 269 
PHE HE1  H  N N 270 
PHE HE2  H  N N 271 
PHE HZ   H  N N 272 
PHE HXT  H  N N 273 
PRO N    N  N N 274 
PRO CA   C  N S 275 
PRO C    C  N N 276 
PRO O    O  N N 277 
PRO CB   C  N N 278 
PRO CG   C  N N 279 
PRO CD   C  N N 280 
PRO OXT  O  N N 281 
PRO H    H  N N 282 
PRO HA   H  N N 283 
PRO HB2  H  N N 284 
PRO HB3  H  N N 285 
PRO HG2  H  N N 286 
PRO HG3  H  N N 287 
PRO HD2  H  N N 288 
PRO HD3  H  N N 289 
PRO HXT  H  N N 290 
SER N    N  N N 291 
SER CA   C  N S 292 
SER C    C  N N 293 
SER O    O  N N 294 
SER CB   C  N N 295 
SER OG   O  N N 296 
SER OXT  O  N N 297 
SER H    H  N N 298 
SER H2   H  N N 299 
SER HA   H  N N 300 
SER HB2  H  N N 301 
SER HB3  H  N N 302 
SER HG   H  N N 303 
SER HXT  H  N N 304 
THR N    N  N N 305 
THR CA   C  N S 306 
THR C    C  N N 307 
THR O    O  N N 308 
THR CB   C  N R 309 
THR OG1  O  N N 310 
THR CG2  C  N N 311 
THR OXT  O  N N 312 
THR H    H  N N 313 
THR H2   H  N N 314 
THR HA   H  N N 315 
THR HB   H  N N 316 
THR HG1  H  N N 317 
THR HG21 H  N N 318 
THR HG22 H  N N 319 
THR HG23 H  N N 320 
THR HXT  H  N N 321 
TYR N    N  N N 322 
TYR CA   C  N S 323 
TYR C    C  N N 324 
TYR O    O  N N 325 
TYR CB   C  N N 326 
TYR CG   C  Y N 327 
TYR CD1  C  Y N 328 
TYR CD2  C  Y N 329 
TYR CE1  C  Y N 330 
TYR CE2  C  Y N 331 
TYR CZ   C  Y N 332 
TYR OH   O  N N 333 
TYR OXT  O  N N 334 
TYR H    H  N N 335 
TYR H2   H  N N 336 
TYR HA   H  N N 337 
TYR HB2  H  N N 338 
TYR HB3  H  N N 339 
TYR HD1  H  N N 340 
TYR HD2  H  N N 341 
TYR HE1  H  N N 342 
TYR HE2  H  N N 343 
TYR HH   H  N N 344 
TYR HXT  H  N N 345 
UAC C10  C  N N 346 
UAC C11  C  N S 347 
UAC C13  C  N N 348 
UAC C14  C  N S 349 
UAC C16  C  N N 350 
UAC C17  C  N N 351 
UAC C19  C  N N 352 
UAC C20  C  Y N 353 
UAC C21  C  Y N 354 
UAC C22  C  Y N 355 
UAC C23  C  Y N 356 
UAC C1   C  N N 357 
UAC C2   C  N S 358 
UAC C4   C  N N 359 
UAC C5   C  N S 360 
UAC C7   C  N N 361 
UAC C8   C  N S 362 
UAC C24  C  Y N 363 
UAC C25  C  Y N 364 
UAC C26  C  N N 365 
UAC C28  C  N N 366 
UAC C29  C  N N 367 
UAC C31  C  N N 368 
UAC C32  C  Y N 369 
UAC C33  C  Y N 370 
UAC C35  C  Y N 371 
UAC C36  C  Y N 372 
UAC C37  C  Y N 373 
UAC C38  C  Y N 374 
UAC C39  C  Y N 375 
UAC C41  C  Y N 376 
UAC C42  C  N N 377 
UAC C44  C  N N 378 
UAC C45  C  N N 379 
UAC C47  C  N N 380 
UAC C48  C  N N 381 
UAC C49  C  N N 382 
UAC C50  C  N N 383 
UAC C51  C  N N 384 
UAC C52  C  N N 385 
UAC C53  C  N N 386 
UAC N3   N  N N 387 
UAC N6   N  N N 388 
UAC N9   N  N N 389 
UAC N12  N  N N 390 
UAC N15  N  N N 391 
UAC N34  N  Y N 392 
UAC O18  O  N N 393 
UAC O27  O  N N 394 
UAC O30  O  N N 395 
UAC O43  O  N N 396 
UAC O46  O  N N 397 
UAC O60  O  N N 398 
UAC CL4  CL N N 399 
UAC H1   H  N N 400 
UAC H2   H  N N 401 
UAC H3   H  N N 402 
UAC H4   H  N N 403 
UAC H5   H  N N 404 
UAC H6   H  N N 405 
UAC H7   H  N N 406 
UAC H8   H  N N 407 
UAC H9   H  N N 408 
UAC H10  H  N N 409 
UAC H11  H  N N 410 
UAC H12  H  N N 411 
UAC H13  H  N N 412 
UAC H14  H  N N 413 
UAC H15  H  N N 414 
UAC H16  H  N N 415 
UAC H17  H  N N 416 
UAC H18  H  N N 417 
UAC H19  H  N N 418 
UAC H20  H  N N 419 
UAC H21  H  N N 420 
UAC H22  H  N N 421 
UAC H23  H  N N 422 
UAC H24  H  N N 423 
UAC H25  H  N N 424 
UAC H26  H  N N 425 
UAC H27  H  N N 426 
UAC H28  H  N N 427 
UAC H29  H  N N 428 
UAC H30  H  N N 429 
UAC H31  H  N N 430 
UAC H32  H  N N 431 
UAC H33  H  N N 432 
UAC H34  H  N N 433 
UAC H35  H  N N 434 
UAC H36  H  N N 435 
UAC H37  H  N N 436 
UAC H38  H  N N 437 
UAC H39  H  N N 438 
UAC H40  H  N N 439 
UAC H41  H  N N 440 
UAC H42  H  N N 441 
UAC H43  H  N N 442 
UAC H44  H  N N 443 
UAC H45  H  N N 444 
UAC H46  H  N N 445 
UAC H47  H  N N 446 
UAC H48  H  N N 447 
UAC H49  H  N N 448 
UAC H50  H  N N 449 
UAC H51  H  N N 450 
UAC H52  H  N N 451 
UAC H53  H  N N 452 
UAC H54  H  N N 453 
UAC H55  H  N N 454 
UAC H57  H  N N 455 
UAC N54  N  N N 456 
UAC C55  C  N N 457 
UAC C56  C  N N 458 
UAC N57  N  N N 459 
UAC C58  C  N N 460 
UAC C59  C  N N 461 
UAC H56  H  N N 462 
UAC H58  H  N N 463 
UAC H59  H  N N 464 
UAC H60  H  N N 465 
UAC H61  H  N N 466 
UAC H62  H  N N 467 
UAC H63  H  N N 468 
UAC H64  H  N N 469 
UAC H65  H  N N 470 
VAL N    N  N N 471 
VAL CA   C  N S 472 
VAL C    C  N N 473 
VAL O    O  N N 474 
VAL CB   C  N N 475 
VAL CG1  C  N N 476 
VAL CG2  C  N N 477 
VAL OXT  O  N N 478 
VAL H    H  N N 479 
VAL H2   H  N N 480 
VAL HA   H  N N 481 
VAL HB   H  N N 482 
VAL HG11 H  N N 483 
VAL HG12 H  N N 484 
VAL HG13 H  N N 485 
VAL HG21 H  N N 486 
VAL HG22 H  N N 487 
VAL HG23 H  N N 488 
VAL HXT  H  N N 489 
# 
loop_
_chem_comp_bond.comp_id 
_chem_comp_bond.atom_id_1 
_chem_comp_bond.atom_id_2 
_chem_comp_bond.value_order 
_chem_comp_bond.pdbx_aromatic_flag 
_chem_comp_bond.pdbx_stereo_config 
_chem_comp_bond.pdbx_ordinal 
ALA N   CA   sing N N 1   
ALA N   H    sing N N 2   
ALA N   H2   sing N N 3   
ALA CA  C    sing N N 4   
ALA CA  CB   sing N N 5   
ALA CA  HA   sing N N 6   
ALA C   O    doub N N 7   
ALA C   OXT  sing N N 8   
ALA CB  HB1  sing N N 9   
ALA CB  HB2  sing N N 10  
ALA CB  HB3  sing N N 11  
ALA OXT HXT  sing N N 12  
ARG N   CA   sing N N 13  
ARG N   H    sing N N 14  
ARG N   H2   sing N N 15  
ARG CA  C    sing N N 16  
ARG CA  CB   sing N N 17  
ARG CA  HA   sing N N 18  
ARG C   O    doub N N 19  
ARG C   OXT  sing N N 20  
ARG CB  CG   sing N N 21  
ARG CB  HB2  sing N N 22  
ARG CB  HB3  sing N N 23  
ARG CG  CD   sing N N 24  
ARG CG  HG2  sing N N 25  
ARG CG  HG3  sing N N 26  
ARG CD  NE   sing N N 27  
ARG CD  HD2  sing N N 28  
ARG CD  HD3  sing N N 29  
ARG NE  CZ   sing N N 30  
ARG NE  HE   sing N N 31  
ARG CZ  NH1  sing N N 32  
ARG CZ  NH2  doub N N 33  
ARG NH1 HH11 sing N N 34  
ARG NH1 HH12 sing N N 35  
ARG NH2 HH21 sing N N 36  
ARG NH2 HH22 sing N N 37  
ARG OXT HXT  sing N N 38  
ASN N   CA   sing N N 39  
ASN N   H    sing N N 40  
ASN N   H2   sing N N 41  
ASN CA  C    sing N N 42  
ASN CA  CB   sing N N 43  
ASN CA  HA   sing N N 44  
ASN C   O    doub N N 45  
ASN C   OXT  sing N N 46  
ASN CB  CG   sing N N 47  
ASN CB  HB2  sing N N 48  
ASN CB  HB3  sing N N 49  
ASN CG  OD1  doub N N 50  
ASN CG  ND2  sing N N 51  
ASN ND2 HD21 sing N N 52  
ASN ND2 HD22 sing N N 53  
ASN OXT HXT  sing N N 54  
ASP N   CA   sing N N 55  
ASP N   H    sing N N 56  
ASP N   H2   sing N N 57  
ASP CA  C    sing N N 58  
ASP CA  CB   sing N N 59  
ASP CA  HA   sing N N 60  
ASP C   O    doub N N 61  
ASP C   OXT  sing N N 62  
ASP CB  CG   sing N N 63  
ASP CB  HB2  sing N N 64  
ASP CB  HB3  sing N N 65  
ASP CG  OD1  doub N N 66  
ASP CG  OD2  sing N N 67  
ASP OD2 HD2  sing N N 68  
ASP OXT HXT  sing N N 69  
CYS N   CA   sing N N 70  
CYS N   H    sing N N 71  
CYS N   H2   sing N N 72  
CYS CA  C    sing N N 73  
CYS CA  CB   sing N N 74  
CYS CA  HA   sing N N 75  
CYS C   O    doub N N 76  
CYS C   OXT  sing N N 77  
CYS CB  SG   sing N N 78  
CYS CB  HB2  sing N N 79  
CYS CB  HB3  sing N N 80  
CYS SG  HG   sing N N 81  
CYS OXT HXT  sing N N 82  
GLN N   CA   sing N N 83  
GLN N   H    sing N N 84  
GLN N   H2   sing N N 85  
GLN CA  C    sing N N 86  
GLN CA  CB   sing N N 87  
GLN CA  HA   sing N N 88  
GLN C   O    doub N N 89  
GLN C   OXT  sing N N 90  
GLN CB  CG   sing N N 91  
GLN CB  HB2  sing N N 92  
GLN CB  HB3  sing N N 93  
GLN CG  CD   sing N N 94  
GLN CG  HG2  sing N N 95  
GLN CG  HG3  sing N N 96  
GLN CD  OE1  doub N N 97  
GLN CD  NE2  sing N N 98  
GLN NE2 HE21 sing N N 99  
GLN NE2 HE22 sing N N 100 
GLN OXT HXT  sing N N 101 
GLU N   CA   sing N N 102 
GLU N   H    sing N N 103 
GLU N   H2   sing N N 104 
GLU CA  C    sing N N 105 
GLU CA  CB   sing N N 106 
GLU CA  HA   sing N N 107 
GLU C   O    doub N N 108 
GLU C   OXT  sing N N 109 
GLU CB  CG   sing N N 110 
GLU CB  HB2  sing N N 111 
GLU CB  HB3  sing N N 112 
GLU CG  CD   sing N N 113 
GLU CG  HG2  sing N N 114 
GLU CG  HG3  sing N N 115 
GLU CD  OE1  doub N N 116 
GLU CD  OE2  sing N N 117 
GLU OE2 HE2  sing N N 118 
GLU OXT HXT  sing N N 119 
GLY N   CA   sing N N 120 
GLY N   H    sing N N 121 
GLY N   H2   sing N N 122 
GLY CA  C    sing N N 123 
GLY CA  HA2  sing N N 124 
GLY CA  HA3  sing N N 125 
GLY C   O    doub N N 126 
GLY C   OXT  sing N N 127 
GLY OXT HXT  sing N N 128 
HIS N   CA   sing N N 129 
HIS N   H    sing N N 130 
HIS N   H2   sing N N 131 
HIS CA  C    sing N N 132 
HIS CA  CB   sing N N 133 
HIS CA  HA   sing N N 134 
HIS C   O    doub N N 135 
HIS C   OXT  sing N N 136 
HIS CB  CG   sing N N 137 
HIS CB  HB2  sing N N 138 
HIS CB  HB3  sing N N 139 
HIS CG  ND1  sing Y N 140 
HIS CG  CD2  doub Y N 141 
HIS ND1 CE1  doub Y N 142 
HIS ND1 HD1  sing N N 143 
HIS CD2 NE2  sing Y N 144 
HIS CD2 HD2  sing N N 145 
HIS CE1 NE2  sing Y N 146 
HIS CE1 HE1  sing N N 147 
HIS NE2 HE2  sing N N 148 
HIS OXT HXT  sing N N 149 
HOH O   H1   sing N N 150 
HOH O   H2   sing N N 151 
ILE N   CA   sing N N 152 
ILE N   H    sing N N 153 
ILE N   H2   sing N N 154 
ILE CA  C    sing N N 155 
ILE CA  CB   sing N N 156 
ILE CA  HA   sing N N 157 
ILE C   O    doub N N 158 
ILE C   OXT  sing N N 159 
ILE CB  CG1  sing N N 160 
ILE CB  CG2  sing N N 161 
ILE CB  HB   sing N N 162 
ILE CG1 CD1  sing N N 163 
ILE CG1 HG12 sing N N 164 
ILE CG1 HG13 sing N N 165 
ILE CG2 HG21 sing N N 166 
ILE CG2 HG22 sing N N 167 
ILE CG2 HG23 sing N N 168 
ILE CD1 HD11 sing N N 169 
ILE CD1 HD12 sing N N 170 
ILE CD1 HD13 sing N N 171 
ILE OXT HXT  sing N N 172 
LEU N   CA   sing N N 173 
LEU N   H    sing N N 174 
LEU N   H2   sing N N 175 
LEU CA  C    sing N N 176 
LEU CA  CB   sing N N 177 
LEU CA  HA   sing N N 178 
LEU C   O    doub N N 179 
LEU C   OXT  sing N N 180 
LEU CB  CG   sing N N 181 
LEU CB  HB2  sing N N 182 
LEU CB  HB3  sing N N 183 
LEU CG  CD1  sing N N 184 
LEU CG  CD2  sing N N 185 
LEU CG  HG   sing N N 186 
LEU CD1 HD11 sing N N 187 
LEU CD1 HD12 sing N N 188 
LEU CD1 HD13 sing N N 189 
LEU CD2 HD21 sing N N 190 
LEU CD2 HD22 sing N N 191 
LEU CD2 HD23 sing N N 192 
LEU OXT HXT  sing N N 193 
LYS N   CA   sing N N 194 
LYS N   H    sing N N 195 
LYS N   H2   sing N N 196 
LYS CA  C    sing N N 197 
LYS CA  CB   sing N N 198 
LYS CA  HA   sing N N 199 
LYS C   O    doub N N 200 
LYS C   OXT  sing N N 201 
LYS CB  CG   sing N N 202 
LYS CB  HB2  sing N N 203 
LYS CB  HB3  sing N N 204 
LYS CG  CD   sing N N 205 
LYS CG  HG2  sing N N 206 
LYS CG  HG3  sing N N 207 
LYS CD  CE   sing N N 208 
LYS CD  HD2  sing N N 209 
LYS CD  HD3  sing N N 210 
LYS CE  NZ   sing N N 211 
LYS CE  HE2  sing N N 212 
LYS CE  HE3  sing N N 213 
LYS NZ  HZ1  sing N N 214 
LYS NZ  HZ2  sing N N 215 
LYS NZ  HZ3  sing N N 216 
LYS OXT HXT  sing N N 217 
MET N   CA   sing N N 218 
MET N   H    sing N N 219 
MET N   H2   sing N N 220 
MET CA  C    sing N N 221 
MET CA  CB   sing N N 222 
MET CA  HA   sing N N 223 
MET C   O    doub N N 224 
MET C   OXT  sing N N 225 
MET CB  CG   sing N N 226 
MET CB  HB2  sing N N 227 
MET CB  HB3  sing N N 228 
MET CG  SD   sing N N 229 
MET CG  HG2  sing N N 230 
MET CG  HG3  sing N N 231 
MET SD  CE   sing N N 232 
MET CE  HE1  sing N N 233 
MET CE  HE2  sing N N 234 
MET CE  HE3  sing N N 235 
MET OXT HXT  sing N N 236 
PHE N   CA   sing N N 237 
PHE N   H    sing N N 238 
PHE N   H2   sing N N 239 
PHE CA  C    sing N N 240 
PHE CA  CB   sing N N 241 
PHE CA  HA   sing N N 242 
PHE C   O    doub N N 243 
PHE C   OXT  sing N N 244 
PHE CB  CG   sing N N 245 
PHE CB  HB2  sing N N 246 
PHE CB  HB3  sing N N 247 
PHE CG  CD1  doub Y N 248 
PHE CG  CD2  sing Y N 249 
PHE CD1 CE1  sing Y N 250 
PHE CD1 HD1  sing N N 251 
PHE CD2 CE2  doub Y N 252 
PHE CD2 HD2  sing N N 253 
PHE CE1 CZ   doub Y N 254 
PHE CE1 HE1  sing N N 255 
PHE CE2 CZ   sing Y N 256 
PHE CE2 HE2  sing N N 257 
PHE CZ  HZ   sing N N 258 
PHE OXT HXT  sing N N 259 
PRO N   CA   sing N N 260 
PRO N   CD   sing N N 261 
PRO N   H    sing N N 262 
PRO CA  C    sing N N 263 
PRO CA  CB   sing N N 264 
PRO CA  HA   sing N N 265 
PRO C   O    doub N N 266 
PRO C   OXT  sing N N 267 
PRO CB  CG   sing N N 268 
PRO CB  HB2  sing N N 269 
PRO CB  HB3  sing N N 270 
PRO CG  CD   sing N N 271 
PRO CG  HG2  sing N N 272 
PRO CG  HG3  sing N N 273 
PRO CD  HD2  sing N N 274 
PRO CD  HD3  sing N N 275 
PRO OXT HXT  sing N N 276 
SER N   CA   sing N N 277 
SER N   H    sing N N 278 
SER N   H2   sing N N 279 
SER CA  C    sing N N 280 
SER CA  CB   sing N N 281 
SER CA  HA   sing N N 282 
SER C   O    doub N N 283 
SER C   OXT  sing N N 284 
SER CB  OG   sing N N 285 
SER CB  HB2  sing N N 286 
SER CB  HB3  sing N N 287 
SER OG  HG   sing N N 288 
SER OXT HXT  sing N N 289 
THR N   CA   sing N N 290 
THR N   H    sing N N 291 
THR N   H2   sing N N 292 
THR CA  C    sing N N 293 
THR CA  CB   sing N N 294 
THR CA  HA   sing N N 295 
THR C   O    doub N N 296 
THR C   OXT  sing N N 297 
THR CB  OG1  sing N N 298 
THR CB  CG2  sing N N 299 
THR CB  HB   sing N N 300 
THR OG1 HG1  sing N N 301 
THR CG2 HG21 sing N N 302 
THR CG2 HG22 sing N N 303 
THR CG2 HG23 sing N N 304 
THR OXT HXT  sing N N 305 
TYR N   CA   sing N N 306 
TYR N   H    sing N N 307 
TYR N   H2   sing N N 308 
TYR CA  C    sing N N 309 
TYR CA  CB   sing N N 310 
TYR CA  HA   sing N N 311 
TYR C   O    doub N N 312 
TYR C   OXT  sing N N 313 
TYR CB  CG   sing N N 314 
TYR CB  HB2  sing N N 315 
TYR CB  HB3  sing N N 316 
TYR CG  CD1  doub Y N 317 
TYR CG  CD2  sing Y N 318 
TYR CD1 CE1  sing Y N 319 
TYR CD1 HD1  sing N N 320 
TYR CD2 CE2  doub Y N 321 
TYR CD2 HD2  sing N N 322 
TYR CE1 CZ   doub Y N 323 
TYR CE1 HE1  sing N N 324 
TYR CE2 CZ   sing Y N 325 
TYR CE2 HE2  sing N N 326 
TYR CZ  OH   sing N N 327 
TYR OH  HH   sing N N 328 
TYR OXT HXT  sing N N 329 
UAC C50 C49  sing N N 330 
UAC CL4 C39  sing N N 331 
UAC O60 C53  doub N N 332 
UAC C49 C51  sing N N 333 
UAC C49 C52  sing N N 334 
UAC C49 C48  sing N N 335 
UAC C47 C48  sing N N 336 
UAC C47 N3   sing N N 337 
UAC C1  C2   sing N N 338 
UAC C41 C39  doub Y N 339 
UAC C41 C35  sing Y N 340 
UAC C53 C2   sing N N 341 
UAC C39 C38  sing Y N 342 
UAC C2  N3   sing N N 343 
UAC N3  C4   sing N N 344 
UAC C45 C5   sing N N 345 
UAC C35 N34  sing Y N 346 
UAC C35 C36  doub Y N 347 
UAC N34 C33  sing Y N 348 
UAC C38 C37  doub Y N 349 
UAC C4  C5   sing N N 350 
UAC C4  O46  doub N N 351 
UAC C5  N6   sing N N 352 
UAC C36 C37  sing Y N 353 
UAC C36 C32  sing Y N 354 
UAC C33 C32  doub Y N 355 
UAC N6  C44  sing N N 356 
UAC N6  C7   sing N N 357 
UAC C32 C31  sing N N 358 
UAC O43 C7   doub N N 359 
UAC C7  C8   sing N N 360 
UAC C31 N9   sing N N 361 
UAC C23 C24  doub Y N 362 
UAC C23 C22  sing Y N 363 
UAC N9  C8   sing N N 364 
UAC N9  C10  sing N N 365 
UAC C29 C11  sing N N 366 
UAC C8  C42  sing N N 367 
UAC C24 C25  sing Y N 368 
UAC C22 C21  doub Y N 369 
UAC C11 C10  sing N N 370 
UAC C11 N12  sing N N 371 
UAC C10 O30  doub N N 372 
UAC C25 C20  doub Y N 373 
UAC C21 C20  sing Y N 374 
UAC N12 C28  sing N N 375 
UAC N12 C13  sing N N 376 
UAC C20 C19  sing N N 377 
UAC O27 C13  doub N N 378 
UAC C13 C14  sing N N 379 
UAC C19 N15  sing N N 380 
UAC C14 N15  sing N N 381 
UAC C14 C26  sing N N 382 
UAC N15 C16  sing N N 383 
UAC C16 C17  sing N N 384 
UAC C16 O18  doub N N 385 
UAC C11 H1   sing N N 386 
UAC C14 H2   sing N N 387 
UAC C17 H3   sing N N 388 
UAC C17 H4   sing N N 389 
UAC C17 H5   sing N N 390 
UAC C19 H6   sing N N 391 
UAC C19 H7   sing N N 392 
UAC C21 H8   sing N N 393 
UAC C22 H9   sing N N 394 
UAC C23 H10  sing N N 395 
UAC C1  H11  sing N N 396 
UAC C1  H12  sing N N 397 
UAC C1  H13  sing N N 398 
UAC C2  H14  sing N N 399 
UAC C5  H15  sing N N 400 
UAC C8  H16  sing N N 401 
UAC C24 H17  sing N N 402 
UAC C25 H18  sing N N 403 
UAC C26 H19  sing N N 404 
UAC C26 H20  sing N N 405 
UAC C26 H21  sing N N 406 
UAC C28 H22  sing N N 407 
UAC C28 H23  sing N N 408 
UAC C28 H24  sing N N 409 
UAC C29 H25  sing N N 410 
UAC C29 H26  sing N N 411 
UAC C29 H27  sing N N 412 
UAC C31 H28  sing N N 413 
UAC C31 H29  sing N N 414 
UAC C33 H30  sing N N 415 
UAC C37 H31  sing N N 416 
UAC C38 H32  sing N N 417 
UAC C41 H33  sing N N 418 
UAC C42 H34  sing N N 419 
UAC C42 H35  sing N N 420 
UAC C42 H36  sing N N 421 
UAC C44 H37  sing N N 422 
UAC C44 H38  sing N N 423 
UAC C44 H39  sing N N 424 
UAC C45 H40  sing N N 425 
UAC C45 H41  sing N N 426 
UAC C45 H42  sing N N 427 
UAC C47 H43  sing N N 428 
UAC C47 H44  sing N N 429 
UAC C48 H45  sing N N 430 
UAC C48 H46  sing N N 431 
UAC C50 H47  sing N N 432 
UAC C50 H48  sing N N 433 
UAC C50 H49  sing N N 434 
UAC C51 H50  sing N N 435 
UAC C51 H51  sing N N 436 
UAC C51 H52  sing N N 437 
UAC C52 H53  sing N N 438 
UAC C52 H54  sing N N 439 
UAC C52 H55  sing N N 440 
UAC N34 H57  sing N N 441 
UAC C53 N54  sing N N 442 
UAC N54 C55  sing N N 443 
UAC C55 C56  sing N N 444 
UAC C56 N57  sing N N 445 
UAC N57 C58  sing N N 446 
UAC C58 C59  sing N N 447 
UAC C59 N54  sing N N 448 
UAC C55 H56  sing N N 449 
UAC C55 H58  sing N N 450 
UAC C56 H59  sing N N 451 
UAC C56 H60  sing N N 452 
UAC N57 H61  sing N N 453 
UAC C58 H62  sing N N 454 
UAC C58 H63  sing N N 455 
UAC C59 H64  sing N N 456 
UAC C59 H65  sing N N 457 
VAL N   CA   sing N N 458 
VAL N   H    sing N N 459 
VAL N   H2   sing N N 460 
VAL CA  C    sing N N 461 
VAL CA  CB   sing N N 462 
VAL CA  HA   sing N N 463 
VAL C   O    doub N N 464 
VAL C   OXT  sing N N 465 
VAL CB  CG1  sing N N 466 
VAL CB  CG2  sing N N 467 
VAL CB  HB   sing N N 468 
VAL CG1 HG11 sing N N 469 
VAL CG1 HG12 sing N N 470 
VAL CG1 HG13 sing N N 471 
VAL CG2 HG21 sing N N 472 
VAL CG2 HG22 sing N N 473 
VAL CG2 HG23 sing N N 474 
VAL OXT HXT  sing N N 475 
# 
loop_
_pdbx_audit_support.funding_organization 
_pdbx_audit_support.country 
_pdbx_audit_support.grant_number 
_pdbx_audit_support.ordinal 
'Japan Agency for Medical Research and Development (AMED)' Japan JP21am0101070 1 
'Japan Science and Technology'                             Japan JPMJCR21N5    2 
'Japan Science and Technology'                             Japan JPMJPR21AF    3 
'Japan Agency for Medical Research and Development (AMED)' Japan JP22ama121033 4 
# 
_pdbx_initial_refinement_model.id               1 
_pdbx_initial_refinement_model.entity_id_list   ? 
_pdbx_initial_refinement_model.type             'experimental model' 
_pdbx_initial_refinement_model.source_name      PDB 
_pdbx_initial_refinement_model.accession_code   5afg 
_pdbx_initial_refinement_model.details          ? 
# 
_space_group.name_H-M_alt     'P 21 21 21' 
_space_group.name_Hall        'P 2ac 2ab' 
_space_group.IT_number        19 
_space_group.crystal_system   orthorhombic 
_space_group.id               1 
# 
_atom_sites.entry_id                    8J81 
_atom_sites.Cartn_transf_matrix[1][1]   ? 
_atom_sites.Cartn_transf_matrix[1][2]   ? 
_atom_sites.Cartn_transf_matrix[1][3]   ? 
_atom_sites.Cartn_transf_matrix[2][1]   ? 
_atom_sites.Cartn_transf_matrix[2][2]   ? 
_atom_sites.Cartn_transf_matrix[2][3]   ? 
_atom_sites.Cartn_transf_matrix[3][1]   ? 
_atom_sites.Cartn_transf_matrix[3][2]   ? 
_atom_sites.Cartn_transf_matrix[3][3]   ? 
_atom_sites.Cartn_transf_vector[1]      ? 
_atom_sites.Cartn_transf_vector[2]      ? 
_atom_sites.Cartn_transf_vector[3]      ? 
_atom_sites.fract_transf_matrix[1][1]   0.01918911 
_atom_sites.fract_transf_matrix[1][2]   0.01649224 
_atom_sites.fract_transf_matrix[1][3]   0.00016104 
_atom_sites.fract_transf_matrix[2][1]   -0.01361598 
_atom_sites.fract_transf_matrix[2][2]   0.01590280 
_atom_sites.fract_transf_matrix[2][3]   -0.00617448 
_atom_sites.fract_transf_matrix[3][1]   -0.00296303 
_atom_sites.fract_transf_matrix[3][2]   0.00330075 
_atom_sites.fract_transf_matrix[3][3]   0.01503538 
_atom_sites.fract_transf_vector[1]      0.039143 
_atom_sites.fract_transf_vector[2]      0.202103 
_atom_sites.fract_transf_vector[3]      0.126349 
_atom_sites.solution_primary            ? 
_atom_sites.solution_secondary          ? 
_atom_sites.solution_hydrogens          ? 
_atom_sites.special_details             ? 
# 
loop_
_atom_type.symbol 
_atom_type.scat_dispersion_real 
_atom_type.scat_dispersion_imag 
_atom_type.scat_Cromer_Mann_a1 
_atom_type.scat_Cromer_Mann_a2 
_atom_type.scat_Cromer_Mann_a3 
_atom_type.scat_Cromer_Mann_a4 
_atom_type.scat_Cromer_Mann_b1 
_atom_type.scat_Cromer_Mann_b2 
_atom_type.scat_Cromer_Mann_b3 
_atom_type.scat_Cromer_Mann_b4 
_atom_type.scat_Cromer_Mann_c 
_atom_type.scat_source 
_atom_type.scat_dispersion_source 
C  ? ? 3.54356 2.42580 ? ? 25.62398 1.50364  ? ? 0.0 
;2-Gaussian fit: Grosse-Kunstleve RW, Sauter NK, Adams PD: Newsletter of the IUCr Commission on Crystallographic Computing 2004, 3, 22-31.
;
? 
CL ? ? 9.50761 7.44341 ? ? 1.04373  23.83732 ? ? 0.0 
;2-Gaussian fit: Grosse-Kunstleve RW, Sauter NK, Adams PD: Newsletter of the IUCr Commission on Crystallographic Computing 2004, 3, 22-31.
;
? 
N  ? ? 4.01032 2.96436 ? ? 19.97189 1.75589  ? ? 0.0 
;2-Gaussian fit: Grosse-Kunstleve RW, Sauter NK, Adams PD: Newsletter of the IUCr Commission on Crystallographic Computing 2004, 3, 22-31.
;
? 
O  ? ? 4.49882 3.47563 ? ? 15.80542 1.70748  ? ? 0.0 
;2-Gaussian fit: Grosse-Kunstleve RW, Sauter NK, Adams PD: Newsletter of the IUCr Commission on Crystallographic Computing 2004, 3, 22-31.
;
? 
S  ? ? 9.55732 6.39887 ? ? 1.23737  29.19336 ? ? 0.0 
;2-Gaussian fit: Grosse-Kunstleve RW, Sauter NK, Adams PD: Newsletter of the IUCr Commission on Crystallographic Computing 2004, 3, 22-31.
;
? 
# 
loop_
_atom_site.group_PDB 
_atom_site.id 
_atom_site.type_symbol 
_atom_site.label_atom_id 
_atom_site.label_alt_id 
_atom_site.label_comp_id 
_atom_site.label_asym_id 
_atom_site.label_entity_id 
_atom_site.label_seq_id 
_atom_site.pdbx_PDB_ins_code 
_atom_site.Cartn_x 
_atom_site.Cartn_y 
_atom_site.Cartn_z 
_atom_site.occupancy 
_atom_site.B_iso_or_equiv 
_atom_site.pdbx_formal_charge 
_atom_site.auth_seq_id 
_atom_site.auth_comp_id 
_atom_site.auth_asym_id 
_atom_site.auth_atom_id 
_atom_site.pdbx_PDB_model_num 
ATOM   1   N  N   . GLU A 1 14  ? -1.90082  -17.79817 -3.28514  1.000 37.19666 ? 25  GLU A N   1 
ATOM   2   C  CA  . GLU A 1 14  ? -1.08970  -16.58824 -3.35690  1.000 27.01154 ? 25  GLU A CA  1 
ATOM   3   C  C   . GLU A 1 14  ? -1.32848  -15.82929 -4.65713  1.000 30.31662 ? 25  GLU A C   1 
ATOM   4   O  O   . GLU A 1 14  ? -1.54160  -16.42759 -5.71424  1.000 35.41380 ? 25  GLU A O   1 
ATOM   5   C  CB  . GLU A 1 14  ? 0.39999   -16.92734 -3.22976  1.000 32.40741 ? 25  GLU A CB  1 
ATOM   6   C  CG  . GLU A 1 14  ? 0.93892   -17.81709 -4.34955  1.000 43.53113 ? 25  GLU A CG  1 
ATOM   7   C  CD  . GLU A 1 14  ? 2.45019   -17.98453 -4.29940  1.000 39.70040 ? 25  GLU A CD  1 
ATOM   8   O  OE1 . GLU A 1 14  ? 3.07474   -17.50151 -3.33086  1.000 45.23100 ? 25  GLU A OE1 1 
ATOM   9   O  OE2 . GLU A 1 14  ? 3.01323   -18.59618 -5.23499  1.000 47.59953 ? 25  GLU A OE2 1 
ATOM   10  N  N   . THR A 1 15  ? -1.28965  -14.50347 -4.56998  1.000 24.05363 ? 26  THR A N   1 
ATOM   11  C  CA  . THR A 1 15  ? -1.36120  -13.62579 -5.73358  1.000 21.53879 ? 26  THR A CA  1 
ATOM   12  C  C   . THR A 1 15  ? -0.00640  -12.94691 -5.88386  1.000 20.84238 ? 26  THR A C   1 
ATOM   13  O  O   . THR A 1 15  ? 0.43739   -12.23285 -4.97492  1.000 21.94842 ? 26  THR A O   1 
ATOM   14  C  CB  . THR A 1 15  ? -2.45812  -12.57399 -5.56178  1.000 24.33235 ? 26  THR A CB  1 
ATOM   15  O  OG1 . THR A 1 15  ? -3.72417  -13.22269 -5.39761  1.000 29.86999 ? 26  THR A OG1 1 
ATOM   16  C  CG2 . THR A 1 15  ? -2.52629  -11.66896 -6.79199  1.000 26.06766 ? 26  THR A CG2 1 
ATOM   17  N  N   A LEU A 1 16  ? 0.65419   -13.19033 -7.00616  0.762 19.87129 ? 27  LEU A N   1 
ATOM   18  N  N   B LEU A 1 16  ? 0.62695   -13.13958 -7.03900  0.238 19.85503 ? 27  LEU A N   1 
ATOM   19  C  CA  A LEU A 1 16  ? 1.94207   -12.57518 -7.27816  0.762 19.47998 ? 27  LEU A CA  1 
ATOM   20  C  CA  B LEU A 1 16  ? 1.95613   -12.61050 -7.32243  0.238 19.47402 ? 27  LEU A CA  1 
ATOM   21  C  C   A LEU A 1 16  ? 1.71825   -11.28986 -8.05129  0.762 17.35158 ? 27  LEU A C   1 
ATOM   22  C  C   B LEU A 1 16  ? 1.82429   -11.33499 -8.14572  0.238 17.40949 ? 27  LEU A C   1 
ATOM   23  O  O   A LEU A 1 16  ? 0.84276   -11.21150 -8.92257  0.762 16.91710 ? 27  LEU A O   1 
ATOM   24  O  O   B LEU A 1 16  ? 1.14194   -11.32396 -9.17525  0.238 17.95559 ? 27  LEU A O   1 
ATOM   25  C  CB  A LEU A 1 16  ? 2.84879   -13.51402 -8.06972  0.762 21.02097 ? 27  LEU A CB  1 
ATOM   26  C  CB  B LEU A 1 16  ? 2.76938   -13.64539 -8.09909  0.238 21.16576 ? 27  LEU A CB  1 
ATOM   27  C  CG  A LEU A 1 16  ? 3.12875   -14.86001 -7.39899  0.762 21.40500 ? 27  LEU A CG  1 
ATOM   28  C  CG  B LEU A 1 16  ? 4.24242   -13.81718 -7.73048  0.238 21.46966 ? 27  LEU A CG  1 
ATOM   29  C  CD1 A LEU A 1 16  ? 4.21909   -15.61652 -8.14512  0.762 27.15708 ? 27  LEU A CD1 1 
ATOM   30  C  CD1 B LEU A 1 16  ? 4.39278   -14.19638 -6.26690  0.238 20.44471 ? 27  LEU A CD1 1 
ATOM   31  C  CD2 A LEU A 1 16  ? 3.48394   -14.68662 -5.92522  0.762 22.70038 ? 27  LEU A CD2 1 
ATOM   32  C  CD2 B LEU A 1 16  ? 4.89948   -14.85837 -8.62669  0.238 25.13858 ? 27  LEU A CD2 1 
ATOM   33  N  N   . VAL A 1 17  ? 2.48469   -10.26591 -7.69949  1.000 14.57536 ? 28  VAL A N   1 
ATOM   34  C  CA  . VAL A 1 17  ? 2.26140   -8.93357  -8.23954  1.000 14.12915 ? 28  VAL A CA  1 
ATOM   35  C  C   . VAL A 1 17  ? 3.58535   -8.23774  -8.47784  1.000 12.55310 ? 28  VAL A C   1 
ATOM   36  O  O   . VAL A 1 17  ? 4.55999   -8.43954  -7.74428  1.000 14.12856 ? 28  VAL A O   1 
ATOM   37  C  CB  . VAL A 1 17  ? 1.36496   -8.06540  -7.31746  1.000 13.67752 ? 28  VAL A CB  1 
ATOM   38  C  CG1 . VAL A 1 17  ? -0.02126  -8.66235  -7.16663  1.000 16.42462 ? 28  VAL A CG1 1 
ATOM   39  C  CG2 . VAL A 1 17  ? 2.00295   -7.87798  -5.93493  1.000 15.70342 ? 28  VAL A CG2 1 
ATOM   40  N  N   A ARG A 1 18  ? 3.60849   -7.38978  -9.49862  0.469 13.34111 ? 29  ARG A N   1 
ATOM   41  N  N   B ARG A 1 18  ? 3.60900   -7.40030  -9.50815  0.531 13.33331 ? 29  ARG A N   1 
ATOM   42  C  CA  A ARG A 1 18  ? 4.76402   -6.54879  -9.78004  0.469 14.85107 ? 29  ARG A CA  1 
ATOM   43  C  CA  B ARG A 1 18  ? 4.74908   -6.53953  -9.79201  0.531 14.85975 ? 29  ARG A CA  1 
ATOM   44  C  C   A ARG A 1 18  ? 4.36052   -5.09861  -9.55762  0.469 14.76992 ? 29  ARG A C   1 
ATOM   45  C  C   B ARG A 1 18  ? 4.32617   -5.10153  -9.53848  0.531 14.80752 ? 29  ARG A C   1 
ATOM   46  O  O   A ARG A 1 18  ? 3.60789   -4.53643  -10.37250 0.469 14.98480 ? 29  ARG A O   1 
ATOM   47  O  O   B ARG A 1 18  ? 3.52634   -4.54864  -10.31374 0.531 14.81402 ? 29  ARG A O   1 
ATOM   48  C  CB  A ARG A 1 18  ? 5.22259   -6.75879  -11.22278 0.469 15.77575 ? 29  ARG A CB  1 
ATOM   49  C  CB  B ARG A 1 18  ? 5.18466   -6.70822  -11.24667 0.531 15.68419 ? 29  ARG A CB  1 
ATOM   50  C  CG  A ARG A 1 18  ? 6.55891   -6.12182  -11.55631 0.469 20.92686 ? 29  ARG A CG  1 
ATOM   51  C  CG  B ARG A 1 18  ? 6.42660   -5.91820  -11.61118 0.531 21.43917 ? 29  ARG A CG  1 
ATOM   52  C  CD  A ARG A 1 18  ? 7.07207   -6.61124  -12.89945 0.469 28.22552 ? 29  ARG A CD  1 
ATOM   53  C  CD  B ARG A 1 18  ? 6.82679   -6.15879  -13.05532 0.531 27.24228 ? 29  ARG A CD  1 
ATOM   54  N  NE  A ARG A 1 18  ? 6.00648   -6.67762  -13.89264 0.469 31.98005 ? 29  ARG A NE  1 
ATOM   55  N  NE  B ARG A 1 18  ? 7.01163   -7.57861  -13.33040 0.531 28.83813 ? 29  ARG A NE  1 
ATOM   56  C  CZ  A ARG A 1 18  ? 5.64213   -5.66872  -14.67180 0.469 25.67921 ? 29  ARG A CZ  1 
ATOM   57  C  CZ  B ARG A 1 18  ? 8.11851   -8.25625  -13.06176 0.531 34.73691 ? 29  ARG A CZ  1 
ATOM   58  N  NH1 A ARG A 1 18  ? 6.22987   -4.48796  -14.59286 0.469 34.07978 ? 29  ARG A NH1 1 
ATOM   59  N  NH1 B ARG A 1 18  ? 9.16471   -7.67525  -12.50003 0.531 30.53438 ? 29  ARG A NH1 1 
ATOM   60  N  NH2 A ARG A 1 18  ? 4.66730   -5.85171  -15.55720 0.469 30.25407 ? 29  ARG A NH2 1 
ATOM   61  N  NH2 B ARG A 1 18  ? 8.17612   -9.55083  -13.36206 0.531 28.25670 ? 29  ARG A NH2 1 
ATOM   62  N  N   . PRO A 1 19  ? 4.79492   -4.47173  -8.46380  1.000 13.29808 ? 30  PRO A N   1 
ATOM   63  C  CA  . PRO A 1 19  ? 4.42081   -3.07318  -8.20878  1.000 12.24241 ? 30  PRO A CA  1 
ATOM   64  C  C   . PRO A 1 19  ? 4.91003   -2.14967  -9.31000  1.000 13.21014 ? 30  PRO A C   1 
ATOM   65  O  O   . PRO A 1 19  ? 6.00695   -2.31366  -9.85076  1.000 15.30436 ? 30  PRO A O   1 
ATOM   66  C  CB  . PRO A 1 19  ? 5.12407   -2.76374  -6.88211  1.000 14.23807 ? 30  PRO A CB  1 
ATOM   67  C  CG  . PRO A 1 19  ? 5.20235   -4.11858  -6.19304  1.000 14.54370 ? 30  PRO A CG  1 
ATOM   68  C  CD  . PRO A 1 19  ? 5.52070   -5.07701  -7.33493  1.000 15.52235 ? 30  PRO A CD  1 
ATOM   69  N  N   . LYS A 1 20  ? 4.08223   -1.16040  -9.62919  1.000 12.49142 ? 31  LYS A N   1 
ATOM   70  C  CA  . LYS A 1 20  ? 4.49883   -0.09845  -10.53038 1.000 14.40244 ? 31  LYS A CA  1 
ATOM   71  C  C   . LYS A 1 20  ? 5.55931   0.75219   -9.82407  1.000 13.13819 ? 31  LYS A C   1 
ATOM   72  O  O   . LYS A 1 20  ? 5.75381   0.63585   -8.61545  1.000 13.61844 ? 31  LYS A O   1 
ATOM   73  C  CB  . LYS A 1 20  ? 3.27869   0.70947   -10.96582 1.000 13.76400 ? 31  LYS A CB  1 
ATOM   74  C  CG  . LYS A 1 20  ? 2.33477   -0.08537  -11.85979 1.000 15.39665 ? 31  LYS A CG  1 
ATOM   75  C  CD  . LYS A 1 20  ? 1.09002   0.68986   -12.21967 1.000 17.23071 ? 31  LYS A CD  1 
ATOM   76  C  CE  . LYS A 1 20  ? 0.08778   -0.21963  -12.91344 1.000 21.54681 ? 31  LYS A CE  1 
ATOM   77  N  NZ  . LYS A 1 20  ? -1.11756  0.51888   -13.35629 1.000 23.22832 ? 31  LYS A NZ  1 
ATOM   78  N  N   . PRO A 1 21  ? 6.29021   1.60184   -10.55731 1.000 13.62352 ? 32  PRO A N   1 
ATOM   79  C  CA  . PRO A 1 21  ? 7.48576   2.23469   -9.96048  1.000 14.62951 ? 32  PRO A CA  1 
ATOM   80  C  C   . PRO A 1 21  ? 7.26707   3.03131   -8.68158  1.000 13.15301 ? 32  PRO A C   1 
ATOM   81  O  O   . PRO A 1 21  ? 8.11376   2.96042   -7.78288  1.000 13.33472 ? 32  PRO A O   1 
ATOM   82  C  CB  . PRO A 1 21  ? 8.03933   3.08875   -11.10889 1.000 16.86374 ? 32  PRO A CB  1 
ATOM   83  C  CG  . PRO A 1 21  ? 7.62335   2.32817   -12.33262 1.000 17.99092 ? 32  PRO A CG  1 
ATOM   84  C  CD  . PRO A 1 21  ? 6.26649   1.75680   -12.02619 1.000 16.00478 ? 32  PRO A CD  1 
ATOM   85  N  N   . LEU A 1 22  ? 6.18641   3.80361   -8.55694  1.000 12.62298 ? 33  LEU A N   1 
ATOM   86  C  CA  . LEU A 1 22  ? 6.02912   4.58560   -7.33401  1.000 13.03322 ? 33  LEU A CA  1 
ATOM   87  C  C   . LEU A 1 22  ? 5.69023   3.70776   -6.13595  1.000 12.65692 ? 33  LEU A C   1 
ATOM   88  O  O   . LEU A 1 22  ? 6.24638   3.89990   -5.04618  1.000 13.41832 ? 33  LEU A O   1 
ATOM   89  C  CB  . LEU A 1 22  ? 5.01754   5.70312   -7.53128  1.000 13.89564 ? 33  LEU A CB  1 
ATOM   90  C  CG  . LEU A 1 22  ? 5.60570   6.89590   -8.27803  1.000 17.47898 ? 33  LEU A CG  1 
ATOM   91  C  CD1 . LEU A 1 22  ? 4.51197   7.92225   -8.51074  1.000 20.51144 ? 33  LEU A CD1 1 
ATOM   92  C  CD2 . LEU A 1 22  ? 6.75962   7.50044   -7.48837  1.000 19.07780 ? 33  LEU A CD2 1 
ATOM   93  N  N   . LEU A 1 23  ? 4.80999   2.72147   -6.31154  1.000 11.92938 ? 34  LEU A N   1 
ATOM   94  C  CA  . LEU A 1 23  ? 4.57328   1.78716   -5.21730  1.000 12.26009 ? 34  LEU A CA  1 
ATOM   95  C  C   . LEU A 1 23  ? 5.85350   1.04455   -4.85520  1.000 13.33423 ? 34  LEU A C   1 
ATOM   96  O  O   . LEU A 1 23  ? 6.13569   0.81281   -3.66681  1.000 13.35384 ? 34  LEU A O   1 
ATOM   97  C  CB  . LEU A 1 23  ? 3.44278   0.81648   -5.56509  1.000 13.21097 ? 34  LEU A CB  1 
ATOM   98  C  CG  . LEU A 1 23  ? 3.18041   -0.24217  -4.48328  1.000 12.24927 ? 34  LEU A CG  1 
ATOM   99  C  CD1 . LEU A 1 23  ? 2.78787   0.38833   -3.13357  1.000 14.26004 ? 34  LEU A CD1 1 
ATOM   100 C  CD2 . LEU A 1 23  ? 2.11029   -1.20424  -4.97115  1.000 15.26860 ? 34  LEU A CD2 1 
ATOM   101 N  N   . LEU A 1 24  ? 6.66176   0.69717   -5.85947  1.000 12.30386 ? 35  LEU A N   1 
ATOM   102 C  CA  . LEU A 1 24  ? 7.93108   0.04149   -5.57562  1.000 12.52253 ? 35  LEU A CA  1 
ATOM   103 C  C   . LEU A 1 24  ? 8.82296   0.93098   -4.72479  1.000 12.72032 ? 35  LEU A C   1 
ATOM   104 O  O   . LEU A 1 24  ? 9.44838   0.45595   -3.77202  1.000 13.55765 ? 35  LEU A O   1 
ATOM   105 C  CB  . LEU A 1 24  ? 8.62502   -0.33906  -6.88396  1.000 14.07292 ? 35  LEU A CB  1 
ATOM   106 C  CG  . LEU A 1 24  ? 9.84248   -1.24083  -6.71474  1.000 15.20178 ? 35  LEU A CG  1 
ATOM   107 C  CD1 . LEU A 1 24  ? 9.45969   -2.60668  -6.14953  1.000 19.35987 ? 35  LEU A CD1 1 
ATOM   108 C  CD2 . LEU A 1 24  ? 10.55157  -1.40083  -8.05109  1.000 19.65980 ? 35  LEU A CD2 1 
ATOM   109 N  N   . LYS A 1 25  ? 8.88233   2.22607   -5.04452  1.000 12.97037 ? 36  LYS A N   1 
ATOM   110 C  CA  . LYS A 1 25  ? 9.66902   3.15309   -4.23513  1.000 14.75129 ? 36  LYS A CA  1 
ATOM   111 C  C   . LYS A 1 25  ? 9.18268   3.17859   -2.78923  1.000 12.52110 ? 36  LYS A C   1 
ATOM   112 O  O   . LYS A 1 25  ? 9.99057   3.16318   -1.85004  1.000 14.34845 ? 36  LYS A O   1 
ATOM   113 C  CB  . LYS A 1 25  ? 9.61111   4.54678   -4.85695  1.000 14.02669 ? 36  LYS A CB  1 
ATOM   114 C  CG  . LYS A 1 25  ? 10.39860  5.57653   -4.05685  1.000 13.75379 ? 36  LYS A CG  1 
ATOM   115 C  CD  . LYS A 1 25  ? 10.31403  6.96129   -4.68712  1.000 14.08618 ? 36  LYS A CD  1 
ATOM   116 C  CE  . LYS A 1 25  ? 11.21498  7.92621   -3.93965  1.000 14.70226 ? 36  LYS A CE  1 
ATOM   117 N  NZ  . LYS A 1 25  ? 11.06656  9.33341   -4.41915  1.000 16.07479 ? 36  LYS A NZ  1 
ATOM   118 N  N   . LEU A 1 26  ? 7.86450   3.20368   -2.58804  1.000 12.62377 ? 37  LEU A N   1 
ATOM   119 C  CA  . LEU A 1 26  ? 7.31244   3.17032   -1.23700  1.000 13.70766 ? 37  LEU A CA  1 
ATOM   120 C  C   . LEU A 1 26  ? 7.73876   1.90264   -0.50702  1.000 12.88985 ? 37  LEU A C   1 
ATOM   121 O  O   . LEU A 1 26  ? 8.19985   1.95598   0.64333   1.000 13.94989 ? 37  LEU A O   1 
ATOM   122 C  CB  . LEU A 1 26  ? 5.78930   3.26464   -1.32153  1.000 14.32118 ? 37  LEU A CB  1 
ATOM   123 C  CG  . LEU A 1 26  ? 4.98225   3.33264   -0.01734  1.000 14.12229 ? 37  LEU A CG  1 
ATOM   124 C  CD1 . LEU A 1 26  ? 3.62764   3.97776   -0.27678  1.000 18.82085 ? 37  LEU A CD1 1 
ATOM   125 C  CD2 . LEU A 1 26  ? 4.77531   1.95080   0.63181   1.000 15.36691 ? 37  LEU A CD2 1 
ATOM   126 N  N   . LEU A 1 27  ? 7.58787   0.74592   -1.15107  1.000 12.95488 ? 38  LEU A N   1 
ATOM   127 C  CA  . LEU A 1 27  ? 7.92632   -0.51607  -0.49449  1.000 14.24414 ? 38  LEU A CA  1 
ATOM   128 C  C   . LEU A 1 27  ? 9.40148   -0.56636  -0.12517  1.000 14.85660 ? 38  LEU A C   1 
ATOM   129 O  O   . LEU A 1 27  ? 9.76230   -1.00146  0.97770   1.000 14.88428 ? 38  LEU A O   1 
ATOM   130 C  CB  . LEU A 1 27  ? 7.57557   -1.69303  -1.40463  1.000 14.79315 ? 38  LEU A CB  1 
ATOM   131 C  CG  . LEU A 1 27  ? 6.11218   -1.80939  -1.85461  1.000 14.79657 ? 38  LEU A CG  1 
ATOM   132 C  CD1 . LEU A 1 27  ? 5.95092   -2.97119  -2.82561  1.000 18.97085 ? 38  LEU A CD1 1 
ATOM   133 C  CD2 . LEU A 1 27  ? 5.17868   -1.97190  -0.67567  1.000 20.06665 ? 38  LEU A CD2 1 
ATOM   134 N  N   . LYS A 1 28  ? 10.26823  -0.12228  -1.02695  1.000 13.96378 ? 39  LYS A N   1 
ATOM   135 C  CA  . LYS A 1 28  ? 11.69730  -0.16779  -0.74422  1.000 15.43385 ? 39  LYS A CA  1 
ATOM   136 C  C   . LYS A 1 28  ? 12.09041  0.79505   0.36625   1.000 15.47574 ? 39  LYS A C   1 
ATOM   137 O  O   . LYS A 1 28  ? 13.08804  0.55124   1.05855   1.000 17.41734 ? 39  LYS A O   1 
ATOM   138 C  CB  . LYS A 1 28  ? 12.48894  0.02808   -2.03363  1.000 18.94021 ? 39  LYS A CB  1 
ATOM   139 C  CG  . LYS A 1 28  ? 12.30281  -1.17351  -2.96592  1.000 23.28999 ? 39  LYS A CG  1 
ATOM   140 C  CD  . LYS A 1 28  ? 13.37154  -1.29276  -4.03689  1.000 27.44840 ? 39  LYS A CD  1 
ATOM   141 C  CE  . LYS A 1 28  ? 13.20145  -2.59869  -4.80423  1.000 29.26431 ? 39  LYS A CE  1 
ATOM   142 N  NZ  . LYS A 1 28  ? 14.31651  -2.85064  -5.76524  1.000 30.92062 ? 39  LYS A NZ  1 
ATOM   143 N  N   . SER A 1 29  ? 11.29350  1.83561   0.60418   1.000 14.82342 ? 40  SER A N   1 
ATOM   144 C  CA  . SER A 1 29  ? 11.59006  2.76660   1.68401   1.000 16.42318 ? 40  SER A CA  1 
ATOM   145 C  C   . SER A 1 29  ? 11.41082  2.13600   3.05796   1.000 16.78077 ? 40  SER A C   1 
ATOM   146 O  O   . SER A 1 29  ? 11.93095  2.67821   4.04020   1.000 19.89887 ? 40  SER A O   1 
ATOM   147 C  CB  . SER A 1 29  ? 10.75327  4.04025   1.55647   1.000 19.15230 ? 40  SER A CB  1 
ATOM   148 O  OG  . SER A 1 29  ? 9.42633   3.86875   2.03062   1.000 18.31332 ? 40  SER A OG  1 
ATOM   149 N  N   . VAL A 1 30  ? 10.69094  1.01843   3.15626   1.000 14.40229 ? 41  VAL A N   1 
ATOM   150 C  CA  . VAL A 1 30  ? 10.51323  0.30049   4.41447   1.000 15.14098 ? 41  VAL A CA  1 
ATOM   151 C  C   . VAL A 1 30  ? 11.16038  -1.08160  4.37233   1.000 16.10105 ? 41  VAL A C   1 
ATOM   152 O  O   . VAL A 1 30  ? 10.76338  -1.98077  5.11519   1.000 19.74838 ? 41  VAL A O   1 
ATOM   153 C  CB  . VAL A 1 30  ? 9.04700   0.24389   4.88036   1.000 16.80258 ? 41  VAL A CB  1 
ATOM   154 C  CG1 . VAL A 1 30  ? 8.59803   1.59534   5.37199   1.000 19.99967 ? 41  VAL A CG1 1 
ATOM   155 C  CG2 . VAL A 1 30  ? 8.13514   -0.24449  3.75878   1.000 16.56028 ? 41  VAL A CG2 1 
ATOM   156 N  N   . GLY A 1 31  ? 12.14389  -1.26326  3.50079   1.000 14.94567 ? 42  GLY A N   1 
ATOM   157 C  CA  . GLY A 1 31  ? 13.02922  -2.40619  3.56800   1.000 16.26680 ? 42  GLY A CA  1 
ATOM   158 C  C   . GLY A 1 31  ? 12.76272  -3.51443  2.57464   1.000 16.55397 ? 42  GLY A C   1 
ATOM   159 O  O   . GLY A 1 31  ? 13.46600  -4.53165  2.61181   1.000 18.49293 ? 42  GLY A O   1 
ATOM   160 N  N   . ALA A 1 32  ? 11.78776  -3.36008  1.68305   1.000 16.89425 ? 43  ALA A N   1 
ATOM   161 C  CA  . ALA A 1 32  ? 11.52053  -4.39474  0.69212   1.000 16.04337 ? 43  ALA A CA  1 
ATOM   162 C  C   . ALA A 1 32  ? 12.71587  -4.55879  -0.24716  1.000 16.65188 ? 43  ALA A C   1 
ATOM   163 O  O   . ALA A 1 32  ? 13.45337  -3.60712  -0.53217  1.000 18.27456 ? 43  ALA A O   1 
ATOM   164 C  CB  . ALA A 1 32  ? 10.26209  -4.04671  -0.10904  1.000 15.92036 ? 43  ALA A CB  1 
ATOM   165 N  N   . GLN A 1 33  ? 12.89769  -5.78664  -0.73869  1.000 16.84923 ? 44  GLN A N   1 
ATOM   166 C  CA  . GLN A 1 33  ? 14.10682  -6.16509  -1.45843  1.000 18.13604 ? 44  GLN A CA  1 
ATOM   167 C  C   . GLN A 1 33  ? 13.85527  -6.71599  -2.84950  1.000 22.92442 ? 44  GLN A C   1 
ATOM   168 O  O   . GLN A 1 33  ? 14.82309  -6.93524  -3.58741  1.000 28.31381 ? 44  GLN A O   1 
ATOM   169 C  CB  . GLN A 1 33  ? 14.87873  -7.24304  -0.67540  1.000 21.33600 ? 44  GLN A CB  1 
ATOM   170 C  CG  . GLN A 1 33  ? 15.27047  -6.85191  0.73357   1.000 24.51862 ? 44  GLN A CG  1 
ATOM   171 C  CD  . GLN A 1 33  ? 16.36745  -5.81432  0.75306   1.000 35.96299 ? 44  GLN A CD  1 
ATOM   172 O  OE1 . GLN A 1 33  ? 17.35063  -5.92548  0.01922   1.000 35.64600 ? 44  GLN A OE1 1 
ATOM   173 N  NE2 . GLN A 1 33  ? 16.20717  -4.79393  1.58882   1.000 34.25946 ? 44  GLN A NE2 1 
ATOM   174 N  N   . LYS A 1 34  ? 12.61139  -6.95624  -3.22680  1.000 18.45696 ? 45  LYS A N   1 
ATOM   175 C  CA  . LYS A 1 34  ? 12.28134  -7.72103  -4.42062  1.000 17.66398 ? 45  LYS A CA  1 
ATOM   176 C  C   . LYS A 1 34  ? 11.66477  -6.84004  -5.50295  1.000 18.92850 ? 45  LYS A C   1 
ATOM   177 O  O   . LYS A 1 34  ? 11.38068  -5.65279  -5.30937  1.000 19.91095 ? 45  LYS A O   1 
ATOM   178 C  CB  . LYS A 1 34  ? 11.32717  -8.86413  -4.06115  1.000 20.32039 ? 45  LYS A CB  1 
ATOM   179 C  CG  . LYS A 1 34  ? 11.88619  -9.85167  -3.05522  1.000 19.01719 ? 45  LYS A CG  1 
ATOM   180 C  CD  . LYS A 1 34  ? 11.04732  -11.10992 -2.98334  1.000 20.74043 ? 45  LYS A CD  1 
ATOM   181 C  CE  . LYS A 1 34  ? 9.72875   -10.86518 -2.25079  1.000 20.02232 ? 45  LYS A CE  1 
ATOM   182 N  NZ  . LYS A 1 34  ? 8.92527   -12.11849 -2.15173  1.000 19.72921 ? 45  LYS A NZ  1 
ATOM   183 N  N   A ASP A 1 35  ? 11.49657  -7.42779  -6.68459  0.614 21.93085 ? 46  ASP A N   1 
ATOM   184 N  N   B ASP A 1 35  ? 11.42810  -7.47335  -6.65444  0.386 21.89071 ? 46  ASP A N   1 
ATOM   185 C  CA  A ASP A 1 35  ? 10.77443  -6.76603  -7.76337  0.614 20.12948 ? 46  ASP A CA  1 
ATOM   186 C  CA  B ASP A 1 35  ? 10.67404  -6.89180  -7.75231  0.386 20.27469 ? 46  ASP A CA  1 
ATOM   187 C  C   A ASP A 1 35  ? 9.35726   -7.28529  -7.92396  0.614 18.31419 ? 46  ASP A C   1 
ATOM   188 C  C   B ASP A 1 35  ? 9.30015   -7.52355  -7.93479  0.386 18.58227 ? 46  ASP A C   1 
ATOM   189 O  O   A ASP A 1 35  ? 8.48767   -6.54690  -8.39647  0.614 19.34092 ? 46  ASP A O   1 
ATOM   190 O  O   B ASP A 1 35  ? 8.41202   -6.87651  -8.49858  0.386 20.49323 ? 46  ASP A O   1 
ATOM   191 C  CB  A ASP A 1 35  ? 11.52794  -6.91306  -9.08799  0.614 24.96828 ? 46  ASP A CB  1 
ATOM   192 C  CB  B ASP A 1 35  ? 11.46351  -7.03617  -9.06082  0.386 24.83171 ? 46  ASP A CB  1 
ATOM   193 C  CG  A ASP A 1 35  ? 12.69038  -5.94720  -9.20314  0.614 32.39850 ? 46  ASP A CG  1 
ATOM   194 C  CG  B ASP A 1 35  ? 10.97891  -6.09816  -10.13815 0.386 25.39112 ? 46  ASP A CG  1 
ATOM   195 O  OD1 A ASP A 1 35  ? 12.45989  -4.71936  -9.12514  0.614 33.19063 ? 46  ASP A OD1 1 
ATOM   196 O  OD1 B ASP A 1 35  ? 11.02673  -4.86978  -9.92030  0.386 32.18552 ? 46  ASP A OD1 1 
ATOM   197 O  OD2 A ASP A 1 35  ? 13.83609  -6.41513  -9.35795  0.614 39.54231 ? 46  ASP A OD2 1 
ATOM   198 O  OD2 B ASP A 1 35  ? 10.55814  -6.58461  -11.20580 0.386 31.31389 ? 46  ASP A OD2 1 
ATOM   199 N  N   A THR A 1 36  ? 9.11089   -8.53682  -7.54493  0.614 18.93939 ? 47  THR A N   1 
ATOM   200 N  N   B THR A 1 36  ? 9.10836   -8.76123  -7.47605  0.386 18.48826 ? 47  THR A N   1 
ATOM   201 C  CA  A THR A 1 36  ? 7.76974   -9.09065  -7.46881  0.614 16.92057 ? 47  THR A CA  1 
ATOM   202 C  CA  B THR A 1 36  ? 7.82642   -9.45499  -7.51855  0.386 17.03834 ? 47  THR A CA  1 
ATOM   203 C  C   A THR A 1 36  ? 7.51125   -9.58053  -6.05102  0.614 15.55987 ? 47  THR A C   1 
ATOM   204 C  C   B THR A 1 36  ? 7.47094   -9.88380  -6.10132  0.386 16.07876 ? 47  THR A C   1 
ATOM   205 O  O   A THR A 1 36  ? 8.44123   -9.92214  -5.31124  0.614 19.57960 ? 47  THR A O   1 
ATOM   206 O  O   B THR A 1 36  ? 8.30977   -10.45687 -5.39806  0.386 15.58079 ? 47  THR A O   1 
ATOM   207 C  CB  A THR A 1 36  ? 7.57608   -10.24226 -8.45068  0.614 19.59336 ? 47  THR A CB  1 
ATOM   208 C  CB  B THR A 1 36  ? 7.91930   -10.68787 -8.42462  0.386 18.36247 ? 47  THR A CB  1 
ATOM   209 O  OG1 A THR A 1 36  ? 8.42705   -11.33075 -8.07605  0.614 23.62753 ? 47  THR A OG1 1 
ATOM   210 O  OG1 B THR A 1 36  ? 8.42179   -10.30235 -9.70961  0.386 20.05521 ? 47  THR A OG1 1 
ATOM   211 C  CG2 A THR A 1 36  ? 7.90811   -9.79006  -9.86855  0.614 19.80502 ? 47  THR A CG2 1 
ATOM   212 C  CG2 B THR A 1 36  ? 6.55909   -11.32860 -8.60077  0.386 14.95083 ? 47  THR A CG2 1 
ATOM   213 N  N   . TYR A 1 37  ? 6.23388   -9.60968  -5.68285  1.000 14.14536 ? 48  TYR A N   1 
ATOM   214 C  CA  . TYR A 1 37  ? 5.80297   -9.83336  -4.31197  1.000 13.49028 ? 48  TYR A CA  1 
ATOM   215 C  C   . TYR A 1 37  ? 4.53244   -10.66029 -4.29634  1.000 15.95738 ? 48  TYR A C   1 
ATOM   216 O  O   . TYR A 1 37  ? 3.80372   -10.73373 -5.28691  1.000 15.33418 ? 48  TYR A O   1 
ATOM   217 C  CB  . TYR A 1 37  ? 5.47048   -8.49162  -3.62880  1.000 14.32367 ? 48  TYR A CB  1 
ATOM   218 C  CG  . TYR A 1 37  ? 6.66774   -7.60280  -3.48367  1.000 13.19829 ? 48  TYR A CG  1 
ATOM   219 C  CD1 . TYR A 1 37  ? 7.10689   -6.79857  -4.53096  1.000 15.76046 ? 48  TYR A CD1 1 
ATOM   220 C  CD2 . TYR A 1 37  ? 7.40505   -7.60534  -2.30695  1.000 15.39359 ? 48  TYR A CD2 1 
ATOM   221 C  CE1 . TYR A 1 37  ? 8.23121   -6.00145  -4.40171  1.000 15.79448 ? 48  TYR A CE1 1 
ATOM   222 C  CE2 . TYR A 1 37  ? 8.52442   -6.82291  -2.16871  1.000 16.00134 ? 48  TYR A CE2 1 
ATOM   223 C  CZ  . TYR A 1 37  ? 8.93476   -6.02272  -3.21127  1.000 15.83496 ? 48  TYR A CZ  1 
ATOM   224 O  OH  . TYR A 1 37  ? 10.05855  -5.24598  -3.05202  1.000 18.06946 ? 48  TYR A OH  1 
ATOM   225 N  N   . THR A 1 38  ? 4.24108   -11.25409 -3.14436  1.000 14.70187 ? 49  THR A N   1 
ATOM   226 C  CA  . THR A 1 38  ? 2.87597   -11.67829 -2.89334  1.000 15.35680 ? 49  THR A CA  1 
ATOM   227 C  C   . THR A 1 38  ? 2.07391   -10.48098 -2.39232  1.000 14.47205 ? 49  THR A C   1 
ATOM   228 O  O   . THR A 1 38  ? 2.62526   -9.50886  -1.86355  1.000 14.42768 ? 49  THR A O   1 
ATOM   229 C  CB  . THR A 1 38  ? 2.83694   -12.77629 -1.82987  1.000 15.29037 ? 49  THR A CB  1 
ATOM   230 O  OG1 . THR A 1 38  ? 3.29426   -12.23854 -0.58709  1.000 17.19737 ? 49  THR A OG1 1 
ATOM   231 C  CG2 . THR A 1 38  ? 3.71988   -13.95715 -2.22686  1.000 19.82071 ? 49  THR A CG2 1 
ATOM   232 N  N   A MET A 1 39  ? 0.75517   -10.55441 -2.57260  0.637 16.29355 ? 50  MET A N   1 
ATOM   233 N  N   B MET A 1 39  ? 0.75302   -10.55843 -2.56076  0.363 16.32702 ? 50  MET A N   1 
ATOM   234 C  CA  A MET A 1 39  ? -0.10561  -9.50177  -2.03929  0.637 16.25309 ? 50  MET A CA  1 
ATOM   235 C  CA  B MET A 1 39  ? -0.10417  -9.49408  -2.04653  0.363 16.31422 ? 50  MET A CA  1 
ATOM   236 C  C   A MET A 1 39  ? 0.04456   -9.37615  -0.52954  0.637 15.88505 ? 50  MET A C   1 
ATOM   237 C  C   B MET A 1 39  ? -0.00388  -9.38007  -0.52920  0.363 15.89968 ? 50  MET A C   1 
ATOM   238 O  O   A MET A 1 39  ? 0.02453   -8.26717  0.01755   0.637 16.41615 ? 50  MET A O   1 
ATOM   239 O  O   B MET A 1 39  ? -0.10415  -8.27676  0.02051   0.363 16.52214 ? 50  MET A O   1 
ATOM   240 C  CB  A MET A 1 39  ? -1.55993  -9.75768  -2.42358  0.637 19.11704 ? 50  MET A CB  1 
ATOM   241 C  CB  B MET A 1 39  ? -1.54920  -9.72106  -2.49015  0.363 19.14659 ? 50  MET A CB  1 
ATOM   242 C  CG  A MET A 1 39  ? -1.94087  -9.10436  -3.73571  0.637 17.11496 ? 50  MET A CG  1 
ATOM   243 C  CG  B MET A 1 39  ? -2.48631  -8.55621  -2.20619  0.363 17.88586 ? 50  MET A CG  1 
ATOM   244 S  SD  A MET A 1 39  ? -1.56454  -7.33420  -3.75228  0.637 17.46076 ? 50  MET A SD  1 
ATOM   245 S  SD  B MET A 1 39  ? -2.02209  -6.98181  -2.96661  0.363 20.17062 ? 50  MET A SD  1 
ATOM   246 C  CE  A MET A 1 39  ? -2.57920  -6.79415  -2.37147  0.637 16.59619 ? 50  MET A CE  1 
ATOM   247 C  CE  B MET A 1 39  ? -3.40891  -5.98278  -2.44692  0.363 21.05725 ? 50  MET A CE  1 
ATOM   248 N  N   . LYS A 1 40  ? 0.20744   -10.50140 0.16386   1.000 15.68001 ? 51  LYS A N   1 
ATOM   249 C  CA  . LYS A 1 40  ? 0.40648   -10.45635 1.61135   1.000 16.38342 ? 51  LYS A CA  1 
ATOM   250 C  C   . LYS A 1 40  ? 1.62459   -9.61229  1.97355   1.000 14.57553 ? 51  LYS A C   1 
ATOM   251 O  O   . LYS A 1 40  ? 1.60144   -8.84199  2.94107   1.000 14.69902 ? 51  LYS A O   1 
ATOM   252 C  CB  . LYS A 1 40  ? 0.58035   -11.88340 2.12749   1.000 22.76297 ? 51  LYS A CB  1 
ATOM   253 C  CG  . LYS A 1 40  ? -0.02838  -12.13984 3.47642   1.000 30.93452 ? 51  LYS A CG  1 
ATOM   254 C  CD  . LYS A 1 40  ? 0.08338   -13.60985 3.84060   1.000 25.58897 ? 51  LYS A CD  1 
ATOM   255 C  CE  . LYS A 1 40  ? -0.33034  -13.84246 5.28103   1.000 33.29053 ? 51  LYS A CE  1 
ATOM   256 N  NZ  . LYS A 1 40  ? -0.20595  -15.27857 5.66019   1.000 37.19033 ? 51  LYS A NZ  1 
ATOM   257 N  N   . GLU A 1 41  ? 2.68850   -9.71283  1.17849   1.000 13.24167 ? 52  GLU A N   1 
ATOM   258 C  CA  . GLU A 1 41  ? 3.87903   -8.90507  1.41719   1.000 13.37472 ? 52  GLU A CA  1 
ATOM   259 C  C   . GLU A 1 41  ? 3.62495   -7.43513  1.12908   1.000 12.47159 ? 52  GLU A C   1 
ATOM   260 O  O   . GLU A 1 41  ? 4.08645   -6.56338  1.87697   1.000 13.36536 ? 52  GLU A O   1 
ATOM   261 C  CB  . GLU A 1 41  ? 5.02423   -9.40167  0.54792   1.000 13.32369 ? 52  GLU A CB  1 
ATOM   262 C  CG  . GLU A 1 41  ? 5.57144   -10.71887 1.04033   1.000 13.63332 ? 52  GLU A CG  1 
ATOM   263 C  CD  . GLU A 1 41  ? 6.37721   -11.48552 -0.00113  1.000 14.71543 ? 52  GLU A CD  1 
ATOM   264 O  OE1 . GLU A 1 41  ? 6.49983   -11.04169 -1.16525  1.000 15.22815 ? 52  GLU A OE1 1 
ATOM   265 O  OE2 . GLU A 1 41  ? 6.91890   -12.56170 0.35516   1.000 16.27214 ? 52  GLU A OE2 1 
ATOM   266 N  N   . VAL A 1 42  ? 2.90801   -7.13619  0.04462   1.000 12.14590 ? 53  VAL A N   1 
ATOM   267 C  CA  . VAL A 1 42  ? 2.56466   -5.74529  -0.23904  1.000 12.87322 ? 53  VAL A CA  1 
ATOM   268 C  C   . VAL A 1 42  ? 1.78724   -5.13667  0.92102   1.000 12.15353 ? 53  VAL A C   1 
ATOM   269 O  O   . VAL A 1 42  ? 2.06526   -4.00823  1.35165   1.000 12.20746 ? 53  VAL A O   1 
ATOM   270 C  CB  . VAL A 1 42  ? 1.80554   -5.63197  -1.57468  1.000 12.58153 ? 53  VAL A CB  1 
ATOM   271 C  CG1 . VAL A 1 42  ? 1.28602   -4.21146  -1.77828  1.000 13.29026 ? 53  VAL A CG1 1 
ATOM   272 C  CG2 . VAL A 1 42  ? 2.71193   -6.03245  -2.73167  1.000 14.69994 ? 53  VAL A CG2 1 
ATOM   273 N  N   . LEU A 1 43  ? 0.80843   -5.87002  1.45545   1.000 12.68324 ? 54  LEU A N   1 
ATOM   274 C  CA  . LEU A 1 43  ? 0.02984   -5.34401  2.57406   1.000 13.04720 ? 54  LEU A CA  1 
ATOM   275 C  C   . LEU A 1 43  ? 0.89815   -5.18638  3.81535   1.000 13.10347 ? 54  LEU A C   1 
ATOM   276 O  O   . LEU A 1 43  ? 0.72733   -4.22896  4.58431   1.000 12.94155 ? 54  LEU A O   1 
ATOM   277 C  CB  . LEU A 1 43  ? -1.15500  -6.25965  2.86097   1.000 15.08769 ? 54  LEU A CB  1 
ATOM   278 C  CG  . LEU A 1 43  ? -2.20729  -6.38368  1.75884   1.000 16.61965 ? 54  LEU A CG  1 
ATOM   279 C  CD1 . LEU A 1 43  ? -3.31931  -7.33674  2.19131   1.000 21.48228 ? 54  LEU A CD1 1 
ATOM   280 C  CD2 . LEU A 1 43  ? -2.78263  -5.04359  1.37635   1.000 21.08416 ? 54  LEU A CD2 1 
ATOM   281 N  N   . PHE A 1 44  ? 1.82988   -6.11638  4.03433   1.000 12.50230 ? 55  PHE A N   1 
ATOM   282 C  CA  . PHE A 1 44  ? 2.74667   -5.99246  5.16295   1.000 12.80650 ? 55  PHE A CA  1 
ATOM   283 C  C   . PHE A 1 44  ? 3.53311   -4.69296  5.07861   1.000 12.24854 ? 55  PHE A C   1 
ATOM   284 O  O   . PHE A 1 44  ? 3.58379   -3.91003  6.03513   1.000 11.58925 ? 55  PHE A O   1 
ATOM   285 C  CB  . PHE A 1 44  ? 3.71368   -7.18338  5.20984   1.000 13.34416 ? 55  PHE A CB  1 
ATOM   286 C  CG  . PHE A 1 44  ? 4.80609   -7.00858  6.21356   1.000 13.05984 ? 55  PHE A CG  1 
ATOM   287 C  CD1 . PHE A 1 44  ? 4.53439   -7.17673  7.56119   1.000 12.99956 ? 55  PHE A CD1 1 
ATOM   288 C  CD2 . PHE A 1 44  ? 6.08889   -6.63799  5.83015   1.000 13.78127 ? 55  PHE A CD2 1 
ATOM   289 C  CE1 . PHE A 1 44  ? 5.53357   -6.99039  8.51261   1.000 16.80406 ? 55  PHE A CE1 1 
ATOM   290 C  CE2 . PHE A 1 44  ? 7.09282   -6.45771  6.77138   1.000 14.55101 ? 55  PHE A CE2 1 
ATOM   291 C  CZ  . PHE A 1 44  ? 6.81076   -6.62888  8.11479   1.000 15.14795 ? 55  PHE A CZ  1 
ATOM   292 N  N   . TYR A 1 45  ? 4.16643   -4.44580  3.93357   1.000 11.74564 ? 56  TYR A N   1 
ATOM   293 C  CA  . TYR A 1 45  ? 5.01042   -3.26747  3.80688   1.000 12.06563 ? 56  TYR A CA  1 
ATOM   294 C  C   . TYR A 1 45  ? 4.19405   -1.97836  3.82928   1.000 12.49185 ? 56  TYR A C   1 
ATOM   295 O  O   . TYR A 1 45  ? 4.63646   -0.97548  4.39737   1.000 12.40045 ? 56  TYR A O   1 
ATOM   296 C  CB  . TYR A 1 45  ? 5.84983   -3.36364  2.53888   1.000 11.71443 ? 56  TYR A CB  1 
ATOM   297 C  CG  . TYR A 1 45  ? 6.99516   -4.34452  2.63251   1.000 12.76614 ? 56  TYR A CG  1 
ATOM   298 C  CD1 . TYR A 1 45  ? 7.98367   -4.18029  3.59607   1.000 12.64778 ? 56  TYR A CD1 1 
ATOM   299 C  CD2 . TYR A 1 45  ? 7.10360   -5.41343  1.74406   1.000 13.38006 ? 56  TYR A CD2 1 
ATOM   300 C  CE1 . TYR A 1 45  ? 9.05088   -5.05505  3.68048   1.000 13.92099 ? 56  TYR A CE1 1 
ATOM   301 C  CE2 . TYR A 1 45  ? 8.17511   -6.30490  1.83068   1.000 13.84625 ? 56  TYR A CE2 1 
ATOM   302 C  CZ  . TYR A 1 45  ? 9.13281   -6.10318  2.80264   1.000 13.24372 ? 56  TYR A CZ  1 
ATOM   303 O  OH  . TYR A 1 45  ? 10.20083  -6.98208  2.88050   1.000 15.65978 ? 56  TYR A OH  1 
ATOM   304 N  N   . LEU A 1 46  ? 2.99220   -1.97814  3.23970   1.000 11.51319 ? 57  LEU A N   1 
ATOM   305 C  CA  . LEU A 1 46  ? 2.14364   -0.78877  3.33070   1.000 11.61204 ? 57  LEU A CA  1 
ATOM   306 C  C   . LEU A 1 46  ? 1.77353   -0.47935  4.77757   1.000 12.34049 ? 57  LEU A C   1 
ATOM   307 O  O   . LEU A 1 46  ? 1.80253   0.68464   5.19356   1.000 12.35551 ? 57  LEU A O   1 
ATOM   308 C  CB  . LEU A 1 46  ? 0.88871   -0.95680  2.47546   1.000 12.91937 ? 57  LEU A CB  1 
ATOM   309 C  CG  . LEU A 1 46  ? 1.09237   -0.72211  0.98433   1.000 13.01783 ? 57  LEU A CG  1 
ATOM   310 C  CD1 . LEU A 1 46  ? -0.09586  -1.29247  0.23877   1.000 15.99678 ? 57  LEU A CD1 1 
ATOM   311 C  CD2 . LEU A 1 46  ? 1.22496   0.77468   0.71963   1.000 16.69949 ? 57  LEU A CD2 1 
ATOM   312 N  N   . GLY A 1 47  ? 1.44838   -1.50819  5.56936   1.000 12.07491 ? 58  GLY A N   1 
ATOM   313 C  CA  . GLY A 1 47  ? 1.16781   -1.28211  6.97959   1.000 12.67461 ? 58  GLY A CA  1 
ATOM   314 C  C   . GLY A 1 47  ? 2.37227   -0.74701  7.72930   1.000 13.53441 ? 58  GLY A C   1 
ATOM   315 O  O   . GLY A 1 47  ? 2.25630   0.17282   8.54636   1.000 13.71196 ? 58  GLY A O   1 
ATOM   316 N  N   . GLN A 1 48  ? 3.55347   -1.29441  7.44158   1.000 12.46315 ? 59  GLN A N   1 
ATOM   317 C  CA  . GLN A 1 48  ? 4.76549   -0.79863  8.08432   1.000 13.34774 ? 59  GLN A CA  1 
ATOM   318 C  C   . GLN A 1 48  ? 5.05685   0.63808   7.69041   1.000 13.38508 ? 59  GLN A C   1 
ATOM   319 O  O   . GLN A 1 48  ? 5.53808   1.42921   8.50857   1.000 14.57937 ? 59  GLN A O   1 
ATOM   320 C  CB  . GLN A 1 48  ? 5.95175   -1.68146  7.71361   1.000 14.87106 ? 59  GLN A CB  1 
ATOM   321 C  CG  . GLN A 1 48  ? 5.87494   -3.07802  8.30904   1.000 15.72254 ? 59  GLN A CG  1 
ATOM   322 C  CD  . GLN A 1 48  ? 6.10835   -3.10314  9.81439   1.000 23.68444 ? 59  GLN A CD  1 
ATOM   323 O  OE1 . GLN A 1 48  ? 5.47801   -3.87978  10.53403  1.000 27.71143 ? 59  GLN A OE1 1 
ATOM   324 N  NE2 . GLN A 1 48  ? 7.01947   -2.25892  10.29363  1.000 23.91903 ? 59  GLN A NE2 1 
ATOM   325 N  N   . TYR A 1 49  ? 4.77143   0.99965   6.44179   1.000 12.63504 ? 60  TYR A N   1 
ATOM   326 C  CA  . TYR A 1 49  ? 4.98745   2.36668   5.98955   1.000 13.39445 ? 60  TYR A CA  1 
ATOM   327 C  C   . TYR A 1 49  ? 4.06100   3.33044   6.72273   1.000 14.15462 ? 60  TYR A C   1 
ATOM   328 O  O   . TYR A 1 49  ? 4.49228   4.37996   7.21385   1.000 14.82714 ? 60  TYR A O   1 
ATOM   329 C  CB  . TYR A 1 49  ? 4.73793   2.41811   4.48372   1.000 14.22161 ? 60  TYR A CB  1 
ATOM   330 C  CG  . TYR A 1 49  ? 4.86160   3.78116   3.86595   1.000 12.51580 ? 60  TYR A CG  1 
ATOM   331 C  CD1 . TYR A 1 49  ? 6.08476   4.24175   3.37448   1.000 13.42351 ? 60  TYR A CD1 1 
ATOM   332 C  CD2 . TYR A 1 49  ? 3.74693   4.59176   3.71160   1.000 13.59756 ? 60  TYR A CD2 1 
ATOM   333 C  CE1 . TYR A 1 49  ? 6.19586   5.47758   2.77795   1.000 15.48841 ? 60  TYR A CE1 1 
ATOM   334 C  CE2 . TYR A 1 49  ? 3.84845   5.84665   3.10492   1.000 15.36725 ? 60  TYR A CE2 1 
ATOM   335 C  CZ  . TYR A 1 49  ? 5.07972   6.27607   2.64047   1.000 15.46664 ? 60  TYR A CZ  1 
ATOM   336 O  OH  . TYR A 1 49  ? 5.21236   7.51270   2.03161   1.000 17.70876 ? 60  TYR A OH  1 
ATOM   337 N  N   . ILE A 1 50  ? 2.77353   2.99064   6.79625   1.000 12.28068 ? 61  ILE A N   1 
ATOM   338 C  CA  . ILE A 1 50  ? 1.81781   3.83901   7.50505   1.000 12.40897 ? 61  ILE A CA  1 
ATOM   339 C  C   . ILE A 1 50  ? 2.22264   4.00225   8.96337   1.000 13.95203 ? 61  ILE A C   1 
ATOM   340 O  O   . ILE A 1 50  ? 2.10911   5.09505   9.53588   1.000 15.89640 ? 61  ILE A O   1 
ATOM   341 C  CB  . ILE A 1 50  ? 0.39860   3.25433   7.37184   1.000 11.37149 ? 61  ILE A CB  1 
ATOM   342 C  CG1 . ILE A 1 50  ? -0.11582  3.40065   5.93572   1.000 13.18576 ? 61  ILE A CG1 1 
ATOM   343 C  CG2 . ILE A 1 50  ? -0.54974  3.87775   8.39433   1.000 13.40592 ? 61  ILE A CG2 1 
ATOM   344 C  CD1 . ILE A 1 50  ? -1.23260  2.42578   5.62262   1.000 14.30217 ? 61  ILE A CD1 1 
ATOM   345 N  N   A MET A 1 51  ? 2.74096   2.93064   9.57043   0.328 13.71438 ? 62  MET A N   1 
ATOM   346 N  N   B MET A 1 51  ? 2.69939   2.92695   9.59048   0.672 13.63108 ? 62  MET A N   1 
ATOM   347 C  CA  A MET A 1 51  ? 3.08527   2.96536   10.98760  0.328 16.85408 ? 62  MET A CA  1 
ATOM   348 C  CA  B MET A 1 51  ? 3.09190   3.02879   10.99051  0.672 16.78119 ? 62  MET A CA  1 
ATOM   349 C  C   A MET A 1 51  ? 4.35534   3.76990   11.23917  0.328 18.43601 ? 62  MET A C   1 
ATOM   350 C  C   B MET A 1 51  ? 4.32562   3.89830   11.14943  0.672 18.32742 ? 62  MET A C   1 
ATOM   351 O  O   A MET A 1 51  ? 4.41785   4.54807   12.19834  0.328 18.68769 ? 62  MET A O   1 
ATOM   352 O  O   B MET A 1 51  ? 4.33097   4.84910   11.94143  0.672 19.93213 ? 62  MET A O   1 
ATOM   353 C  CB  A MET A 1 51  ? 3.22017   1.54154   11.52559  0.328 20.16953 ? 62  MET A CB  1 
ATOM   354 C  CB  B MET A 1 51  ? 3.32578   1.64446   11.57509  0.672 20.40539 ? 62  MET A CB  1 
ATOM   355 C  CG  A MET A 1 51  ? 3.59697   1.47050   12.98832  0.328 17.70062 ? 62  MET A CG  1 
ATOM   356 C  CG  B MET A 1 51  ? 2.12865   1.14327   12.30689  0.672 32.83488 ? 62  MET A CG  1 
ATOM   357 S  SD  A MET A 1 51  ? 3.42489   -0.19817  13.63339  0.328 30.13770 ? 62  MET A SD  1 
ATOM   358 S  SD  B MET A 1 51  ? 2.46637   -0.44390  13.03780  0.672 34.52698 ? 62  MET A SD  1 
ATOM   359 C  CE  A MET A 1 51  ? 4.42947   -1.11632  12.47294  0.328 21.78141 ? 62  MET A CE  1 
ATOM   360 C  CE  B MET A 1 51  ? 3.11639   -1.30232  11.61294  0.672 16.32275 ? 62  MET A CE  1 
ATOM   361 N  N   . THR A 1 52  ? 5.37850   3.60065   10.39540  1.000 17.84674 ? 63  THR A N   1 
ATOM   362 C  CA  . THR A 1 52  ? 6.63339   4.31702   10.61102  1.000 21.59540 ? 63  THR A CA  1 
ATOM   363 C  C   . THR A 1 52  ? 6.51225   5.80340   10.29336  1.000 24.30767 ? 63  THR A C   1 
ATOM   364 O  O   . THR A 1 52  ? 7.16039   6.62428   10.95305  1.000 27.39415 ? 63  THR A O   1 
ATOM   365 C  CB  . THR A 1 52  ? 7.79316   3.65448   9.86192   1.000 28.36144 ? 63  THR A CB  1 
ATOM   366 O  OG1 . THR A 1 52  ? 7.53994   3.68227   8.45572   1.000 31.84817 ? 63  THR A OG1 1 
ATOM   367 C  CG2 . THR A 1 52  ? 7.97010   2.21177   10.32677  1.000 33.57101 ? 63  THR A CG2 1 
ATOM   368 N  N   . LYS A 1 53  ? 5.67536   6.18077   9.32753   1.000 18.69982 ? 64  LYS A N   1 
ATOM   369 C  CA  . LYS A 1 53  ? 5.44858   7.59178   9.03667   1.000 20.18423 ? 64  LYS A CA  1 
ATOM   370 C  C   . LYS A 1 53  ? 4.32881   8.20042   9.86954   1.000 19.27946 ? 64  LYS A C   1 
ATOM   371 O  O   . LYS A 1 53  ? 4.03040   9.39093   9.70016   1.000 22.93065 ? 64  LYS A O   1 
ATOM   372 C  CB  . LYS A 1 53  ? 5.20135   7.80906   7.54575   1.000 21.45953 ? 64  LYS A CB  1 
ATOM   373 C  CG  . LYS A 1 53  ? 6.37829   7.35238   6.70002   1.000 23.52607 ? 64  LYS A CG  1 
ATOM   374 C  CD  . LYS A 1 53  ? 6.28790   7.86713   5.28927   1.000 26.95770 ? 64  LYS A CD  1 
ATOM   375 C  CE  . LYS A 1 53  ? 6.64281   9.33898   5.17577   1.000 24.06355 ? 64  LYS A CE  1 
ATOM   376 N  NZ  . LYS A 1 53  ? 6.57925   9.75775   3.74848   1.000 25.14792 ? 64  LYS A NZ  1 
ATOM   377 N  N   . ARG A 1 54  ? 3.72134   7.41100   10.75942  1.000 17.34856 ? 65  ARG A N   1 
ATOM   378 C  CA  . ARG A 1 54  ? 2.65941   7.86864   11.65867  1.000 17.33269 ? 65  ARG A CA  1 
ATOM   379 C  C   . ARG A 1 54  ? 1.51463   8.52309   10.89269  1.000 18.68769 ? 65  ARG A C   1 
ATOM   380 O  O   . ARG A 1 54  ? 0.99548   9.57463   11.27784  1.000 21.15111 ? 65  ARG A O   1 
ATOM   381 C  CB  . ARG A 1 54  ? 3.20305   8.79338   12.74784  1.000 20.66876 ? 65  ARG A CB  1 
ATOM   382 C  CG  . ARG A 1 54  ? 4.34155   8.20166   13.54812  1.000 26.04047 ? 65  ARG A CG  1 
ATOM   383 C  CD  . ARG A 1 54  ? 3.86937   7.03231   14.37874  1.000 27.70779 ? 65  ARG A CD  1 
ATOM   384 N  N   . LEU A 1 55  ? 1.10398   7.89323   9.79258   1.000 14.67759 ? 66  LEU A N   1 
ATOM   385 C  CA  . LEU A 1 55  ? -0.00445  8.43162   9.01313   1.000 14.85187 ? 66  LEU A CA  1 
ATOM   386 C  C   . LEU A 1 55  ? -1.35754  8.09589   9.61790   1.000 14.65055 ? 66  LEU A C   1 
ATOM   387 O  O   . LEU A 1 55  ? -2.34864  8.76792   9.30625   1.000 15.37865 ? 66  LEU A O   1 
ATOM   388 C  CB  . LEU A 1 55  ? 0.05827   7.90067   7.57914   1.000 14.70524 ? 66  LEU A CB  1 
ATOM   389 C  CG  . LEU A 1 55  ? 1.32207   8.21197   6.77386   1.000 16.37451 ? 66  LEU A CG  1 
ATOM   390 C  CD1 . LEU A 1 55  ? 1.22536   7.61932   5.37057   1.000 16.94952 ? 66  LEU A CD1 1 
ATOM   391 C  CD2 . LEU A 1 55  ? 1.56408   9.71324   6.68211   1.000 19.68894 ? 66  LEU A CD2 1 
ATOM   392 N  N   . TYR A 1 56  ? -1.43078  7.07070   10.45321  1.000 14.48029 ? 67  TYR A N   1 
ATOM   393 C  CA  . TYR A 1 56  ? -2.68269  6.74083   11.11156  1.000 14.73165 ? 67  TYR A CA  1 
ATOM   394 C  C   . TYR A 1 56  ? -3.05089  7.81030   12.13500  1.000 14.51191 ? 67  TYR A C   1 
ATOM   395 O  O   . TYR A 1 56  ? -2.19524  8.52863   12.66753  1.000 16.19405 ? 67  TYR A O   1 
ATOM   396 C  CB  . TYR A 1 56  ? -2.57270  5.36771   11.78160  1.000 14.85317 ? 67  TYR A CB  1 
ATOM   397 C  CG  . TYR A 1 56  ? -1.51577  5.30459   12.85588  1.000 15.35649 ? 67  TYR A CG  1 
ATOM   398 C  CD1 . TYR A 1 56  ? -0.20026  4.95517   12.55421  1.000 15.91448 ? 67  TYR A CD1 1 
ATOM   399 C  CD2 . TYR A 1 56  ? -1.82831  5.59487   14.17480  1.000 18.17814 ? 67  TYR A CD2 1 
ATOM   400 C  CE1 . TYR A 1 56  ? 0.77095   4.89688   13.54135  1.000 18.33745 ? 67  TYR A CE1 1 
ATOM   401 C  CE2 . TYR A 1 56  ? -0.86661  5.54350   15.16212  1.000 18.85064 ? 67  TYR A CE2 1 
ATOM   402 C  CZ  . TYR A 1 56  ? 0.42709   5.19973   14.84586  1.000 19.84094 ? 67  TYR A CZ  1 
ATOM   403 O  OH  . TYR A 1 56  ? 1.38596   5.13781   15.83649  1.000 24.45659 ? 67  TYR A OH  1 
ATOM   404 N  N   . ASP A 1 57  ? -4.34522  7.91387   12.39476  1.000 14.40009 ? 68  ASP A N   1 
ATOM   405 C  CA  . ASP A 1 57  ? -4.86376  8.79436   13.43369  1.000 15.46082 ? 68  ASP A CA  1 
ATOM   406 C  C   . ASP A 1 57  ? -4.62712  8.16251   14.80512  1.000 14.60397 ? 68  ASP A C   1 
ATOM   407 O  O   . ASP A 1 57  ? -5.20640  7.12188   15.12058  1.000 15.95935 ? 68  ASP A O   1 
ATOM   408 C  CB  . ASP A 1 57  ? -6.35526  8.96311   13.16536  1.000 15.16059 ? 68  ASP A CB  1 
ATOM   409 C  CG  . ASP A 1 57  ? -7.04057  9.89693   14.13394  1.000 17.58707 ? 68  ASP A CG  1 
ATOM   410 O  OD1 . ASP A 1 57  ? -6.41977  10.39437  15.09564  1.000 20.10194 ? 68  ASP A OD1 1 
ATOM   411 O  OD2 . ASP A 1 57  ? -8.23762  10.12534  13.90474  1.000 19.64040 ? 68  ASP A OD2 1 
ATOM   412 N  N   . GLU A 1 58  ? -3.80979  8.81995   15.63533  1.000 17.75596 ? 69  GLU A N   1 
ATOM   413 C  CA  . GLU A 1 58  ? -3.51555  8.28694   16.96460  1.000 20.58010 ? 69  GLU A CA  1 
ATOM   414 C  C   . GLU A 1 58  ? -4.77707  8.08675   17.80009  1.000 19.21922 ? 69  GLU A C   1 
ATOM   415 O  O   . GLU A 1 58  ? -4.84765  7.14473   18.59949  1.000 20.16390 ? 69  GLU A O   1 
ATOM   416 C  CB  . GLU A 1 58  ? -2.53158  9.21029   17.68495  1.000 25.17232 ? 69  GLU A CB  1 
ATOM   417 N  N   . LYS A 1 59  ? -5.78801  8.93362   17.61244  1.000 18.85505 ? 70  LYS A N   1 
ATOM   418 C  CA  . LYS A 1 59  ? -7.00832  8.87695   18.41041  1.000 19.34212 ? 70  LYS A CA  1 
ATOM   419 C  C   . LYS A 1 59  ? -8.11404  8.03925   17.77969  1.000 19.41768 ? 70  LYS A C   1 
ATOM   420 O  O   . LYS A 1 59  ? -9.18044  7.88428   18.38493  1.000 19.80445 ? 70  LYS A O   1 
ATOM   421 C  CB  . LYS A 1 59  ? -7.51711  10.29400  18.69554  1.000 18.48239 ? 70  LYS A CB  1 
ATOM   422 C  CG  . LYS A 1 59  ? -6.56990  11.08841  19.59551  1.000 28.95068 ? 70  LYS A CG  1 
ATOM   423 C  CD  . LYS A 1 59  ? -7.21848  12.35288  20.13800  1.000 33.88171 ? 70  LYS A CD  1 
ATOM   424 C  CE  . LYS A 1 59  ? -6.54613  12.81279  21.42580  1.000 39.03730 ? 70  LYS A CE  1 
ATOM   425 N  NZ  . LYS A 1 59  ? -5.08975  13.06777  21.24562  1.000 45.48211 ? 70  LYS A NZ  1 
ATOM   426 N  N   . GLN A 1 60  ? -7.89745  7.50084   16.57896  1.000 15.98729 ? 71  GLN A N   1 
ATOM   427 C  CA  . GLN A 1 60  ? -8.85458  6.57443   15.96881  1.000 14.42869 ? 71  GLN A CA  1 
ATOM   428 C  C   . GLN A 1 60  ? -8.05940  5.81861   14.90211  1.000 15.10398 ? 71  GLN A C   1 
ATOM   429 O  O   . GLN A 1 60  ? -8.00781  6.22863   13.74159  1.000 15.23613 ? 71  GLN A O   1 
ATOM   430 C  CB  . GLN A 1 60  ? -10.06179 7.29574   15.37987  1.000 15.24259 ? 71  GLN A CB  1 
ATOM   431 C  CG  . GLN A 1 60  ? -10.99176 6.43069   14.51468  1.000 16.99184 ? 71  GLN A CG  1 
ATOM   432 C  CD  . GLN A 1 60  ? -11.28729 5.07174   15.11955  1.000 19.06779 ? 71  GLN A CD  1 
ATOM   433 O  OE1 . GLN A 1 60  ? -10.53978 4.10992   14.91229  1.000 18.72895 ? 71  GLN A OE1 1 
ATOM   434 N  NE2 . GLN A 1 60  ? -12.37935 4.97693   15.87543  1.000 20.82397 ? 71  GLN A NE2 1 
ATOM   435 N  N   . GLN A 1 61  ? -7.45715  4.71157   15.31481  1.000 14.91602 ? 72  GLN A N   1 
ATOM   436 C  CA  . GLN A 1 61  ? -6.42222  4.06832   14.51720  1.000 15.95835 ? 72  GLN A CA  1 
ATOM   437 C  C   . GLN A 1 61  ? -6.96756  3.26874   13.34242  1.000 15.94756 ? 72  GLN A C   1 
ATOM   438 O  O   . GLN A 1 61  ? -6.17868  2.64472   12.61664  1.000 16.46194 ? 72  GLN A O   1 
ATOM   439 C  CB  . GLN A 1 61  ? -5.48914  3.26348   15.42927  1.000 19.40037 ? 72  GLN A CB  1 
ATOM   440 C  CG  . GLN A 1 61  ? -4.85542  4.17529   16.46401  1.000 18.35993 ? 72  GLN A CG  1 
ATOM   441 C  CD  . GLN A 1 61  ? -3.71803  3.54791   17.24439  1.000 24.81483 ? 72  GLN A CD  1 
ATOM   442 O  OE1 . GLN A 1 61  ? -3.30458  2.42274   16.97869  1.000 24.25752 ? 72  GLN A OE1 1 
ATOM   443 N  NE2 . GLN A 1 61  ? -3.20495  4.28583   18.21853  1.000 26.94170 ? 72  GLN A NE2 1 
ATOM   444 N  N   . HIS A 1 62  ? -8.27904  3.30127   13.10444  1.000 14.03295 ? 73  HIS A N   1 
ATOM   445 C  CA  . HIS A 1 62  ? -8.82085  2.85136   11.83218  1.000 15.64615 ? 73  HIS A CA  1 
ATOM   446 C  C   . HIS A 1 62  ? -8.69914  3.89775   10.73348  1.000 14.56695 ? 73  HIS A C   1 
ATOM   447 O  O   . HIS A 1 62  ? -8.87229  3.54930   9.56401   1.000 16.36396 ? 73  HIS A O   1 
ATOM   448 C  CB  . HIS A 1 62  ? -10.30231 2.47447   11.95576  1.000 18.35840 ? 73  HIS A CB  1 
ATOM   449 C  CG  . HIS A 1 62  ? -10.56746 1.31775   12.86791  1.000 22.10779 ? 73  HIS A CG  1 
ATOM   450 N  ND1 . HIS A 1 62  ? -10.82685 1.47725   14.21227  1.000 25.31012 ? 73  HIS A ND1 1 
ATOM   451 C  CD2 . HIS A 1 62  ? -10.63003 -0.01336  12.62762  1.000 27.65061 ? 73  HIS A CD2 1 
ATOM   452 C  CE1 . HIS A 1 62  ? -11.03127 0.29334   14.76244  1.000 29.76308 ? 73  HIS A CE1 1 
ATOM   453 N  NE2 . HIS A 1 62  ? -10.92159 -0.62740  13.82184  1.000 29.28068 ? 73  HIS A NE2 1 
ATOM   454 N  N   . ILE A 1 63  ? -8.41289  5.15538   11.05453  1.000 13.65651 ? 74  ILE A N   1 
ATOM   455 C  CA  . ILE A 1 63  ? -8.33235  6.22707   10.06154  1.000 13.27835 ? 74  ILE A CA  1 
ATOM   456 C  C   . ILE A 1 63  ? -6.87484  6.45428   9.69440   1.000 12.69983 ? 74  ILE A C   1 
ATOM   457 O  O   . ILE A 1 63  ? -6.00482  6.51362   10.57373  1.000 13.42100 ? 74  ILE A O   1 
ATOM   458 C  CB  . ILE A 1 63  ? -8.97317  7.52457   10.59554  1.000 12.70146 ? 74  ILE A CB  1 
ATOM   459 C  CG1 . ILE A 1 63  ? -10.46904 7.32218   10.80832  1.000 14.89229 ? 74  ILE A CG1 1 
ATOM   460 C  CG2 . ILE A 1 63  ? -8.72006  8.67930   9.64134   1.000 15.57780 ? 74  ILE A CG2 1 
ATOM   461 C  CD1 . ILE A 1 63  ? -11.13252 8.46959   11.58926  1.000 15.94281 ? 74  ILE A CD1 1 
ATOM   462 N  N   . VAL A 1 64  ? -6.60667  6.59424   8.39372   1.000 13.68606 ? 75  VAL A N   1 
ATOM   463 C  CA  . VAL A 1 64  ? -5.28693  6.94236   7.87859   1.000 13.45609 ? 75  VAL A CA  1 
ATOM   464 C  C   . VAL A 1 64  ? -5.41158  8.26451   7.13076   1.000 13.91922 ? 75  VAL A C   1 
ATOM   465 O  O   . VAL A 1 64  ? -6.28680  8.40665   6.27418   1.000 14.08142 ? 75  VAL A O   1 
ATOM   466 C  CB  . VAL A 1 64  ? -4.74686  5.83073   6.95922   1.000 13.74064 ? 75  VAL A CB  1 
ATOM   467 C  CG1 . VAL A 1 64  ? -3.42043  6.23754   6.33991   1.000 16.16070 ? 75  VAL A CG1 1 
ATOM   468 C  CG2 . VAL A 1 64  ? -4.61095  4.52085   7.74283   1.000 14.98694 ? 75  VAL A CG2 1 
ATOM   469 N  N   . TYR A 1 65  ? -4.54659  9.22623   7.45340   1.000 13.12842 ? 76  TYR A N   1 
ATOM   470 C  CA  . TYR A 1 65  ? -4.48381  10.51140  6.76992   1.000 14.29459 ? 76  TYR A CA  1 
ATOM   471 C  C   . TYR A 1 65  ? -3.25682  10.52579  5.86767   1.000 15.79318 ? 76  TYR A C   1 
ATOM   472 O  O   . TYR A 1 65  ? -2.14023  10.27978  6.33140   1.000 17.51197 ? 76  TYR A O   1 
ATOM   473 C  CB  . TYR A 1 65  ? -4.35808  11.66308  7.77253   1.000 16.64651 ? 76  TYR A CB  1 
ATOM   474 C  CG  . TYR A 1 65  ? -5.48635  11.78010  8.77708   1.000 15.06599 ? 76  TYR A CG  1 
ATOM   475 C  CD1 . TYR A 1 65  ? -6.79332  12.03704  8.37388   1.000 18.47272 ? 76  TYR A CD1 1 
ATOM   476 C  CD2 . TYR A 1 65  ? -5.23281  11.64578  10.13041  1.000 16.66210 ? 76  TYR A CD2 1 
ATOM   477 C  CE1 . TYR A 1 65  ? -7.81970  12.14595  9.31475   1.000 18.21377 ? 76  TYR A CE1 1 
ATOM   478 C  CE2 . TYR A 1 65  ? -6.24097  11.75758  11.06172  1.000 20.19359 ? 76  TYR A CE2 1 
ATOM   479 C  CZ  . TYR A 1 65  ? -7.52790  11.99873  10.64900  1.000 17.64332 ? 76  TYR A CZ  1 
ATOM   480 O  OH  . TYR A 1 65  ? -8.51693  12.10659  11.60516  1.000 20.53325 ? 76  TYR A OH  1 
ATOM   481 N  N   . CYS A 1 66  ? -3.45659  10.83800  4.58585   1.000 14.37051 ? 77  CYS A N   1 
ATOM   482 C  CA  . CYS A 1 66  ? -2.35808  10.72568  3.63062   1.000 15.49966 ? 77  CYS A CA  1 
ATOM   483 C  C   . CYS A 1 66  ? -2.34113  11.85542  2.61231   1.000 18.84324 ? 77  CYS A C   1 
ATOM   484 O  O   . CYS A 1 66  ? -1.69684  11.71740  1.56108   1.000 18.80766 ? 77  CYS A O   1 
ATOM   485 C  CB  . CYS A 1 66  ? -2.37777  9.36495   2.90419   1.000 16.69457 ? 77  CYS A CB  1 
ATOM   486 S  SG  . CYS A 1 66  ? -3.98394  8.85216   2.25832   1.000 17.07024 ? 77  CYS A SG  1 
ATOM   487 N  N   . SER A 1 67  ? -3.00516  12.97872  2.90048   1.000 17.85354 ? 78  SER A N   1 
ATOM   488 C  CA  . SER A 1 67  ? -3.14729  14.03468  1.90286   1.000 19.61611 ? 78  SER A CA  1 
ATOM   489 C  C   . SER A 1 67  ? -1.82650  14.71515  1.57717   1.000 22.99548 ? 78  SER A C   1 
ATOM   490 O  O   . SER A 1 67  ? -1.71218  15.33506  0.51160   1.000 22.85310 ? 78  SER A O   1 
ATOM   491 C  CB  . SER A 1 67  ? -4.17516  15.07024  2.36794   1.000 21.42238 ? 78  SER A CB  1 
ATOM   492 O  OG  . SER A 1 67  ? -3.64500  15.88066  3.39515   1.000 25.15468 ? 78  SER A OG  1 
ATOM   493 N  N   . ASN A 1 68  ? -0.83251  14.61344  2.45553   1.000 19.73141 ? 79  ASN A N   1 
ATOM   494 C  CA  . ASN A 1 68  ? 0.46904   15.23078  2.24471   1.000 20.06530 ? 79  ASN A CA  1 
ATOM   495 C  C   . ASN A 1 68  ? 1.56850   14.18912  2.07319   1.000 20.11585 ? 79  ASN A C   1 
ATOM   496 O  O   . ASN A 1 68  ? 2.72531   14.43605  2.41974   1.000 23.04568 ? 79  ASN A O   1 
ATOM   497 C  CB  . ASN A 1 68  ? 0.81071   16.19114  3.38282   1.000 27.28963 ? 79  ASN A CB  1 
ATOM   498 C  CG  . ASN A 1 68  ? -0.26744  17.23857  3.61247   1.000 30.57648 ? 79  ASN A CG  1 
ATOM   499 O  OD1 . ASN A 1 68  ? -0.81155  17.80641  2.66640   1.000 33.74975 ? 79  ASN A OD1 1 
ATOM   500 N  ND2 . ASN A 1 68  ? -0.58274  17.49143  4.87668   1.000 41.62694 ? 79  ASN A ND2 1 
ATOM   501 N  N   . ASP A 1 69  ? 1.21861   13.02220  1.53250   1.000 17.55174 ? 80  ASP A N   1 
ATOM   502 C  CA  . ASP A 1 69  ? 2.14052   11.89855  1.46014   1.000 17.31002 ? 80  ASP A CA  1 
ATOM   503 C  C   . ASP A 1 69  ? 2.04280   11.22569  0.09557   1.000 16.74244 ? 80  ASP A C   1 
ATOM   504 O  O   . ASP A 1 69  ? 1.00978   11.28360  -0.57270  1.000 16.90110 ? 80  ASP A O   1 
ATOM   505 C  CB  . ASP A 1 69  ? 1.81021   10.87868  2.56260   1.000 17.62739 ? 80  ASP A CB  1 
ATOM   506 C  CG  . ASP A 1 69  ? 2.91276   9.88000   2.77600   1.000 16.69047 ? 80  ASP A CG  1 
ATOM   507 O  OD1 . ASP A 1 69  ? 3.81848   10.15213  3.58472   1.000 19.60172 ? 80  ASP A OD1 1 
ATOM   508 O  OD2 . ASP A 1 69  ? 2.88474   8.82280   2.12498   1.000 17.29226 ? 80  ASP A OD2 1 
ATOM   509 N  N   . LEU A 1 70  ? 3.13514   10.55868  -0.29655  1.000 15.21179 ? 81  LEU A N   1 
ATOM   510 C  CA  . LEU A 1 70  ? 3.13411   9.73204   -1.50195  1.000 14.56403 ? 81  LEU A CA  1 
ATOM   511 C  C   . LEU A 1 70  ? 1.94118   8.78177   -1.53032  1.000 13.73625 ? 81  LEU A C   1 
ATOM   512 O  O   . LEU A 1 70  ? 1.34342   8.54477   -2.58537  1.000 15.21725 ? 81  LEU A O   1 
ATOM   513 C  CB  . LEU A 1 70  ? 4.44081   8.93934   -1.57905  1.000 16.00873 ? 81  LEU A CB  1 
ATOM   514 C  CG  . LEU A 1 70  ? 4.51663   7.83596   -2.63570  1.000 16.28663 ? 81  LEU A CG  1 
ATOM   515 C  CD1 . LEU A 1 70  ? 4.37559   8.38901   -4.05226  1.000 17.25163 ? 81  LEU A CD1 1 
ATOM   516 C  CD2 . LEU A 1 70  ? 5.83954   7.10208   -2.47494  1.000 20.20600 ? 81  LEU A CD2 1 
ATOM   517 N  N   . LEU A 1 71  ? 1.57546   8.22654   -0.37482  1.000 13.63479 ? 82  LEU A N   1 
ATOM   518 C  CA  . LEU A 1 71  ? 0.47376   7.27265   -0.34168  1.000 15.78692 ? 82  LEU A CA  1 
ATOM   519 C  C   . LEU A 1 71  ? -0.81944  7.90747   -0.83985  1.000 14.45020 ? 82  LEU A C   1 
ATOM   520 O  O   . LEU A 1 71  ? -1.62349  7.24987   -1.50940  1.000 15.04305 ? 82  LEU A O   1 
ATOM   521 C  CB  . LEU A 1 71  ? 0.30344   6.72011   1.07317   1.000 15.29961 ? 82  LEU A CB  1 
ATOM   522 C  CG  . LEU A 1 71  ? -0.80721  5.68455   1.24594   1.000 14.58664 ? 82  LEU A CG  1 
ATOM   523 C  CD1 . LEU A 1 71  ? -0.57346  4.45405   0.39749   1.000 17.69333 ? 82  LEU A CD1 1 
ATOM   524 C  CD2 . LEU A 1 71  ? -0.95521  5.30621   2.70908   1.000 17.44089 ? 82  LEU A CD2 1 
ATOM   525 N  N   . GLY A 1 72  ? -1.04176  9.18647   -0.52260  1.000 15.16237 ? 83  GLY A N   1 
ATOM   526 C  CA  . GLY A 1 72  ? -2.22765  9.86185   -1.02971  1.000 14.59465 ? 83  GLY A CA  1 
ATOM   527 C  C   . GLY A 1 72  ? -2.22974  9.99144   -2.53958  1.000 16.17543 ? 83  GLY A C   1 
ATOM   528 O  O   . GLY A 1 72  ? -3.27960  9.89389   -3.18090  1.000 18.08668 ? 83  GLY A O   1 
ATOM   529 N  N   . ASP A 1 73  ? -1.05516  10.20764  -3.13204  1.000 16.70924 ? 84  ASP A N   1 
ATOM   530 C  CA  . ASP A 1 73  ? -0.97951  10.22000  -4.58795  1.000 16.67378 ? 84  ASP A CA  1 
ATOM   531 C  C   . ASP A 1 73  ? -1.26484  8.83828   -5.16341  1.000 17.70901 ? 84  ASP A C   1 
ATOM   532 O  O   . ASP A 1 73  ? -2.01134  8.71111   -6.14146  1.000 19.62006 ? 84  ASP A O   1 
ATOM   533 C  CB  . ASP A 1 73  ? 0.39030   10.71255  -5.05817  1.000 20.08442 ? 84  ASP A CB  1 
ATOM   534 C  CG  . ASP A 1 73  ? 0.59025   10.53184  -6.56897  1.000 20.36540 ? 84  ASP A CG  1 
ATOM   535 O  OD1 . ASP A 1 73  ? 0.17181   11.41840  -7.35314  1.000 25.79289 ? 84  ASP A OD1 1 
ATOM   536 O  OD2 . ASP A 1 73  ? 1.15237   9.48883   -6.97506  1.000 25.02734 ? 84  ASP A OD2 1 
ATOM   537 N  N   . LEU A 1 74  ? -0.67553  7.78926   -4.57421  1.000 15.30796 ? 85  LEU A N   1 
ATOM   538 C  CA  . LEU A 1 74  ? -0.87344  6.43725   -5.09223  1.000 15.62659 ? 85  LEU A CA  1 
ATOM   539 C  C   . LEU A 1 74  ? -2.32405  5.99464   -4.99079  1.000 16.23617 ? 85  LEU A C   1 
ATOM   540 O  O   . LEU A 1 74  ? -2.84455  5.33124   -5.89586  1.000 16.75034 ? 85  LEU A O   1 
ATOM   541 C  CB  . LEU A 1 74  ? 0.01022   5.44248   -4.34070  1.000 17.42999 ? 85  LEU A CB  1 
ATOM   542 C  CG  . LEU A 1 74  ? 1.49835   5.68925   -4.48726  1.000 21.07273 ? 85  LEU A CG  1 
ATOM   543 C  CD1 . LEU A 1 74  ? 2.26151   4.64893   -3.68785  1.000 26.34932 ? 85  LEU A CD1 1 
ATOM   544 C  CD2 . LEU A 1 74  ? 1.89527   5.65099   -5.94774  1.000 29.73339 ? 85  LEU A CD2 1 
ATOM   545 N  N   . PHE A 1 75  ? -2.99239  6.33165   -3.89002  1.000 13.96429 ? 86  PHE A N   1 
ATOM   546 C  CA  . PHE A 1 75  ? -4.36216  5.88994   -3.67114  1.000 14.68871 ? 86  PHE A CA  1 
ATOM   547 C  C   . PHE A 1 75  ? -5.38971  6.85878   -4.24411  1.000 15.44158 ? 86  PHE A C   1 
ATOM   548 O  O   . PHE A 1 75  ? -6.54445  6.46750   -4.45357  1.000 20.51190 ? 86  PHE A O   1 
ATOM   549 C  CB  . PHE A 1 75  ? -4.62238  5.71378   -2.16689  1.000 16.04513 ? 86  PHE A CB  1 
ATOM   550 C  CG  . PHE A 1 75  ? -4.11271  4.41009   -1.58271  1.000 14.52016 ? 86  PHE A CG  1 
ATOM   551 C  CD1 . PHE A 1 75  ? -3.28551  3.55481   -2.28969  1.000 14.91736 ? 86  PHE A CD1 1 
ATOM   552 C  CD2 . PHE A 1 75  ? -4.48589  4.05480   -0.30015  1.000 15.37459 ? 86  PHE A CD2 1 
ATOM   553 C  CE1 . PHE A 1 75  ? -2.83625  2.35794   -1.71948  1.000 15.86153 ? 86  PHE A CE1 1 
ATOM   554 C  CE2 . PHE A 1 75  ? -4.05711  2.86835   0.27057   1.000 15.97003 ? 86  PHE A CE2 1 
ATOM   555 C  CZ  . PHE A 1 75  ? -3.23170  2.01796   -0.43367  1.000 15.39797 ? 86  PHE A CZ  1 
ATOM   556 N  N   . GLY A 1 76  ? -5.00542  8.10508   -4.48354  1.000 15.25073 ? 87  GLY A N   1 
ATOM   557 C  CA  . GLY A 1 76  ? -5.94133  9.07540   -5.02185  1.000 16.30080 ? 87  GLY A CA  1 
ATOM   558 C  C   . GLY A 1 76  ? -6.93271  9.60985   -4.02299  1.000 17.13195 ? 87  GLY A C   1 
ATOM   559 O  O   . GLY A 1 76  ? -8.00215  10.08949  -4.42664  1.000 19.29302 ? 87  GLY A O   1 
ATOM   560 N  N   . VAL A 1 77  ? -6.61696  9.53871   -2.73365  1.000 14.95295 ? 88  VAL A N   1 
ATOM   561 C  CA  . VAL A 1 77  ? -7.51551  9.99494   -1.67409  1.000 16.22262 ? 88  VAL A CA  1 
ATOM   562 C  C   . VAL A 1 77  ? -6.70351  10.74868  -0.63258  1.000 16.36679 ? 88  VAL A C   1 
ATOM   563 O  O   . VAL A 1 77  ? -5.49357  10.53037  -0.48215  1.000 16.28362 ? 88  VAL A O   1 
ATOM   564 C  CB  . VAL A 1 77  ? -8.27261  8.81892   -1.01467  1.000 16.52839 ? 88  VAL A CB  1 
ATOM   565 C  CG1 . VAL A 1 77  ? -9.12161  8.06396   -2.02915  1.000 19.62400 ? 88  VAL A CG1 1 
ATOM   566 C  CG2 . VAL A 1 77  ? -7.30688  7.86676   -0.31055  1.000 17.89642 ? 88  VAL A CG2 1 
ATOM   567 N  N   . PRO A 1 78  ? -7.34765  11.65805  0.10901   1.000 14.77036 ? 89  PRO A N   1 
ATOM   568 C  CA  . PRO A 1 78  ? -6.65202  12.36140  1.19592   1.000 15.17392 ? 89  PRO A CA  1 
ATOM   569 C  C   . PRO A 1 78  ? -6.61759  11.57462  2.48932   1.000 13.36370 ? 89  PRO A C   1 
ATOM   570 O  O   . PRO A 1 78  ? -5.86187  11.94102  3.39863   1.000 15.70346 ? 89  PRO A O   1 
ATOM   571 C  CB  . PRO A 1 78  ? -7.49598  13.63567  1.36920   1.000 17.53463 ? 89  PRO A CB  1 
ATOM   572 C  CG  . PRO A 1 78  ? -8.86746  13.15992  1.04889   1.000 17.73819 ? 89  PRO A CG  1 
ATOM   573 C  CD  . PRO A 1 78  ? -8.68105  12.23767  -0.13976  1.000 17.09420 ? 89  PRO A CD  1 
ATOM   574 N  N   . SER A 1 79  ? -7.42622  10.52733  2.58658   1.000 13.94524 ? 90  SER A N   1 
ATOM   575 C  CA  . SER A 1 79  ? -7.61705  9.79170   3.82387   1.000 14.16092 ? 90  SER A CA  1 
ATOM   576 C  C   . SER A 1 79  ? -8.52615  8.61525   3.52119   1.000 13.11288 ? 90  SER A C   1 
ATOM   577 O  O   . SER A 1 79  ? -9.23568  8.59845   2.50833   1.000 14.09531 ? 90  SER A O   1 
ATOM   578 C  CB  . SER A 1 79  ? -8.27125  10.67508  4.88834   1.000 15.27340 ? 90  SER A CB  1 
ATOM   579 O  OG  . SER A 1 79  ? -9.47623  11.21985  4.37035   1.000 15.66509 ? 90  SER A OG  1 
ATOM   580 N  N   . PHE A 1 80  ? -8.50572  7.63141   4.41163   1.000 12.81001 ? 91  PHE A N   1 
ATOM   581 C  CA  . PHE A 1 80  ? -9.37059  6.47450   4.25644   1.000 12.10095 ? 91  PHE A CA  1 
ATOM   582 C  C   . PHE A 1 80  ? -9.52011  5.77634   5.59985   1.000 12.52036 ? 91  PHE A C   1 
ATOM   583 O  O   . PHE A 1 80  ? -8.72772  5.98535   6.51951   1.000 13.94075 ? 91  PHE A O   1 
ATOM   584 C  CB  . PHE A 1 80  ? -8.85831  5.50826   3.16315   1.000 12.66789 ? 91  PHE A CB  1 
ATOM   585 C  CG  . PHE A 1 80  ? -7.48970  4.93139   3.43400   1.000 12.94097 ? 91  PHE A CG  1 
ATOM   586 C  CD1 . PHE A 1 80  ? -7.34656  3.75305   4.14274   1.000 13.31669 ? 91  PHE A CD1 1 
ATOM   587 C  CD2 . PHE A 1 80  ? -6.35037  5.56802   2.95746   1.000 12.92087 ? 91  PHE A CD2 1 
ATOM   588 C  CE1 . PHE A 1 80  ? -6.07986  3.21648   4.38209   1.000 14.82388 ? 91  PHE A CE1 1 
ATOM   589 C  CE2 . PHE A 1 80  ? -5.08371  5.03040   3.18493   1.000 14.74471 ? 91  PHE A CE2 1 
ATOM   590 C  CZ  . PHE A 1 80  ? -4.95328  3.86041   3.89528   1.000 13.92619 ? 91  PHE A CZ  1 
ATOM   591 N  N   . SER A 1 81  ? -10.53611 4.92973   5.69627   1.000 13.57109 ? 92  SER A N   1 
ATOM   592 C  CA  . SER A 1 81  ? -10.67782 4.04832   6.84429   1.000 15.13540 ? 92  SER A CA  1 
ATOM   593 C  C   . SER A 1 81  ? -10.23751 2.64016   6.47405   1.000 15.79402 ? 92  SER A C   1 
ATOM   594 O  O   . SER A 1 81  ? -10.54759 2.14916   5.38489   1.000 15.09186 ? 92  SER A O   1 
ATOM   595 C  CB  . SER A 1 81  ? -12.12768 4.00678   7.31602   1.000 17.40411 ? 92  SER A CB  1 
ATOM   596 O  OG  . SER A 1 81  ? -12.32106 2.90446   8.18304   1.000 20.21866 ? 92  SER A OG  1 
ATOM   597 N  N   A VAL A 1 82  ? -9.52689  1.98762   7.39836   0.572 13.91451 ? 93  VAL A N   1 
ATOM   598 N  N   B VAL A 1 82  ? -9.52218  1.98552   7.39198   0.428 13.94898 ? 93  VAL A N   1 
ATOM   599 C  CA  A VAL A 1 82  ? -9.05700  0.62543   7.17495   0.572 14.75042 ? 93  VAL A CA  1 
ATOM   600 C  CA  B VAL A 1 82  ? -9.06290  0.62521   7.15244   0.428 14.77197 ? 93  VAL A CA  1 
ATOM   601 C  C   A VAL A 1 82  ? -10.22320 -0.33724  6.99552   0.572 16.32603 ? 93  VAL A C   1 
ATOM   602 C  C   B VAL A 1 82  ? -10.21193 -0.36054  7.04608   0.428 16.35965 ? 93  VAL A C   1 
ATOM   603 O  O   A VAL A 1 82  ? -10.05372 -1.41844  6.42177   0.572 17.98652 ? 93  VAL A O   1 
ATOM   604 O  O   B VAL A 1 82  ? -10.00262 -1.49653  6.61188   0.428 17.58108 ? 93  VAL A O   1 
ATOM   605 C  CB  A VAL A 1 82  ? -8.10213  0.21830   8.32382   0.572 14.80286 ? 93  VAL A CB  1 
ATOM   606 C  CB  B VAL A 1 82  ? -8.06239  0.16603   8.23499   0.428 14.84172 ? 93  VAL A CB  1 
ATOM   607 C  CG1 A VAL A 1 82  ? -7.62868  -1.22750  8.18783   0.572 18.75048 ? 93  VAL A CG1 1 
ATOM   608 C  CG1 B VAL A 1 82  ? -6.91150  1.15387   8.36349   0.428 18.30251 ? 93  VAL A CG1 1 
ATOM   609 C  CG2 A VAL A 1 82  ? -6.90317  1.15288   8.37375   0.572 18.33412 ? 93  VAL A CG2 1 
ATOM   610 C  CG2 B VAL A 1 82  ? -8.77576  -0.04412  9.56853   0.428 12.64580 ? 93  VAL A CG2 1 
ATOM   611 N  N   . LYS A 1 83  ? -11.42015 0.04003   7.44776   1.000 16.73881 ? 94  LYS A N   1 
ATOM   612 C  CA  . LYS A 1 83  ? -12.57930 -0.82759  7.29150   1.000 20.40667 ? 94  LYS A CA  1 
ATOM   613 C  C   . LYS A 1 83  ? -13.04815 -0.92955  5.84443   1.000 19.52555 ? 94  LYS A C   1 
ATOM   614 O  O   . LYS A 1 83  ? -13.80871 -1.85013  5.52452   1.000 22.83957 ? 94  LYS A O   1 
ATOM   615 C  CB  . LYS A 1 83  ? -13.71963 -0.36419  8.20278   1.000 21.40493 ? 94  LYS A CB  1 
ATOM   616 C  CG  . LYS A 1 83  ? -13.36795 -0.42463  9.68055   1.000 23.42418 ? 94  LYS A CG  1 
ATOM   617 C  CD  . LYS A 1 83  ? -14.59691 -0.22689  10.54789  1.000 26.81060 ? 94  LYS A CD  1 
ATOM   618 C  CE  . LYS A 1 83  ? -14.25610 -0.37135  12.01949  1.000 32.41121 ? 94  LYS A CE  1 
ATOM   619 N  NZ  . LYS A 1 83  ? -15.41989 -0.01373  12.88576  1.000 35.35244 ? 94  LYS A NZ  1 
ATOM   620 N  N   A GLU A 1 84  ? -12.58717 -0.02809  4.96758   0.758 16.89015 ? 95  GLU A N   1 
ATOM   621 N  N   B GLU A 1 84  ? -12.63042 -0.01809  4.96680   0.242 17.07973 ? 95  GLU A N   1 
ATOM   622 C  CA  A GLU A 1 84  ? -12.99208 0.00781   3.55698   0.758 17.48041 ? 95  GLU A CA  1 
ATOM   623 C  CA  B GLU A 1 84  ? -13.07420 -0.04951  3.57147   0.242 17.52927 ? 95  GLU A CA  1 
ATOM   624 C  C   A GLU A 1 84  ? -12.18322 -1.00150  2.73238   0.758 17.29155 ? 95  GLU A C   1 
ATOM   625 C  C   B GLU A 1 84  ? -12.17471 -0.99464  2.77229   0.242 17.41747 ? 95  GLU A C   1 
ATOM   626 O  O   A GLU A 1 84  ? -11.44578 -0.63666  1.81886   0.758 17.39904 ? 95  GLU A O   1 
ATOM   627 O  O   B GLU A 1 84  ? -11.37580 -0.59109  1.92475   0.242 17.54830 ? 95  GLU A O   1 
ATOM   628 C  CB  A GLU A 1 84  ? -12.78987 1.40772   2.97962   0.758 19.77150 ? 95  GLU A CB  1 
ATOM   629 C  CB  B GLU A 1 84  ? -13.11000 1.35420   2.98428   0.242 20.77153 ? 95  GLU A CB  1 
ATOM   630 C  CG  A GLU A 1 84  ? -13.25654 2.60848   3.81219   0.758 22.84195 ? 95  GLU A CG  1 
ATOM   631 C  CG  B GLU A 1 84  ? -14.07707 2.30205   3.68762   0.242 15.44151 ? 95  GLU A CG  1 
ATOM   632 C  CD  A GLU A 1 84  ? -13.16746 3.92340   3.03171   0.758 25.47504 ? 95  GLU A CD  1 
ATOM   633 C  CD  B GLU A 1 84  ? -15.53768 1.96376   3.43602   0.242 25.28407 ? 95  GLU A CD  1 
ATOM   634 O  OE1 A GLU A 1 84  ? -13.82046 4.01763   1.97076   0.758 34.40010 ? 95  GLU A OE1 1 
ATOM   635 O  OE1 B GLU A 1 84  ? -15.81993 1.09380   2.58380   0.242 27.07051 ? 95  GLU A OE1 1 
ATOM   636 O  OE2 A GLU A 1 84  ? -12.44748 4.86229   3.45196   0.758 18.64620 ? 95  GLU A OE2 1 
ATOM   637 O  OE2 B GLU A 1 84  ? -16.40918 2.57643   4.08946   0.242 22.48903 ? 95  GLU A OE2 1 
ATOM   638 N  N   . HIS A 1 85  ? -12.33341 -2.28958  3.05899   1.000 16.94908 ? 96  HIS A N   1 
ATOM   639 C  CA  . HIS A 1 85  ? -11.44311 -3.30807  2.49132   1.000 17.62307 ? 96  HIS A CA  1 
ATOM   640 C  C   . HIS A 1 85  ? -11.48490 -3.33586  0.96743   1.000 19.33897 ? 96  HIS A C   1 
ATOM   641 O  O   . HIS A 1 85  ? -10.43728 -3.35467  0.30907   1.000 17.84599 ? 96  HIS A O   1 
ATOM   642 C  CB  . HIS A 1 85  ? -11.79174 -4.69285  3.04151   1.000 21.12077 ? 96  HIS A CB  1 
ATOM   643 C  CG  . HIS A 1 85  ? -11.65375 -4.80776  4.52557   1.000 27.75945 ? 96  HIS A CG  1 
ATOM   644 N  ND1 . HIS A 1 85  ? -12.34553 -5.74154  5.26727   1.000 39.76479 ? 96  HIS A ND1 1 
ATOM   645 C  CD2 . HIS A 1 85  ? -10.90068 -4.10914  5.40713   1.000 24.40820 ? 96  HIS A CD2 1 
ATOM   646 C  CE1 . HIS A 1 85  ? -12.02770 -5.60842  6.54337   1.000 38.84775 ? 96  HIS A CE1 1 
ATOM   647 N  NE2 . HIS A 1 85  ? -11.15034 -4.62623  6.65484   1.000 31.98739 ? 96  HIS A NE2 1 
ATOM   648 N  N   . ARG A 1 86  ? -12.68410 -3.37810  0.38975   1.000 17.87182 ? 97  ARG A N   1 
ATOM   649 C  CA  . ARG A 1 86  ? -12.79367 -3.46658  -1.06442  1.000 20.02972 ? 97  ARG A CA  1 
ATOM   650 C  C   . ARG A 1 86  ? -12.16995 -2.25096  -1.73705  1.000 18.65173 ? 97  ARG A C   1 
ATOM   651 O  O   . ARG A 1 86  ? -11.42548 -2.39167  -2.71314  1.000 18.06019 ? 97  ARG A O   1 
ATOM   652 C  CB  . ARG A 1 86  ? -14.25879 -3.63580  -1.48143  1.000 20.64673 ? 97  ARG A CB  1 
ATOM   653 C  CG  . ARG A 1 86  ? -14.46290 -4.05471  -2.94378  1.000 24.78676 ? 97  ARG A CG  1 
ATOM   654 C  CD  . ARG A 1 86  ? -15.89976 -4.51634  -3.17055  1.000 29.47372 ? 97  ARG A CD  1 
ATOM   655 N  NE  . ARG A 1 86  ? -16.22481 -4.78614  -4.56883  1.000 27.36096 ? 97  ARG A NE  1 
ATOM   656 C  CZ  . ARG A 1 86  ? -16.73306 -3.88480  -5.39657  1.000 30.20368 ? 97  ARG A CZ  1 
ATOM   657 N  NH1 . ARG A 1 86  ? -16.92445 -2.63145  -5.01596  1.000 33.39351 ? 97  ARG A NH1 1 
ATOM   658 N  NH2 . ARG A 1 86  ? -17.06693 -4.24982  -6.63396  1.000 24.69297 ? 97  ARG A NH2 1 
ATOM   659 N  N   . LYS A 1 87  ? -12.45278 -1.05049  -1.22650  1.000 16.49404 ? 98  LYS A N   1 
ATOM   660 C  CA  . LYS A 1 87  ? -11.89733 0.16675   -1.81191  1.000 17.34904 ? 98  LYS A CA  1 
ATOM   661 C  C   . LYS A 1 87  ? -10.37597 0.20515   -1.70204  1.000 17.34684 ? 98  LYS A C   1 
ATOM   662 O  O   . LYS A 1 87  ? -9.68603  0.60800   -2.64853  1.000 16.66686 ? 98  LYS A O   1 
ATOM   663 C  CB  . LYS A 1 87  ? -12.49876 1.40308   -1.14649  1.000 20.70438 ? 98  LYS A CB  1 
ATOM   664 C  CG  . LYS A 1 87  ? -11.93461 2.69585   -1.69808  1.000 30.50343 ? 98  LYS A CG  1 
ATOM   665 C  CD  . LYS A 1 87  ? -12.52860 3.91800   -1.01947  1.000 39.32644 ? 98  LYS A CD  1 
ATOM   666 C  CE  . LYS A 1 87  ? -11.99817 5.19156   -1.65581  1.000 43.66864 ? 98  LYS A CE  1 
ATOM   667 N  NZ  . LYS A 1 87  ? -12.22694 5.19403   -3.12682  1.000 48.38400 ? 98  LYS A NZ  1 
ATOM   668 N  N   . ILE A 1 88  ? -9.82945  -0.21367  -0.56148  1.000 15.88092 ? 99  ILE A N   1 
ATOM   669 C  CA  . ILE A 1 88  ? -8.37557  -0.20988  -0.39977  1.000 15.20249 ? 99  ILE A CA  1 
ATOM   670 C  C   . ILE A 1 88  ? -7.72000  -1.19717  -1.36176  1.000 14.21841 ? 99  ILE A C   1 
ATOM   671 O  O   . ILE A 1 88  ? -6.70720  -0.88388  -1.99195  1.000 13.66075 ? 99  ILE A O   1 
ATOM   672 C  CB  . ILE A 1 88  ? -7.97575  -0.44111  1.06819   1.000 13.50849 ? 99  ILE A CB  1 
ATOM   673 C  CG1 . ILE A 1 88  ? -8.44437  0.73302   1.92805   1.000 16.57613 ? 99  ILE A CG1 1 
ATOM   674 C  CG2 . ILE A 1 88  ? -6.46196  -0.60762  1.18739   1.000 16.25298 ? 99  ILE A CG2 1 
ATOM   675 C  CD1 . ILE A 1 88  ? -8.51356  0.41170   3.41496   1.000 19.57057 ? 99  ILE A CD1 1 
ATOM   676 N  N   . TYR A 1 89  ? -8.27695  -2.40378  -1.49694  1.000 14.46050 ? 100 TYR A N   1 
ATOM   677 C  CA  . TYR A 1 89  ? -7.76211  -3.33105  -2.50098  1.000 13.27730 ? 100 TYR A CA  1 
ATOM   678 C  C   . TYR A 1 89  ? -7.77268  -2.70562  -3.89450  1.000 13.63020 ? 100 TYR A C   1 
ATOM   679 O  O   . TYR A 1 89  ? -6.78613  -2.80263  -4.63745  1.000 13.53940 ? 100 TYR A O   1 
ATOM   680 C  CB  . TYR A 1 89  ? -8.55522  -4.63689  -2.47293  1.000 15.20739 ? 100 TYR A CB  1 
ATOM   681 C  CG  . TYR A 1 89  ? -8.06432  -5.63939  -1.45854  1.000 15.44444 ? 100 TYR A CG  1 
ATOM   682 C  CD1 . TYR A 1 89  ? -6.76407  -6.13554  -1.52047  1.000 16.97782 ? 100 TYR A CD1 1 
ATOM   683 C  CD2 . TYR A 1 89  ? -8.89368  -6.11283  -0.44537  1.000 17.22542 ? 100 TYR A CD2 1 
ATOM   684 C  CE1 . TYR A 1 89  ? -6.30357  -7.07121  -0.61529  1.000 18.27934 ? 100 TYR A CE1 1 
ATOM   685 C  CE2 . TYR A 1 89  ? -8.43277  -7.04405  0.46787   1.000 18.73530 ? 100 TYR A CE2 1 
ATOM   686 C  CZ  . TYR A 1 89  ? -7.14374  -7.51325  0.38085   1.000 19.39836 ? 100 TYR A CZ  1 
ATOM   687 O  OH  . TYR A 1 89  ? -6.69306  -8.45061  1.29372   1.000 23.41554 ? 100 TYR A OH  1 
ATOM   688 N  N   . THR A 1 90  ? -8.86820  -2.04587  -4.26392  1.000 13.14899 ? 101 THR A N   1 
ATOM   689 C  CA  . THR A 1 90  ? -8.91644  -1.39537  -5.56763  1.000 13.83497 ? 101 THR A CA  1 
ATOM   690 C  C   . THR A 1 90  ? -7.80093  -0.36439  -5.71803  1.000 14.60504 ? 101 THR A C   1 
ATOM   691 O  O   . THR A 1 90  ? -7.14861  -0.29138  -6.76356  1.000 14.34726 ? 101 THR A O   1 
ATOM   692 C  CB  . THR A 1 90  ? -10.29913 -0.78000  -5.79599  1.000 16.45812 ? 101 THR A CB  1 
ATOM   693 O  OG1 . THR A 1 90  ? -11.22967 -1.84662  -6.03234  1.000 17.96954 ? 101 THR A OG1 1 
ATOM   694 C  CG2 . THR A 1 90  ? -10.29015 0.18445   -6.98144  1.000 17.41203 ? 101 THR A CG2 1 
ATOM   695 N  N   . MET A 1 91  ? -7.56302  0.44380   -4.68028  1.000 14.55988 ? 102 MET A N   1 
ATOM   696 C  CA  . MET A 1 91  ? -6.50230  1.44343   -4.75039  1.000 15.16682 ? 102 MET A CA  1 
ATOM   697 C  C   . MET A 1 91  ? -5.12422  0.80490   -4.87031  1.000 14.46703 ? 102 MET A C   1 
ATOM   698 O  O   . MET A 1 91  ? -4.26941  1.29742   -5.62176  1.000 15.15917 ? 102 MET A O   1 
ATOM   699 C  CB  . MET A 1 91  ? -6.57817  2.35785   -3.52706  1.000 16.22364 ? 102 MET A CB  1 
ATOM   700 C  CG  . MET A 1 91  ? -7.87090  3.15851   -3.49935  1.000 15.33825 ? 102 MET A CG  1 
ATOM   701 S  SD  . MET A 1 91  ? -8.04447  4.35380   -2.16106  1.000 23.84087 ? 102 MET A SD  1 
ATOM   702 C  CE  . MET A 1 91  ? -8.03381  3.33585   -0.73402  1.000 22.00973 ? 102 MET A CE  1 
ATOM   703 N  N   . ILE A 1 92  ? -4.89409  -0.30434  -4.17165  1.000 12.35548 ? 103 ILE A N   1 
ATOM   704 C  CA  . ILE A 1 92  ? -3.61270  -0.99553  -4.27958  1.000 13.47076 ? 103 ILE A CA  1 
ATOM   705 C  C   . ILE A 1 92  ? -3.45287  -1.61388  -5.65958  1.000 13.57824 ? 103 ILE A C   1 
ATOM   706 O  O   . ILE A 1 92  ? -2.38948  -1.50761  -6.28510  1.000 13.28577 ? 103 ILE A O   1 
ATOM   707 C  CB  . ILE A 1 92  ? -3.45451  -2.04265  -3.16472  1.000 13.17298 ? 103 ILE A CB  1 
ATOM   708 C  CG1 . ILE A 1 92  ? -3.36720  -1.34792  -1.81383  1.000 13.78193 ? 103 ILE A CG1 1 
ATOM   709 C  CG2 . ILE A 1 92  ? -2.20586  -2.86786  -3.40203  1.000 15.85291 ? 103 ILE A CG2 1 
ATOM   710 C  CD1 . ILE A 1 92  ? -3.60584  -2.28513  -0.65003  1.000 15.09175 ? 103 ILE A CD1 1 
ATOM   711 N  N   . TYR A 1 93  ? -4.50284  -2.26922  -6.16479  1.000 13.13188 ? 104 TYR A N   1 
ATOM   712 C  CA  . TYR A 1 93  ? -4.38484  -2.96803  -7.44101  1.000 14.39395 ? 104 TYR A CA  1 
ATOM   713 C  C   . TYR A 1 93  ? -4.16724  -2.02320  -8.62351  1.000 13.17066 ? 104 TYR A C   1 
ATOM   714 O  O   . TYR A 1 93  ? -3.60575  -2.45287  -9.63881  1.000 15.51887 ? 104 TYR A O   1 
ATOM   715 C  CB  . TYR A 1 93  ? -5.59610  -3.86979  -7.67977  1.000 14.47835 ? 104 TYR A CB  1 
ATOM   716 C  CG  . TYR A 1 93  ? -5.66444  -5.06912  -6.78016  1.000 16.45845 ? 104 TYR A CG  1 
ATOM   717 C  CD1 . TYR A 1 93  ? -4.52497  -5.77941  -6.44561  1.000 20.85388 ? 104 TYR A CD1 1 
ATOM   718 C  CD2 . TYR A 1 93  ? -6.87706  -5.48748  -6.25181  1.000 16.70066 ? 104 TYR A CD2 1 
ATOM   719 C  CE1 . TYR A 1 93  ? -4.60024  -6.88596  -5.61405  1.000 24.21098 ? 104 TYR A CE1 1 
ATOM   720 C  CE2 . TYR A 1 93  ? -6.95927  -6.58093  -5.42999  1.000 23.64917 ? 104 TYR A CE2 1 
ATOM   721 C  CZ  . TYR A 1 93  ? -5.82194  -7.27661  -5.11508  1.000 22.20033 ? 104 TYR A CZ  1 
ATOM   722 O  OH  . TYR A 1 93  ? -5.90539  -8.37511  -4.28404  1.000 26.46953 ? 104 TYR A OH  1 
ATOM   723 N  N   A ARG A 1 94  ? -4.58713  -0.75966  -8.53212  0.623 13.10214 ? 105 ARG A N   1 
ATOM   724 N  N   B ARG A 1 94  ? -4.57649  -0.75589  -8.52076  0.377 13.19194 ? 105 ARG A N   1 
ATOM   725 C  CA  A ARG A 1 94  ? -4.24420  0.19786   -9.57804  0.623 15.12350 ? 105 ARG A CA  1 
ATOM   726 C  CA  B ARG A 1 94  ? -4.25875  0.22458   -9.55543  0.377 15.16159 ? 105 ARG A CA  1 
ATOM   727 C  C   A ARG A 1 94  ? -2.73994  0.38469   -9.69784  0.623 13.52715 ? 105 ARG A C   1 
ATOM   728 C  C   B ARG A 1 94  ? -2.77378  0.55515   -9.61354  0.377 13.75778 ? 105 ARG A C   1 
ATOM   729 O  O   A ARG A 1 94  ? -2.25466  0.76335   -10.76939 0.623 15.45643 ? 105 ARG A O   1 
ATOM   730 O  O   B ARG A 1 94  ? -2.33625  1.21513   -10.56375 0.377 13.61213 ? 105 ARG A O   1 
ATOM   731 C  CB  A ARG A 1 94  ? -4.90086  1.55527   -9.31209  0.623 19.02654 ? 105 ARG A CB  1 
ATOM   732 C  CB  B ARG A 1 94  ? -5.05827  1.51245   -9.34220  0.377 19.00337 ? 105 ARG A CB  1 
ATOM   733 C  CG  A ARG A 1 94  ? -6.41092  1.58164   -9.46578  0.623 25.74053 ? 105 ARG A CG  1 
ATOM   734 C  CG  B ARG A 1 94  ? -6.47704  1.47606   -9.88627  0.377 24.23605 ? 105 ARG A CG  1 
ATOM   735 C  CD  A ARG A 1 94  ? -6.91864  3.00483   -9.68612  0.623 29.95997 ? 105 ARG A CD  1 
ATOM   736 C  CD  B ARG A 1 94  ? -7.09532  2.87105   -9.91476  0.377 29.81636 ? 105 ARG A CD  1 
ATOM   737 N  NE  A ARG A 1 94  ? -6.56696  3.90686   -8.59510  0.623 27.10338 ? 105 ARG A NE  1 
ATOM   738 N  NE  B ARG A 1 94  ? -7.53936  3.32254   -8.60068  0.377 27.09613 ? 105 ARG A NE  1 
ATOM   739 C  CZ  A ARG A 1 94  ? -7.39994  4.28634   -7.63465  0.623 29.26395 ? 105 ARG A CZ  1 
ATOM   740 C  CZ  B ARG A 1 94  ? -8.80722  3.36429   -8.21343  0.377 28.93730 ? 105 ARG A CZ  1 
ATOM   741 N  NH1 A ARG A 1 94  ? -8.65126  3.85898   -7.59473  0.623 31.06129 ? 105 ARG A NH1 1 
ATOM   742 N  NH1 B ARG A 1 94  ? -9.78816  2.99128   -9.01900  0.377 31.40973 ? 105 ARG A NH1 1 
ATOM   743 N  NH2 A ARG A 1 94  ? -6.96753  5.12034   -6.69325  0.623 34.79457 ? 105 ARG A NH2 1 
ATOM   744 N  NH2 B ARG A 1 94  ? -9.09860  3.79615   -6.98888  0.377 27.95208 ? 105 ARG A NH2 1 
ATOM   745 N  N   . ASN A 1 95  ? -1.99512  0.11614   -8.62689  1.000 13.10948 ? 106 ASN A N   1 
ATOM   746 C  CA  . ASN A 1 95  ? -0.57020  0.40202   -8.54773  1.000 12.31126 ? 106 ASN A CA  1 
ATOM   747 C  C   . ASN A 1 95  ? 0.29546   -0.82134  -8.77373  1.000 14.41187 ? 106 ASN A C   1 
ATOM   748 O  O   . ASN A 1 95  ? 1.47727   -0.82738  -8.39575  1.000 14.12647 ? 106 ASN A O   1 
ATOM   749 C  CB  . ASN A 1 95  ? -0.25705  1.02653   -7.19294  1.000 13.90411 ? 106 ASN A CB  1 
ATOM   750 C  CG  . ASN A 1 95  ? -0.70971  2.44994   -7.11136  1.000 15.50972 ? 106 ASN A CG  1 
ATOM   751 O  OD1 . ASN A 1 95  ? -0.05586  3.34190   -7.63632  1.000 18.56948 ? 106 ASN A OD1 1 
ATOM   752 N  ND2 . ASN A 1 95  ? -1.86040  2.68029   -6.48757  1.000 15.14881 ? 106 ASN A ND2 1 
ATOM   753 N  N   . LEU A 1 96  ? -0.25229  -1.86125  -9.38854  1.000 14.18362 ? 107 LEU A N   1 
ATOM   754 C  CA  . LEU A 1 96  ? 0.55216   -3.03411  -9.66527  1.000 14.76366 ? 107 LEU A CA  1 
ATOM   755 C  C   . LEU A 1 96  ? -0.02481  -3.76954  -10.86099 1.000 13.72273 ? 107 LEU A C   1 
ATOM   756 O  O   . LEU A 1 96  ? -1.11877  -3.46683  -11.34614 1.000 14.41409 ? 107 LEU A O   1 
ATOM   757 C  CB  . LEU A 1 96  ? 0.63230   -3.93482  -8.43855  1.000 16.14297 ? 107 LEU A CB  1 
ATOM   758 C  CG  . LEU A 1 96  ? -0.69483  -4.41132  -7.86287  1.000 15.30924 ? 107 LEU A CG  1 
ATOM   759 C  CD1 . LEU A 1 96  ? -1.32780  -5.54987  -8.68489  1.000 18.32911 ? 107 LEU A CD1 1 
ATOM   760 C  CD2 . LEU A 1 96  ? -0.53953  -4.80393  -6.39801  1.000 18.31290 ? 107 LEU A CD2 1 
ATOM   761 N  N   A VAL A 1 97  ? 0.73114   -4.76738  -11.30448 0.474 14.39143 ? 108 VAL A N   1 
ATOM   762 N  N   B VAL A 1 97  ? 0.72563   -4.75392  -11.33903 0.526 14.41774 ? 108 VAL A N   1 
ATOM   763 C  CA  A VAL A 1 97  ? 0.32102   -5.69939  -12.34479 0.474 15.38723 ? 108 VAL A CA  1 
ATOM   764 C  CA  B VAL A 1 97  ? 0.22824   -5.67856  -12.34950 0.526 15.40188 ? 108 VAL A CA  1 
ATOM   765 C  C   A VAL A 1 97  ? 0.36445   -7.09381  -11.73678 0.474 16.62847 ? 108 VAL A C   1 
ATOM   766 C  C   B VAL A 1 97  ? 0.37574   -7.09714  -11.82611 0.526 16.68783 ? 108 VAL A C   1 
ATOM   767 O  O   A VAL A 1 97  ? 1.36011   -7.46375  -11.10783 0.474 15.96106 ? 108 VAL A O   1 
ATOM   768 O  O   B VAL A 1 97  ? 1.45043   -7.48583  -11.35454 0.526 16.02731 ? 108 VAL A O   1 
ATOM   769 C  CB  A VAL A 1 97  ? 1.26420   -5.60105  -13.55867 0.474 19.55855 ? 108 VAL A CB  1 
ATOM   770 C  CB  B VAL A 1 97  ? 0.90889   -5.49039  -13.71769 0.526 18.43291 ? 108 VAL A CB  1 
ATOM   771 C  CG1 A VAL A 1 97  ? 0.87507   -6.59644  -14.63315 0.474 19.17994 ? 108 VAL A CG1 1 
ATOM   772 C  CG1 B VAL A 1 97  ? 0.46725   -4.17733  -14.32808 0.526 17.02576 ? 108 VAL A CG1 1 
ATOM   773 C  CG2 A VAL A 1 97  ? 1.28148   -4.17410  -14.10212 0.474 20.51990 ? 108 VAL A CG2 1 
ATOM   774 C  CG2 B VAL A 1 97  ? 2.42214   -5.54409  -13.58496 0.526 17.96532 ? 108 VAL A CG2 1 
ATOM   775 N  N   . VAL A 1 98  ? -0.71528  -7.85827  -11.89674 1.000 16.21355 ? 109 VAL A N   1 
ATOM   776 C  CA  . VAL A 1 98  ? -0.71493  -9.24684  -11.45439 1.000 16.68825 ? 109 VAL A CA  1 
ATOM   777 C  C   . VAL A 1 98  ? 0.07765   -10.08527 -12.44416 1.000 19.10958 ? 109 VAL A C   1 
ATOM   778 O  O   . VAL A 1 98  ? -0.05384  -9.92766  -13.66758 1.000 20.30877 ? 109 VAL A O   1 
ATOM   779 C  CB  . VAL A 1 98  ? -2.15549  -9.77054  -11.30748 1.000 16.27434 ? 109 VAL A CB  1 
ATOM   780 C  CG1 . VAL A 1 98  ? -2.15646  -11.26066 -10.95821 1.000 23.01013 ? 109 VAL A CG1 1 
ATOM   781 C  CG2 . VAL A 1 98  ? -2.90540  -8.98315  -10.24756 1.000 18.96197 ? 109 VAL A CG2 1 
ATOM   782 N  N   . VAL A 1 99  ? 0.91551   -10.97458 -11.91951 1.000 18.01622 ? 110 VAL A N   1 
ATOM   783 C  CA  . VAL A 1 99  ? 1.67720   -11.90670 -12.73773 1.000 20.30671 ? 110 VAL A CA  1 
ATOM   784 C  C   . VAL A 1 99  ? 1.41522   -13.32207 -12.23923 1.000 19.81066 ? 110 VAL A C   1 
ATOM   785 O  O   . VAL A 1 99  ? 0.91352   -13.53759 -11.13607 1.000 24.47854 ? 110 VAL A O   1 
ATOM   786 C  CB  . VAL A 1 99  ? 3.18455   -11.57928 -12.75169 1.000 21.92316 ? 110 VAL A CB  1 
ATOM   787 C  CG1 . VAL A 1 99  ? 3.41628   -10.20942 -13.36742 1.000 22.83694 ? 110 VAL A CG1 1 
ATOM   788 C  CG2 . VAL A 1 99  ? 3.75274   -11.62545 -11.34356 1.000 22.47844 ? 110 VAL A CG2 1 
ATOM   789 N  N   . ASN A 1 100 ? 1.74593   -14.29581 -13.07929 1.000 26.29534 ? 111 ASN A N   1 
ATOM   790 C  CA  . ASN A 1 100 ? 1.48494   -15.69270 -12.74235 1.000 27.26604 ? 111 ASN A CA  1 
ATOM   791 C  C   . ASN A 1 100 ? 2.77262   -16.46445 -12.47242 1.000 35.88782 ? 111 ASN A C   1 
ATOM   792 O  O   . ASN A 1 100 ? 3.85527   -15.87855 -12.40432 1.000 43.05321 ? 111 ASN A O   1 
ATOM   793 C  CB  . ASN A 1 100 ? 0.67278   -16.36101 -13.85476 1.000 27.11238 ? 111 ASN A CB  1 
ATOM   794 C  CG  . ASN A 1 100 ? -0.72014  -15.78195 -13.97247 1.000 26.01758 ? 111 ASN A CG  1 
ATOM   795 O  OD1 . ASN A 1 100 ? -1.49303  -15.79601 -13.01094 1.000 32.59675 ? 111 ASN A OD1 1 
ATOM   796 N  ND2 . ASN A 1 100 ? -1.03754  -15.23382 -15.13774 1.000 25.03100 ? 111 ASN A ND2 1 
ATOM   797 O  OXT . ASN A 1 100 ? 2.75780   -17.68542 -12.29983 1.000 48.60931 ? 111 ASN A OXT 1 
HETATM 798 C  C10 . UAC B 2 .   ? -2.93202  -3.72534  11.16054  1.000 16.59493 ? 201 UAC A C10 1 
HETATM 799 C  C11 . UAC B 2 .   ? -1.81640  -2.62057  11.16290  1.000 14.94554 ? 201 UAC A C11 1 
HETATM 800 C  C13 . UAC B 2 .   ? -2.91803  -1.36270  12.89711  1.000 17.45941 ? 201 UAC A C13 1 
HETATM 801 C  C14 . UAC B 2 .   ? -2.96076  -0.68438  14.27965  1.000 18.36718 ? 201 UAC A C14 1 
HETATM 802 C  C16 . UAC B 2 .   ? -1.19795  0.72884   15.18442  1.000 22.31118 ? 201 UAC A C16 1 
HETATM 803 C  C17 . UAC B 2 .   ? -0.35448  2.05263   15.21487  1.000 28.84130 ? 201 UAC A C17 1 
HETATM 804 C  C19 . UAC B 2 .   ? -2.46153  1.67223   13.31144  1.000 19.11251 ? 201 UAC A C19 1 
HETATM 805 C  C20 . UAC B 2 .   ? -2.25065  1.37499   11.84451  1.000 16.75855 ? 201 UAC A C20 1 
HETATM 806 C  C21 . UAC B 2 .   ? -3.26859  1.62709   10.91928  1.000 16.90098 ? 201 UAC A C21 1 
HETATM 807 C  C22 . UAC B 2 .   ? -3.06999  1.34906   9.57359   1.000 16.28292 ? 201 UAC A C22 1 
HETATM 808 C  C23 . UAC B 2 .   ? -1.87062  0.81447   9.13173   1.000 17.15827 ? 201 UAC A C23 1 
HETATM 809 C  C1  . UAC B 2 .   ? -8.77661  -8.19775  4.63181   1.000 40.58784 ? 201 UAC A C1  1 
HETATM 810 C  C2  . UAC B 2 .   ? -7.81076  -8.48739  5.77230   1.000 34.70993 ? 201 UAC A C2  1 
HETATM 811 C  C4  . UAC B 2 .   ? -5.84764  -7.62154  6.89624   1.000 25.14320 ? 201 UAC A C4  1 
HETATM 812 C  C5  . UAC B 2 .   ? -4.61063  -6.67229  6.99181   1.000 19.55550 ? 201 UAC A C5  1 
HETATM 813 C  C7  . UAC B 2 .   ? -5.15697  -5.28847  8.88190   1.000 19.95409 ? 201 UAC A C7  1 
HETATM 814 C  C8  . UAC B 2 .   ? -4.90855  -4.78909  10.28524  1.000 17.03629 ? 201 UAC A C8  1 
HETATM 815 C  C24 . UAC B 2 .   ? -0.85558  0.56262   10.05164  1.000 16.03478 ? 201 UAC A C24 1 
HETATM 816 C  C25 . UAC B 2 .   ? -1.05398  0.84491   11.40390  1.000 16.65210 ? 201 UAC A C25 1 
HETATM 817 C  C26 . UAC B 2 .   ? -4.40947  -0.38900  14.68551  1.000 20.74386 ? 201 UAC A C26 1 
HETATM 818 C  C28 . UAC B 2 .   ? -0.61599  -2.14663  13.34350  1.000 20.96317 ? 201 UAC A C28 1 
HETATM 819 C  C29 . UAC B 2 .   ? -0.50651  -3.23228  10.78884  1.000 19.32103 ? 201 UAC A C29 1 
HETATM 820 C  C31 . UAC B 2 .   ? -3.91618  -2.69464  9.18022   1.000 14.76234 ? 201 UAC A C31 1 
HETATM 821 C  C32 . UAC B 2 .   ? -3.08662  -2.81953  7.90934   1.000 14.08033 ? 201 UAC A C32 1 
HETATM 822 C  C33 . UAC B 2 .   ? -2.10620  -3.76315  7.59947   1.000 14.81646 ? 201 UAC A C33 1 
HETATM 823 C  C35 . UAC B 2 .   ? -2.30617  -2.37939  5.84702   1.000 12.12246 ? 201 UAC A C35 1 
HETATM 824 C  C36 . UAC B 2 .   ? -3.21030  -1.93451  6.79620   1.000 12.39586 ? 201 UAC A C36 1 
HETATM 825 C  C37 . UAC B 2 .   ? -4.02775  -0.82396  6.53287   1.000 13.28258 ? 201 UAC A C37 1 
HETATM 826 C  C38 . UAC B 2 .   ? -3.90545  -0.16789  5.31475   1.000 13.50888 ? 201 UAC A C38 1 
HETATM 827 C  C39 . UAC B 2 .   ? -2.98424  -0.63868  4.38062   1.000 12.60508 ? 201 UAC A C39 1 
HETATM 828 C  C41 . UAC B 2 .   ? -2.17600  -1.73191  4.60684   1.000 13.12506 ? 201 UAC A C41 1 
HETATM 829 C  C42 . UAC B 2 .   ? -6.17322  -4.21170  10.88108  1.000 19.95645 ? 201 UAC A C42 1 
HETATM 830 C  C44 . UAC B 2 .   ? -3.22468  -6.85291  9.15547   1.000 20.05292 ? 201 UAC A C44 1 
HETATM 831 C  C45 . UAC B 2 .   ? -3.41179  -7.40923  6.46356   1.000 20.67582 ? 201 UAC A C45 1 
HETATM 832 C  C47 . UAC B 2 .   ? -6.43027  -6.61294  4.72893   1.000 21.51835 ? 201 UAC A C47 1 
HETATM 833 C  C48 . UAC B 2 .   ? -7.12731  -5.27141  4.97085   1.000 21.12583 ? 201 UAC A C48 1 
HETATM 834 C  C49 . UAC B 2 .   ? -6.59793  -4.08744  4.02768   1.000 21.79832 ? 201 UAC A C49 1 
HETATM 835 C  C50 . UAC B 2 .   ? -6.72210  -4.52770  2.54535   1.000 22.96992 ? 201 UAC A C50 1 
HETATM 836 C  C51 . UAC B 2 .   ? -5.11575  -3.76261  4.35750   1.000 23.58434 ? 201 UAC A C51 1 
HETATM 837 C  C52 . UAC B 2 .   ? -7.47786  -2.82621  4.28765   1.000 23.00002 ? 201 UAC A C52 1 
HETATM 838 C  C53 . UAC B 2 .   ? -7.25847  -9.91117  5.54741   1.000 40.08022 ? 201 UAC A C53 1 
HETATM 839 N  N3  . UAC B 2 .   ? -6.66770  -7.56263  5.83242   1.000 23.65277 ? 201 UAC A N3  1 
HETATM 840 N  N6  . UAC B 2 .   ? -4.35610  -6.24497  8.36812   1.000 19.06101 ? 201 UAC A N6  1 
HETATM 841 N  N9  . UAC B 2 .   ? -3.86219  -3.74607  10.20788  1.000 17.75429 ? 201 UAC A N9  1 
HETATM 842 N  N12 . UAC B 2 .   ? -1.80472  -2.02152  12.50340  1.000 17.25795 ? 201 UAC A N12 1 
HETATM 843 N  N15 . UAC B 2 .   ? -2.17394  0.57270   14.26155  1.000 18.24889 ? 201 UAC A N15 1 
HETATM 844 N  N34 . UAC B 2 .   ? -1.65533  -3.48049  6.35845   1.000 14.17812 ? 201 UAC A N34 1 
HETATM 845 O  O18 . UAC B 2 .   ? -0.95740  -0.12839  15.96817  1.000 24.63272 ? 201 UAC A O18 1 
HETATM 846 O  O27 . UAC B 2 .   ? -3.87518  -1.30636  12.14648  1.000 16.81030 ? 201 UAC A O27 1 
HETATM 847 O  O30 . UAC B 2 .   ? -2.91877  -4.54404  12.06502  1.000 16.61242 ? 201 UAC A O30 1 
HETATM 848 O  O43 . UAC B 2 .   ? -6.05298  -4.82633  8.22753   1.000 19.86205 ? 201 UAC A O43 1 
HETATM 849 O  O46 . UAC B 2 .   ? -6.03974  -8.39932  7.77734   1.000 31.09242 ? 201 UAC A O46 1 
HETATM 850 O  O60 . UAC B 2 .   ? -6.39242  -10.07549 4.74848   1.000 40.93971 ? 201 UAC A O60 1 
HETATM 851 CL CL4 . UAC B 2 .   ? -2.83353  0.18506   2.82241   1.000 14.45541 ? 201 UAC A CL4 1 
HETATM 852 CL CL  . CL  C 3 .   ? -0.89021  -13.32345 -1.46657  1.000 23.45545 ? 202 CL  A CL  1 
HETATM 853 CL CL  . CL  D 3 .   ? -3.37654  -6.51448  -13.22788 1.000 18.83994 ? 203 CL  A CL  1 
HETATM 854 CL CL  . CL  E 3 .   ? 11.02960  -8.21057  0.20941   1.000 16.69164 ? 204 CL  A CL  1 
HETATM 855 CL CL  . CL  F 3 .   ? 3.84948   4.43067   -10.75257 0.741 16.23973 ? 205 CL  A CL  1 
HETATM 856 CL CL  A CL  G 3 .   ? 0.35394   -7.15854  7.79318   0.649 18.63593 ? 206 CL  A CL  1 
HETATM 857 CL CL  B CL  G 3 .   ? -0.39595  -6.36452  6.92915   0.351 21.26683 ? 206 CL  A CL  1 
HETATM 858 CL CL  A CL  H 3 .   ? 8.16407   8.77995   0.27939   0.459 30.24652 ? 207 CL  A CL  1 
HETATM 859 CL CL  B CL  H 3 .   ? 9.44222   7.62711   0.16342   0.541 50.01517 ? 207 CL  A CL  1 
HETATM 860 CL CL  A CL  I 3 .   ? -15.24168 -4.08745  2.40052   0.410 28.48051 ? 208 CL  A CL  1 
HETATM 861 CL CL  B CL  I 3 .   ? -15.51073 -3.16151  2.00715   0.590 30.78679 ? 208 CL  A CL  1 
HETATM 862 O  O   . HOH J 4 .   ? -0.61220  10.19569  13.03197  1.000 22.11896 ? 301 HOH A O   1 
HETATM 863 O  O   . HOH J 4 .   ? 4.60871   14.49601  3.85987   1.000 32.32586 ? 302 HOH A O   1 
HETATM 864 O  O   . HOH J 4 .   ? 14.80977  -5.12797  -6.59975  1.000 40.83987 ? 303 HOH A O   1 
HETATM 865 O  O   . HOH J 4 .   ? 4.86130   -3.31274  -12.78261 1.000 25.88528 ? 304 HOH A O   1 
HETATM 866 O  O   . HOH J 4 .   ? 0.99186   9.00611   -9.49906  1.000 28.88270 ? 305 HOH A O   1 
HETATM 867 O  O   . HOH J 4 .   ? -9.03104  6.36446   -5.52487  1.000 33.05893 ? 306 HOH A O   1 
HETATM 868 O  O   . HOH J 4 .   ? 8.36125   -13.06434 -4.73054  1.000 35.23823 ? 307 HOH A O   1 
HETATM 869 O  O   . HOH J 4 .   ? -4.58647  -5.82127  13.74967  1.000 44.92783 ? 308 HOH A O   1 
HETATM 870 O  O   . HOH J 4 .   ? -10.31560 11.38471  -3.94948  1.000 28.76598 ? 309 HOH A O   1 
HETATM 871 O  O   . HOH J 4 .   ? 3.75087   -13.98842 1.41310   1.000 25.43003 ? 310 HOH A O   1 
HETATM 872 O  O   . HOH J 4 .   ? -1.05746  -16.22327 8.03858   1.000 42.69028 ? 311 HOH A O   1 
HETATM 873 O  O   . HOH J 4 .   ? -0.58250  -14.71127 -9.22308  1.000 25.30491 ? 312 HOH A O   1 
HETATM 874 O  O   . HOH J 4 .   ? -3.40501  10.59632  -7.49153  1.000 31.49334 ? 313 HOH A O   1 
HETATM 875 O  O   . HOH J 4 .   ? -14.91560 -0.65910  0.71928   1.000 23.99073 ? 314 HOH A O   1 
HETATM 876 O  O   . HOH J 4 .   ? -15.85313 4.91813   5.34847   1.000 41.42409 ? 315 HOH A O   1 
HETATM 877 O  O   . HOH J 4 .   ? 12.64913  3.73440   -1.86812  1.000 23.43388 ? 316 HOH A O   1 
HETATM 878 O  O   . HOH J 4 .   ? -3.16770  -4.24992  14.75803  1.000 31.09025 ? 317 HOH A O   1 
HETATM 879 O  O   . HOH J 4 .   ? -4.16508  14.39338  5.61294   1.000 28.82217 ? 318 HOH A O   1 
HETATM 880 O  O   . HOH J 4 .   ? -1.85256  -17.81407 -11.20864 1.000 36.43044 ? 319 HOH A O   1 
HETATM 881 O  O   . HOH J 4 .   ? -6.30018  -0.08655  11.78950  1.000 19.96540 ? 320 HOH A O   1 
HETATM 882 O  O   . HOH J 4 .   ? 10.83715  2.73288   -8.16286  1.000 16.06983 ? 321 HOH A O   1 
HETATM 883 O  O   . HOH J 4 .   ? -15.79387 2.55163   11.93317  1.000 32.20873 ? 322 HOH A O   1 
HETATM 884 O  O   . HOH J 4 .   ? 3.89642   12.49274  5.05594   1.000 32.06425 ? 323 HOH A O   1 
HETATM 885 O  O   . HOH J 4 .   ? -0.27996  -11.43086 -15.98017 1.000 27.84839 ? 324 HOH A O   1 
HETATM 886 O  O   . HOH J 4 .   ? -8.76645  -4.51173  8.71441   1.000 34.93969 ? 325 HOH A O   1 
HETATM 887 O  O   . HOH J 4 .   ? 14.90924  -1.52622  0.74263   1.000 25.28491 ? 326 HOH A O   1 
HETATM 888 O  O   . HOH J 4 .   ? -1.74533  -8.28543  -15.14252 1.000 23.24929 ? 327 HOH A O   1 
HETATM 889 O  O   . HOH J 4 .   ? -14.63723 3.65148   9.54025   1.000 27.50750 ? 328 HOH A O   1 
HETATM 890 O  O   . HOH J 4 .   ? 9.98314   -3.89581  6.99849   1.000 31.61576 ? 329 HOH A O   1 
HETATM 891 O  O   . HOH J 4 .   ? -11.86214 10.69951  3.00681   1.000 21.32523 ? 330 HOH A O   1 
HETATM 892 O  O   . HOH J 4 .   ? 14.12619  -0.56681  -7.38391  1.000 26.73361 ? 331 HOH A O   1 
HETATM 893 O  O   . HOH J 4 .   ? -0.91052  11.82822  8.33336   1.000 25.95236 ? 332 HOH A O   1 
HETATM 894 O  O   . HOH J 4 .   ? -1.05618  5.55202   -9.06696  1.000 32.43229 ? 333 HOH A O   1 
HETATM 895 O  O   . HOH J 4 .   ? -0.20610  -8.93967  5.14126   1.000 20.42808 ? 334 HOH A O   1 
HETATM 896 O  O   . HOH J 4 .   ? -4.72239  -10.07237 0.01780   1.000 31.69087 ? 335 HOH A O   1 
HETATM 897 O  O   . HOH J 4 .   ? 9.47904   5.47116   4.40043   1.000 32.28330 ? 336 HOH A O   1 
HETATM 898 O  O   . HOH J 4 .   ? 5.63416   11.23299  0.92613   1.000 21.28707 ? 337 HOH A O   1 
HETATM 899 O  O   . HOH J 4 .   ? -7.89679  -1.73580  -9.12657  1.000 16.49794 ? 338 HOH A O   1 
HETATM 900 O  O   A HOH J 4 .   ? 1.61923   -17.06924 4.34052   0.537 25.15789 ? 339 HOH A O   1 
HETATM 901 O  O   B HOH J 4 .   ? 2.75994   -16.79624 3.70884   0.463 28.05180 ? 339 HOH A O   1 
HETATM 902 O  O   . HOH J 4 .   ? 1.71370   -4.32619  8.19001   1.000 17.28698 ? 340 HOH A O   1 
HETATM 903 O  O   . HOH J 4 .   ? 2.71357   2.86875   -8.35467  1.000 15.54050 ? 341 HOH A O   1 
HETATM 904 O  O   . HOH J 4 .   ? -13.71908 -0.57070  -5.22167  1.000 34.91845 ? 342 HOH A O   1 
HETATM 905 O  O   . HOH J 4 .   ? -11.38579 7.20693   1.11157   1.000 31.97089 ? 343 HOH A O   1 
HETATM 906 O  O   . HOH J 4 .   ? 7.51306   12.52722  3.57010   1.000 43.28350 ? 344 HOH A O   1 
HETATM 907 O  O   . HOH J 4 .   ? 5.47716   13.67120  1.74572   1.000 39.24388 ? 345 HOH A O   1 
HETATM 908 O  O   . HOH J 4 .   ? 0.86599   11.90537  13.06341  1.000 38.22923 ? 346 HOH A O   1 
HETATM 909 O  O   . HOH J 4 .   ? -14.36650 -0.13079  15.62882  1.000 39.73311 ? 347 HOH A O   1 
HETATM 910 O  O   . HOH J 4 .   ? -2.23198  11.18708  14.75730  1.000 30.54336 ? 348 HOH A O   1 
HETATM 911 O  O   A HOH J 4 .   ? 12.17475  -10.26979 -7.27688  0.505 15.81281 ? 349 HOH A O   1 
HETATM 912 O  O   B HOH J 4 .   ? 11.44906  -10.96444 -7.29407  0.495 22.27770 ? 349 HOH A O   1 
HETATM 913 O  O   . HOH J 4 .   ? -6.77886  5.37764   20.04411  1.000 38.60451 ? 350 HOH A O   1 
HETATM 914 O  O   . HOH J 4 .   ? -9.60003  7.45074   21.37400  1.000 39.58044 ? 351 HOH A O   1 
HETATM 915 O  O   . HOH J 4 .   ? 0.22252   8.58434   14.55209  1.000 33.05427 ? 352 HOH A O   1 
HETATM 916 O  O   . HOH J 4 .   ? -1.66946  11.25967  11.31902  1.000 23.76225 ? 353 HOH A O   1 
HETATM 917 O  O   . HOH J 4 .   ? -0.06804  13.16697  5.09079   1.000 20.05521 ? 354 HOH A O   1 
HETATM 918 O  O   . HOH J 4 .   ? -2.73841  -1.83135  -14.58128 1.000 19.81038 ? 355 HOH A O   1 
HETATM 919 O  O   . HOH J 4 .   ? -8.10622  3.75295   18.20554  1.000 21.78863 ? 356 HOH A O   1 
HETATM 920 O  O   . HOH J 4 .   ? 16.67093  -1.89727  2.63983   1.000 46.18452 ? 357 HOH A O   1 
HETATM 921 O  O   . HOH J 4 .   ? 7.49146   9.50170   12.17504  1.000 43.66133 ? 358 HOH A O   1 
HETATM 922 O  O   . HOH J 4 .   ? 2.16334   -13.41745 -16.11022 1.000 18.14919 ? 359 HOH A O   1 
HETATM 923 O  O   . HOH J 4 .   ? -13.06725 2.06919   17.11556  1.000 24.19428 ? 360 HOH A O   1 
HETATM 924 O  O   . HOH J 4 .   ? 15.02574  2.70556   -0.46673  1.000 37.57346 ? 361 HOH A O   1 
HETATM 925 O  O   . HOH J 4 .   ? -10.68016 5.12903   19.57260  1.000 46.25502 ? 362 HOH A O   1 
HETATM 926 O  O   . HOH J 4 .   ? -7.87792  -1.96462  13.36043  1.000 33.21900 ? 363 HOH A O   1 
HETATM 927 O  O   . HOH J 4 .   ? -9.26894  -10.59311 1.60828   1.000 44.97790 ? 364 HOH A O   1 
HETATM 928 O  O   . HOH J 4 .   ? -7.24363  14.63071  5.09565   1.000 39.67797 ? 365 HOH A O   1 
HETATM 929 O  O   . HOH J 4 .   ? -11.48157 10.18098  0.23463   1.000 29.28338 ? 366 HOH A O   1 
HETATM 930 O  O   . HOH J 4 .   ? -2.71739  -10.38147 4.72357   1.000 37.35816 ? 367 HOH A O   1 
HETATM 931 O  O   . HOH J 4 .   ? 12.28991  1.26028   -6.21557  1.000 20.91485 ? 368 HOH A O   1 
HETATM 932 O  O   . HOH J 4 .   ? -12.38949 -7.02507  -0.35100  1.000 33.39866 ? 369 HOH A O   1 
HETATM 933 O  O   . HOH J 4 .   ? -12.86688 4.20624   19.58892  1.000 45.29108 ? 370 HOH A O   1 
HETATM 934 O  O   . HOH J 4 .   ? 3.35443   -1.88315  -15.01046 1.000 34.68901 ? 371 HOH A O   1 
HETATM 935 O  O   . HOH J 4 .   ? 5.10725   -0.63710  -14.35546 1.000 30.62637 ? 372 HOH A O   1 
HETATM 936 O  O   . HOH J 4 .   ? -5.10635  -8.08202  12.46947  1.000 40.01566 ? 373 HOH A O   1 
HETATM 937 O  O   . HOH J 4 .   ? 12.61762  6.21215   -0.68549  1.000 42.83939 ? 374 HOH A O   1 
HETATM 938 O  O   . HOH J 4 .   ? 2.02552   13.42836  6.44832   1.000 37.86946 ? 375 HOH A O   1 
HETATM 939 O  O   . HOH J 4 .   ? 14.26659  -3.21212  7.11365   1.000 34.51536 ? 376 HOH A O   1 
HETATM 940 O  O   . HOH J 4 .   ? -9.33708  -10.94507 -1.02092  1.000 45.24550 ? 377 HOH A O   1 
HETATM 941 O  O   . HOH J 4 .   ? -6.26176  -3.77889  14.79863  1.000 38.02937 ? 378 HOH A O   1 
HETATM 942 O  O   . HOH J 4 .   ? 1.22495   6.45717   -10.65819 1.000 40.87927 ? 379 HOH A O   1 
HETATM 943 O  O   . HOH J 4 .   ? -11.16474 -9.28300  2.66903   1.000 48.63019 ? 380 HOH A O   1 
HETATM 944 O  O   . HOH J 4 .   ? -7.12881  -6.44120  14.09377  1.000 42.52009 ? 381 HOH A O   1 
HETATM 945 O  O   . HOH J 4 .   ? 3.16851   3.56356   -14.07257 1.000 41.10340 ? 382 HOH A O   1 
# 
